data_3CWW
#
_entry.id   3CWW
#
_cell.length_a   262.448
_cell.length_b   262.448
_cell.length_c   90.628
_cell.angle_alpha   90.000
_cell.angle_beta   90.000
_cell.angle_gamma   120.000
#
_symmetry.space_group_name_H-M   'P 65'
#
loop_
_entity.id
_entity.type
_entity.pdbx_description
1 polymer 'Insulin-degrading enzyme'
2 polymer 'bradykinin N-terminal tetrapeptide analogue'
3 non-polymer 'ZINC ION'
4 non-polymer 'ACETATE ION'
5 non-polymer '1,4-DIETHYLENE DIOXIDE'
6 water water
#
loop_
_entity_poly.entity_id
_entity_poly.type
_entity_poly.pdbx_seq_one_letter_code
_entity_poly.pdbx_strand_id
1 'polypeptide(L)'
;MHHHHHHAAGIPMNNPAIKRIGNHITKSPEDKREYRGLELANGIKVLLISDPTTDKSSAALDVHIGSLSDPPNIAGLSHF
LQHMLFLGTKKYPKENEYSQFLSEHAGSSNAFTSGEHTNYYFDVSHEHLEGALDRFAQFFLSPLFDESAKDREVNAVDSE
HEKNVMNDAWRLFQLEKATGNPKHPFSKFGTGNKYTLETRPNQEGIDVRQELLKFHSAYYSSNLMAVVVLGRESLDDLTN
LVVKLFSEVENKNVPLPEFPEHPFQEEHLKQLYKIVPIKDIRNLYVTFPIPDLQKYYKSNPGHYLGHLIGHEGPGSLLSE
LKSKGWVNTLVGGQKAGARGFMFFIINVDLTEEGLLHVEDIILHMFQYIQKLRAEGPQEWVFQELKDLNAVAFRFKDKER
PRGYTSKIAGILHYYPLEEVLTAEYLLEEFRPDLIEMVLDKLRPENVRVAIVSKSFEGKTDRTEEWYGTQYKQEAIPDAV
IAKWQNAALNGKFKLPTKNEFIPTNFEILPLEAAATPYPALIKDTAMSKLWFKQDDKFFLPKANLNFEFFSPFAYVDPLH
SNMAYLYLELLKDSLNEYAYAAELAGLSYDLQNTIYGMYLSVKGYNDKQPILLKKIIEKMATFEIDEARFEIIKEAYMRS
LNNFRAEQPHQHAMYYLRLLMTEVAWTKDELKEALADVTLPRLKAFIPQLLSRLHIEALLHGNITKQAALGIMQMVEDTL
IEHAHTKPLLPSQLAAYREVQLPDRGWFVYQQRNEVHNNSGIEIYYQTDMQSTSENMFLELFAQIISEPAFNTLRTKEQL
GYIVFSGPRRANGIQGLRFIIQSEKPPHYLESRVEAFLITMEKSIEDMTEEAFQKHIQALAIRRLDKPKKLSAESAKYWG
EIISQQYNFDRDNTEVAYLKTLTKADIIKFYKEMLAVDAPRRHKVSVHVLAREMDSNPVVGEFPAQNDINLSQAPALPQP
EVIQNMTAFKRGLPLFPLVKPHINFMAAKL
;
A,B
2 'polypeptide(L)' APPA D,E
#
loop_
_chem_comp.id
_chem_comp.type
_chem_comp.name
_chem_comp.formula
ACT non-polymer 'ACETATE ION' 'C2 H3 O2 -1'
DIO non-polymer '1,4-DIETHYLENE DIOXIDE' 'C4 H8 O2'
ZN non-polymer 'ZINC ION' 'Zn 2'
#
# COMPACT_ATOMS: atom_id res chain seq x y z
N ASN A 14 37.78 2.04 14.88
CA ASN A 14 36.76 1.40 15.69
C ASN A 14 35.53 0.95 14.89
N ASN A 15 34.88 1.87 14.18
CA ASN A 15 33.71 1.51 13.36
C ASN A 15 34.08 1.42 11.89
N PRO A 16 34.09 0.19 11.36
CA PRO A 16 34.55 -0.14 10.01
C PRO A 16 33.79 0.61 8.92
N ALA A 17 32.54 0.96 9.18
CA ALA A 17 31.70 1.58 8.15
C ALA A 17 31.89 3.09 8.09
N ILE A 18 32.57 3.64 9.08
CA ILE A 18 32.84 5.08 9.12
C ILE A 18 34.31 5.38 8.91
N LYS A 19 34.64 6.14 7.87
CA LYS A 19 36.04 6.50 7.61
C LYS A 19 36.54 7.56 8.57
N ARG A 20 35.70 8.57 8.81
CA ARG A 20 36.08 9.63 9.75
C ARG A 20 34.84 10.39 10.22
N ILE A 21 34.95 10.93 11.43
CA ILE A 21 33.91 11.81 11.94
C ILE A 21 34.52 13.20 12.01
N GLY A 22 33.78 14.19 11.52
CA GLY A 22 34.33 15.52 11.42
C GLY A 22 34.50 16.11 12.80
N ASN A 23 35.32 17.16 12.91
CA ASN A 23 35.33 17.97 14.11
C ASN A 23 34.08 18.82 14.18
N HIS A 24 34.00 19.71 15.16
CA HIS A 24 32.80 20.50 15.39
C HIS A 24 32.38 21.28 14.14
N ILE A 25 31.11 21.16 13.79
CA ILE A 25 30.57 21.82 12.60
C ILE A 25 30.22 23.23 13.01
N THR A 26 30.93 24.21 12.47
CA THR A 26 30.66 25.59 12.85
C THR A 26 29.25 26.05 12.47
N LYS A 27 28.55 26.61 13.43
CA LYS A 27 27.17 27.05 13.20
C LYS A 27 26.96 28.41 13.85
N SER A 28 25.84 29.05 13.56
CA SER A 28 25.51 30.29 14.25
C SER A 28 25.21 30.01 15.72
N PRO A 29 25.61 30.92 16.62
CA PRO A 29 25.25 30.76 18.04
C PRO A 29 23.74 30.84 18.27
N GLU A 30 22.99 31.35 17.30
CA GLU A 30 21.52 31.40 17.38
C GLU A 30 20.87 30.08 16.93
N ASP A 31 21.66 29.21 16.35
CA ASP A 31 21.15 27.96 15.78
C ASP A 31 21.18 26.87 16.84
N LYS A 32 20.01 26.42 17.25
CA LYS A 32 19.90 25.41 18.30
C LYS A 32 19.96 23.96 17.74
N ARG A 33 19.87 23.81 16.42
CA ARG A 33 20.01 22.46 15.85
C ARG A 33 21.42 21.96 16.16
N GLU A 34 21.59 20.65 16.29
CA GLU A 34 22.92 20.08 16.53
C GLU A 34 23.38 19.34 15.26
N TYR A 35 24.70 19.35 15.02
CA TYR A 35 25.26 18.84 13.78
C TYR A 35 26.39 17.84 13.99
N ARG A 36 26.47 16.86 13.10
CA ARG A 36 27.65 16.01 13.05
C ARG A 36 27.96 15.70 11.60
N GLY A 37 29.22 15.88 11.20
CA GLY A 37 29.63 15.55 9.86
C GLY A 37 30.41 14.23 9.89
N LEU A 38 30.32 13.46 8.82
CA LEU A 38 31.22 12.31 8.72
C LEU A 38 31.41 11.85 7.30
N GLU A 39 32.35 10.93 7.11
CA GLU A 39 32.54 10.30 5.82
C GLU A 39 32.51 8.80 6.03
N LEU A 40 31.63 8.14 5.27
CA LEU A 40 31.52 6.69 5.36
C LEU A 40 32.72 6.03 4.70
N ALA A 41 32.96 4.77 5.04
CA ALA A 41 34.04 3.98 4.43
C ALA A 41 33.97 3.97 2.91
N ASN A 42 32.76 3.95 2.37
CA ASN A 42 32.60 3.95 0.93
C ASN A 42 32.71 5.36 0.31
N GLY A 43 33.03 6.37 1.12
CA GLY A 43 33.26 7.69 0.57
C GLY A 43 32.09 8.68 0.53
N ILE A 44 30.93 8.27 1.02
CA ILE A 44 29.78 9.19 1.06
C ILE A 44 30.05 10.22 2.15
N LYS A 45 29.94 11.50 1.81
CA LYS A 45 30.03 12.57 2.80
C LYS A 45 28.64 12.79 3.39
N VAL A 46 28.57 12.95 4.71
CA VAL A 46 27.29 13.01 5.40
C VAL A 46 27.22 14.18 6.38
N LEU A 47 26.08 14.87 6.39
CA LEU A 47 25.80 15.77 7.52
C LEU A 47 24.53 15.30 8.20
N LEU A 48 24.61 15.12 9.52
CA LEU A 48 23.41 14.78 10.30
C LEU A 48 22.95 16.02 11.05
N ILE A 49 21.64 16.24 11.10
CA ILE A 49 21.11 17.41 11.75
C ILE A 49 20.03 16.97 12.72
N SER A 50 20.30 17.13 14.02
CA SER A 50 19.31 16.78 15.02
C SER A 50 18.53 18.01 15.44
N ASP A 51 17.21 17.96 15.26
CA ASP A 51 16.33 19.03 15.71
C ASP A 51 15.13 18.39 16.41
N PRO A 52 15.21 18.27 17.74
CA PRO A 52 14.12 17.63 18.48
C PRO A 52 12.81 18.39 18.39
N THR A 53 12.81 19.59 17.83
CA THR A 53 11.57 20.36 17.71
C THR A 53 10.85 20.15 16.36
N THR A 54 11.52 19.54 15.40
CA THR A 54 10.98 19.60 14.04
C THR A 54 9.71 18.78 13.85
N ASP A 55 8.72 19.33 13.14
CA ASP A 55 7.50 18.57 12.84
C ASP A 55 7.71 17.68 11.61
N LYS A 56 8.52 18.16 10.67
CA LYS A 56 8.89 17.34 9.52
C LYS A 56 10.38 17.02 9.53
N SER A 57 10.69 15.77 9.23
CA SER A 57 12.08 15.37 9.06
C SER A 57 12.36 15.33 7.56
N SER A 58 13.63 15.23 7.20
CA SER A 58 14.04 15.41 5.82
C SER A 58 15.35 14.70 5.53
N ALA A 59 15.52 14.27 4.29
CA ALA A 59 16.83 13.84 3.85
C ALA A 59 17.03 14.29 2.40
N ALA A 60 18.29 14.42 2.00
CA ALA A 60 18.60 14.71 0.62
C ALA A 60 19.88 13.95 0.24
N LEU A 61 19.98 13.58 -1.03
CA LEU A 61 21.23 13.00 -1.54
C LEU A 61 21.58 13.70 -2.85
N ASP A 62 22.82 14.14 -2.96
CA ASP A 62 23.27 14.81 -4.15
C ASP A 62 24.39 14.00 -4.77
N VAL A 63 24.17 13.49 -5.98
CA VAL A 63 25.21 12.78 -6.72
C VAL A 63 25.94 13.79 -7.60
N HIS A 64 27.27 13.78 -7.55
CA HIS A 64 28.04 14.77 -8.32
C HIS A 64 28.20 14.36 -9.79
N ILE A 65 27.08 13.97 -10.39
CA ILE A 65 27.02 13.69 -11.82
C ILE A 65 25.74 14.30 -12.35
N GLY A 66 25.80 14.82 -13.56
CA GLY A 66 24.67 15.48 -14.17
C GLY A 66 24.80 15.49 -15.68
N SER A 67 24.07 16.39 -16.30
CA SER A 67 23.79 16.30 -17.72
C SER A 67 25.05 16.53 -18.59
N LEU A 68 26.08 17.17 -18.02
CA LEU A 68 27.37 17.28 -18.74
C LEU A 68 27.95 15.89 -19.02
N SER A 69 27.47 14.89 -18.29
CA SER A 69 27.97 13.54 -18.46
C SER A 69 27.04 12.63 -19.26
N ASP A 70 25.97 13.18 -19.85
CA ASP A 70 25.09 12.33 -20.69
C ASP A 70 25.88 11.75 -21.86
N PRO A 71 25.52 10.53 -22.29
CA PRO A 71 26.14 10.01 -23.51
C PRO A 71 25.88 11.01 -24.64
N PRO A 72 26.88 11.23 -25.51
CA PRO A 72 26.63 12.22 -26.58
C PRO A 72 25.51 11.77 -27.51
N ASN A 73 25.20 10.46 -27.50
CA ASN A 73 24.14 9.97 -28.37
C ASN A 73 22.78 9.80 -27.67
N ILE A 74 22.70 10.19 -26.40
CA ILE A 74 21.42 10.13 -25.70
C ILE A 74 21.22 11.38 -24.82
N ALA A 75 20.85 12.49 -25.43
CA ALA A 75 20.73 13.73 -24.71
C ALA A 75 19.57 13.60 -23.74
N GLY A 76 19.80 13.97 -22.47
CA GLY A 76 18.75 13.96 -21.46
C GLY A 76 18.79 12.75 -20.55
N LEU A 77 19.77 11.86 -20.76
CA LEU A 77 19.71 10.59 -20.02
C LEU A 77 19.77 10.72 -18.50
N SER A 78 20.65 11.58 -18.00
CA SER A 78 20.78 11.67 -16.55
C SER A 78 19.50 12.30 -15.92
N HIS A 79 18.89 13.24 -16.63
CA HIS A 79 17.62 13.82 -16.22
C HIS A 79 16.48 12.80 -16.30
N PHE A 80 16.47 11.98 -17.35
CA PHE A 80 15.46 10.92 -17.46
C PHE A 80 15.64 9.93 -16.34
N LEU A 81 16.90 9.62 -16.03
CA LEU A 81 17.21 8.69 -14.94
C LEU A 81 16.67 9.23 -13.61
N GLN A 82 16.86 10.53 -13.40
CA GLN A 82 16.31 11.22 -12.22
C GLN A 82 14.80 10.99 -12.06
N HIS A 83 14.05 11.11 -13.15
CA HIS A 83 12.61 10.80 -13.13
C HIS A 83 12.34 9.34 -12.81
N MET A 84 13.10 8.45 -13.41
CA MET A 84 12.85 7.01 -13.29
C MET A 84 13.13 6.45 -11.90
N LEU A 85 14.04 7.07 -11.16
CA LEU A 85 14.39 6.54 -9.83
C LEU A 85 13.21 6.53 -8.85
N PHE A 86 12.20 7.35 -9.11
CA PHE A 86 11.03 7.42 -8.23
C PHE A 86 10.03 6.29 -8.53
N LEU A 87 10.25 5.56 -9.61
CA LEU A 87 9.21 4.67 -10.13
C LEU A 87 9.44 3.18 -9.83
N GLY A 88 10.18 2.90 -8.77
CA GLY A 88 10.24 1.56 -8.23
C GLY A 88 11.64 0.99 -8.09
N THR A 89 11.86 0.22 -7.04
CA THR A 89 13.16 -0.40 -6.77
C THR A 89 12.93 -1.88 -6.41
N LYS A 90 14.00 -2.66 -6.39
CA LYS A 90 13.89 -4.08 -6.04
C LYS A 90 13.16 -4.31 -4.72
N LYS A 91 13.56 -3.61 -3.67
CA LYS A 91 12.94 -3.75 -2.35
C LYS A 91 11.53 -3.15 -2.26
N TYR A 92 11.28 -2.08 -3.01
CA TYR A 92 9.97 -1.43 -3.04
C TYR A 92 9.50 -1.29 -4.48
N PRO A 93 9.01 -2.39 -5.07
CA PRO A 93 8.79 -2.43 -6.52
C PRO A 93 7.54 -1.67 -6.96
N LYS A 94 6.61 -1.41 -6.07
CA LYS A 94 5.41 -0.68 -6.50
C LYS A 94 5.80 0.68 -7.08
N GLU A 95 5.25 0.98 -8.24
CA GLU A 95 5.69 2.14 -9.00
C GLU A 95 5.57 3.45 -8.20
N ASN A 96 4.49 3.59 -7.42
CA ASN A 96 4.33 4.77 -6.59
C ASN A 96 4.47 4.47 -5.10
N GLU A 97 5.20 3.41 -4.74
CA GLU A 97 5.39 3.13 -3.31
C GLU A 97 5.95 4.34 -2.56
N TYR A 98 6.95 4.98 -3.17
CA TYR A 98 7.66 6.10 -2.53
C TYR A 98 6.74 7.31 -2.35
N SER A 99 6.13 7.72 -3.44
CA SER A 99 5.19 8.85 -3.40
C SER A 99 4.01 8.61 -2.49
N GLN A 100 3.45 7.41 -2.58
CA GLN A 100 2.29 7.11 -1.74
C GLN A 100 2.68 7.14 -0.27
N PHE A 101 3.82 6.53 0.07
CA PHE A 101 4.26 6.53 1.45
C PHE A 101 4.39 7.97 1.96
N LEU A 102 5.02 8.83 1.18
CA LEU A 102 5.22 10.23 1.59
C LEU A 102 3.88 10.94 1.80
N SER A 103 2.98 10.81 0.84
CA SER A 103 1.67 11.45 0.92
C SER A 103 0.89 11.02 2.15
N GLU A 104 0.96 9.73 2.45
CA GLU A 104 0.29 9.16 3.60
C GLU A 104 0.93 9.53 4.93
N HIS A 105 2.10 10.17 4.89
CA HIS A 105 2.80 10.59 6.12
C HIS A 105 3.24 12.05 6.08
N ALA A 106 2.42 12.85 5.43
CA ALA A 106 2.58 14.31 5.45
C ALA A 106 3.87 14.78 4.75
N GLY A 107 4.35 14.01 3.79
CA GLY A 107 5.65 14.28 3.20
C GLY A 107 5.54 14.76 1.77
N SER A 108 6.68 15.06 1.17
CA SER A 108 6.69 15.52 -0.22
C SER A 108 8.10 15.27 -0.72
N SER A 109 8.28 15.25 -2.05
CA SER A 109 9.61 14.99 -2.58
C SER A 109 9.79 15.64 -3.93
N ASN A 110 11.03 15.98 -4.27
CA ASN A 110 11.34 16.39 -5.63
C ASN A 110 12.80 16.13 -5.91
N ALA A 111 13.26 16.50 -7.09
CA ALA A 111 14.65 16.32 -7.45
C ALA A 111 14.94 17.27 -8.60
N PHE A 112 16.22 17.47 -8.90
CA PHE A 112 16.61 18.20 -10.11
C PHE A 112 17.92 17.67 -10.66
N THR A 113 18.17 17.95 -11.93
CA THR A 113 19.40 17.58 -12.58
C THR A 113 20.03 18.85 -13.16
N SER A 114 21.23 19.18 -12.73
CA SER A 114 21.96 20.27 -13.37
C SER A 114 23.11 19.64 -14.17
N GLY A 115 24.09 20.45 -14.60
CA GLY A 115 25.16 19.92 -15.43
C GLY A 115 26.04 18.93 -14.68
N GLU A 116 26.24 19.16 -13.39
CA GLU A 116 27.18 18.36 -12.60
C GLU A 116 26.58 17.68 -11.38
N HIS A 117 25.28 17.87 -11.14
CA HIS A 117 24.64 17.30 -9.97
C HIS A 117 23.26 16.72 -10.28
N THR A 118 22.91 15.69 -9.55
CA THR A 118 21.52 15.24 -9.51
C THR A 118 21.15 15.17 -8.04
N ASN A 119 20.15 15.96 -7.64
CA ASN A 119 19.88 16.22 -6.23
C ASN A 119 18.46 15.76 -5.91
N TYR A 120 18.33 14.88 -4.93
CA TYR A 120 17.05 14.24 -4.59
C TYR A 120 16.72 14.56 -3.15
N TYR A 121 15.47 14.86 -2.83
CA TYR A 121 15.17 15.23 -1.46
C TYR A 121 13.71 14.95 -1.11
N PHE A 122 13.45 14.75 0.19
CA PHE A 122 12.08 14.62 0.66
C PHE A 122 11.94 15.22 2.05
N ASP A 123 10.71 15.53 2.43
CA ASP A 123 10.42 15.64 3.85
C ASP A 123 9.25 14.71 4.18
N VAL A 124 8.97 14.56 5.47
CA VAL A 124 7.99 13.60 5.95
C VAL A 124 7.73 13.89 7.42
N SER A 125 6.59 13.44 7.92
CA SER A 125 6.32 13.51 9.35
C SER A 125 7.50 12.96 10.14
N HIS A 126 7.85 13.63 11.23
CA HIS A 126 9.06 13.27 11.99
C HIS A 126 9.03 11.81 12.52
N GLU A 127 7.85 11.28 12.77
CA GLU A 127 7.69 9.89 13.21
C GLU A 127 8.02 8.84 12.13
N HIS A 128 8.14 9.24 10.86
CA HIS A 128 8.31 8.27 9.77
C HIS A 128 9.57 8.50 8.92
N LEU A 129 10.57 9.10 9.51
CA LEU A 129 11.85 9.31 8.84
C LEU A 129 12.46 7.98 8.36
N GLU A 130 12.47 6.96 9.21
CA GLU A 130 13.19 5.73 8.83
C GLU A 130 12.51 5.07 7.62
N GLY A 131 11.17 5.04 7.64
CA GLY A 131 10.42 4.47 6.55
C GLY A 131 10.64 5.20 5.24
N ALA A 132 10.63 6.53 5.30
CA ALA A 132 10.87 7.31 4.11
C ALA A 132 12.31 7.11 3.60
N LEU A 133 13.25 7.14 4.53
CA LEU A 133 14.65 7.12 4.16
C LEU A 133 15.03 5.73 3.59
N ASP A 134 14.41 4.68 4.12
CA ASP A 134 14.65 3.33 3.59
C ASP A 134 14.19 3.24 2.13
N ARG A 135 12.99 3.72 1.84
CA ARG A 135 12.52 3.71 0.46
C ARG A 135 13.39 4.58 -0.45
N PHE A 136 13.79 5.74 0.04
CA PHE A 136 14.68 6.68 -0.67
C PHE A 136 16.06 6.04 -0.98
N ALA A 137 16.66 5.41 0.02
CA ALA A 137 18.00 4.87 -0.18
C ALA A 137 18.03 3.89 -1.34
N GLN A 138 16.92 3.18 -1.56
CA GLN A 138 16.91 2.14 -2.61
C GLN A 138 17.08 2.72 -4.02
N PHE A 139 16.73 3.99 -4.20
CA PHE A 139 16.98 4.69 -5.46
C PHE A 139 18.43 4.50 -5.89
N PHE A 140 19.33 4.50 -4.90
CA PHE A 140 20.77 4.51 -5.14
C PHE A 140 21.39 3.12 -5.06
N LEU A 141 20.53 2.12 -5.03
CA LEU A 141 20.96 0.72 -4.83
C LEU A 141 20.42 -0.16 -5.94
N SER A 142 19.10 -0.16 -6.15
CA SER A 142 18.56 -1.07 -7.17
C SER A 142 17.28 -0.60 -7.82
N PRO A 143 17.36 0.51 -8.55
CA PRO A 143 16.19 0.97 -9.29
C PRO A 143 15.75 -0.11 -10.28
N LEU A 144 14.46 -0.25 -10.55
CA LEU A 144 13.96 -1.22 -11.52
C LEU A 144 14.09 -0.77 -12.96
N PHE A 145 14.00 0.54 -13.19
CA PHE A 145 13.89 1.06 -14.55
C PHE A 145 12.91 0.21 -15.35
N ASP A 146 11.73 -0.02 -14.77
CA ASP A 146 10.71 -0.84 -15.38
C ASP A 146 10.40 -0.40 -16.82
N GLU A 147 10.31 -1.37 -17.73
CA GLU A 147 10.11 -1.07 -19.14
C GLU A 147 8.83 -0.24 -19.40
N SER A 148 7.75 -0.63 -18.74
CA SER A 148 6.47 0.06 -18.93
C SER A 148 6.51 1.50 -18.35
N ALA A 149 7.11 1.63 -17.16
CA ALA A 149 7.35 2.94 -16.55
C ALA A 149 8.14 3.85 -17.47
N LYS A 150 9.21 3.33 -18.03
CA LYS A 150 10.07 4.10 -18.95
C LYS A 150 9.29 4.60 -20.16
N ASP A 151 8.53 3.71 -20.79
CA ASP A 151 7.69 4.07 -21.93
C ASP A 151 6.67 5.18 -21.60
N ARG A 152 6.15 5.17 -20.38
CA ARG A 152 5.23 6.24 -19.97
C ARG A 152 5.94 7.54 -19.58
N GLU A 153 6.91 7.44 -18.68
CA GLU A 153 7.55 8.62 -18.10
C GLU A 153 8.37 9.45 -19.10
N VAL A 154 8.75 8.85 -20.22
CA VAL A 154 9.43 9.65 -21.24
C VAL A 154 8.51 10.80 -21.70
N ASN A 155 7.21 10.57 -21.64
CA ASN A 155 6.22 11.59 -22.01
C ASN A 155 6.22 12.81 -21.06
N ALA A 156 6.43 12.54 -19.78
CA ALA A 156 6.52 13.62 -18.79
C ALA A 156 7.75 14.50 -19.08
N VAL A 157 8.88 13.86 -19.37
CA VAL A 157 10.07 14.63 -19.76
C VAL A 157 9.82 15.43 -21.06
N ASP A 158 9.20 14.81 -22.03
CA ASP A 158 8.86 15.50 -23.27
C ASP A 158 7.97 16.73 -23.01
N SER A 159 7.00 16.57 -22.12
CA SER A 159 6.09 17.65 -21.76
C SER A 159 6.81 18.75 -20.96
N GLU A 160 7.79 18.35 -20.15
CA GLU A 160 8.63 19.29 -19.43
C GLU A 160 9.38 20.18 -20.44
N HIS A 161 10.00 19.55 -21.43
CA HIS A 161 10.73 20.26 -22.47
C HIS A 161 9.80 21.21 -23.23
N GLU A 162 8.66 20.69 -23.66
CA GLU A 162 7.68 21.49 -24.38
C GLU A 162 7.36 22.78 -23.62
N LYS A 163 6.98 22.62 -22.36
CA LYS A 163 6.67 23.77 -21.49
C LYS A 163 7.75 24.84 -21.57
N ASN A 164 9.01 24.41 -21.64
CA ASN A 164 10.16 25.34 -21.73
C ASN A 164 10.42 25.95 -23.11
N VAL A 165 9.93 25.30 -24.17
CA VAL A 165 10.32 25.62 -25.54
C VAL A 165 10.08 27.08 -25.96
N MET A 166 8.96 27.63 -25.53
CA MET A 166 8.61 28.99 -25.91
C MET A 166 8.93 29.96 -24.77
N ASN A 167 9.71 29.51 -23.80
CA ASN A 167 10.13 30.36 -22.68
C ASN A 167 11.43 31.05 -23.02
N ASP A 168 11.43 32.38 -23.00
CA ASP A 168 12.61 33.14 -23.43
C ASP A 168 13.87 32.83 -22.63
N ALA A 169 13.74 32.60 -21.32
CA ALA A 169 14.92 32.35 -20.49
C ALA A 169 15.57 31.01 -20.87
N TRP A 170 14.74 29.98 -21.04
CA TRP A 170 15.26 28.66 -21.43
C TRP A 170 15.87 28.72 -22.84
N ARG A 171 15.25 29.46 -23.76
CA ARG A 171 15.80 29.58 -25.11
C ARG A 171 17.19 30.19 -25.06
N LEU A 172 17.37 31.26 -24.30
CA LEU A 172 18.69 31.92 -24.23
C LEU A 172 19.74 31.05 -23.54
N PHE A 173 19.30 30.35 -22.50
CA PHE A 173 20.13 29.37 -21.79
C PHE A 173 20.75 28.35 -22.77
N GLN A 174 19.93 27.75 -23.64
CA GLN A 174 20.45 26.78 -24.62
C GLN A 174 21.19 27.44 -25.78
N LEU A 175 20.76 28.63 -26.19
CA LEU A 175 21.46 29.34 -27.25
C LEU A 175 22.90 29.60 -26.85
N GLU A 176 23.13 30.00 -25.61
CA GLU A 176 24.50 30.25 -25.18
C GLU A 176 25.34 28.99 -25.33
N LYS A 177 24.78 27.86 -24.93
CA LYS A 177 25.47 26.58 -25.07
C LYS A 177 25.77 26.26 -26.53
N ALA A 178 24.86 26.61 -27.42
CA ALA A 178 24.98 26.26 -28.83
C ALA A 178 25.95 27.17 -29.59
N THR A 179 26.39 28.24 -28.94
CA THR A 179 27.28 29.18 -29.63
C THR A 179 28.70 29.16 -29.07
N GLY A 180 28.98 28.18 -28.22
CA GLY A 180 30.34 27.95 -27.75
C GLY A 180 30.91 26.80 -28.56
N ASN A 181 32.03 26.24 -28.09
CA ASN A 181 32.63 25.09 -28.74
C ASN A 181 31.65 23.94 -28.78
N PRO A 182 31.22 23.53 -29.98
CA PRO A 182 30.29 22.39 -30.10
C PRO A 182 30.90 21.07 -29.68
N LYS A 183 32.21 21.00 -29.50
CA LYS A 183 32.83 19.75 -29.05
C LYS A 183 32.82 19.65 -27.52
N HIS A 184 32.54 20.78 -26.87
CA HIS A 184 32.56 20.85 -25.43
C HIS A 184 31.24 20.33 -24.82
N PRO A 185 31.33 19.56 -23.74
CA PRO A 185 30.11 19.05 -23.09
C PRO A 185 29.12 20.15 -22.70
N PHE A 186 29.63 21.35 -22.44
CA PHE A 186 28.76 22.53 -22.20
C PHE A 186 27.67 22.65 -23.26
N SER A 187 27.94 22.16 -24.47
CA SER A 187 26.99 22.29 -25.57
C SER A 187 25.80 21.35 -25.50
N LYS A 188 25.84 20.37 -24.61
CA LYS A 188 24.79 19.36 -24.52
C LYS A 188 23.39 19.91 -24.15
N PHE A 189 22.36 19.26 -24.69
CA PHE A 189 20.97 19.52 -24.36
C PHE A 189 20.62 18.66 -23.15
N GLY A 190 20.41 19.29 -21.99
CA GLY A 190 20.25 18.54 -20.76
C GLY A 190 18.86 17.98 -20.48
N THR A 191 17.82 18.64 -20.98
CA THR A 191 16.46 18.20 -20.66
C THR A 191 16.14 16.84 -21.31
N GLY A 192 16.47 16.72 -22.59
CA GLY A 192 16.01 15.56 -23.32
C GLY A 192 14.56 15.77 -23.71
N ASN A 193 14.07 14.90 -24.59
CA ASN A 193 12.65 14.89 -24.94
C ASN A 193 12.31 13.52 -25.52
N LYS A 194 11.09 13.37 -26.00
CA LYS A 194 10.66 12.06 -26.51
C LYS A 194 11.56 11.63 -27.67
N TYR A 195 11.92 12.57 -28.51
CA TYR A 195 12.80 12.28 -29.64
C TYR A 195 14.19 11.77 -29.20
N THR A 196 14.84 12.45 -28.25
CA THR A 196 16.20 12.04 -27.87
C THR A 196 16.22 10.83 -26.96
N LEU A 197 15.12 10.62 -26.24
CA LEU A 197 15.08 9.58 -25.21
C LEU A 197 14.35 8.31 -25.66
N GLU A 198 13.61 8.39 -26.76
CA GLU A 198 12.88 7.22 -27.22
C GLU A 198 12.94 6.98 -28.73
N THR A 199 12.47 7.95 -29.50
CA THR A 199 12.38 7.81 -30.95
C THR A 199 13.74 7.54 -31.58
N ARG A 200 14.71 8.42 -31.35
CA ARG A 200 16.03 8.21 -31.92
C ARG A 200 16.75 6.95 -31.38
N PRO A 201 16.71 6.73 -30.06
CA PRO A 201 17.32 5.49 -29.56
C PRO A 201 16.69 4.23 -30.17
N ASN A 202 15.38 4.25 -30.40
CA ASN A 202 14.74 3.09 -31.04
C ASN A 202 15.29 2.90 -32.46
N GLN A 203 15.42 4.01 -33.18
CA GLN A 203 15.96 4.00 -34.55
C GLN A 203 17.39 3.45 -34.59
N GLU A 204 18.13 3.65 -33.50
CA GLU A 204 19.54 3.31 -33.43
C GLU A 204 19.74 2.05 -32.64
N GLY A 205 18.67 1.33 -32.39
CA GLY A 205 18.74 0.01 -31.78
C GLY A 205 19.20 0.02 -30.33
N ILE A 206 19.06 1.16 -29.67
CA ILE A 206 19.45 1.27 -28.27
C ILE A 206 18.35 0.76 -27.33
N ASP A 207 18.74 -0.05 -26.36
CA ASP A 207 17.86 -0.52 -25.28
C ASP A 207 17.98 0.50 -24.13
N VAL A 208 17.04 1.43 -24.06
CA VAL A 208 17.16 2.53 -23.09
C VAL A 208 17.17 2.04 -21.66
N ARG A 209 16.40 0.99 -21.37
CA ARG A 209 16.45 0.40 -20.04
C ARG A 209 17.89 0.02 -19.68
N GLN A 210 18.58 -0.61 -20.63
CA GLN A 210 19.96 -1.02 -20.38
C GLN A 210 20.86 0.20 -20.18
N GLU A 211 20.63 1.24 -20.98
CA GLU A 211 21.43 2.47 -20.86
C GLU A 211 21.25 3.13 -19.49
N LEU A 212 20.00 3.17 -19.01
CA LEU A 212 19.71 3.66 -17.67
C LEU A 212 20.47 2.83 -16.62
N LEU A 213 20.36 1.50 -16.72
CA LEU A 213 21.08 0.62 -15.81
C LEU A 213 22.58 0.86 -15.86
N LYS A 214 23.12 1.00 -17.07
CA LYS A 214 24.55 1.20 -17.24
C LYS A 214 25.04 2.54 -16.69
N PHE A 215 24.26 3.58 -16.93
CA PHE A 215 24.60 4.90 -16.42
C PHE A 215 24.55 4.93 -14.89
N HIS A 216 23.51 4.35 -14.30
CA HIS A 216 23.41 4.24 -12.84
C HIS A 216 24.59 3.45 -12.27
N SER A 217 24.88 2.29 -12.86
CA SER A 217 25.98 1.46 -12.40
C SER A 217 27.32 2.20 -12.46
N ALA A 218 27.54 2.91 -13.57
CA ALA A 218 28.81 3.58 -13.82
C ALA A 218 29.02 4.82 -12.95
N TYR A 219 27.97 5.63 -12.79
CA TYR A 219 28.11 6.94 -12.14
C TYR A 219 27.50 7.10 -10.76
N TYR A 220 26.47 6.32 -10.44
CA TYR A 220 25.90 6.41 -9.11
C TYR A 220 26.78 5.62 -8.16
N SER A 221 27.98 6.15 -7.95
CA SER A 221 29.00 5.56 -7.10
C SER A 221 29.03 6.32 -5.79
N SER A 222 29.22 5.59 -4.69
CA SER A 222 29.27 6.20 -3.37
C SER A 222 30.28 7.36 -3.28
N ASN A 223 31.39 7.26 -4.02
CA ASN A 223 32.43 8.26 -3.86
C ASN A 223 32.02 9.64 -4.37
N LEU A 224 30.98 9.68 -5.19
CA LEU A 224 30.48 10.94 -5.70
C LEU A 224 29.20 11.39 -5.03
N MET A 225 28.86 10.81 -3.88
CA MET A 225 27.63 11.16 -3.20
C MET A 225 27.81 11.92 -1.89
N ALA A 226 26.85 12.81 -1.61
CA ALA A 226 26.73 13.43 -0.30
C ALA A 226 25.28 13.31 0.18
N VAL A 227 25.11 12.97 1.46
CA VAL A 227 23.79 12.77 2.04
C VAL A 227 23.63 13.67 3.28
N VAL A 228 22.43 14.23 3.43
CA VAL A 228 22.10 15.00 4.62
C VAL A 228 20.78 14.48 5.20
N VAL A 229 20.75 14.22 6.51
CA VAL A 229 19.54 13.75 7.16
C VAL A 229 19.21 14.66 8.37
N LEU A 230 17.96 15.08 8.45
CA LEU A 230 17.51 15.97 9.53
C LEU A 230 16.34 15.30 10.21
N GLY A 231 16.45 15.05 11.51
CA GLY A 231 15.34 14.47 12.24
C GLY A 231 15.34 14.81 13.70
N ARG A 232 14.33 14.34 14.43
CA ARG A 232 14.27 14.57 15.88
C ARG A 232 15.29 13.70 16.61
N GLU A 233 15.74 12.64 15.94
CA GLU A 233 16.66 11.69 16.55
C GLU A 233 17.98 12.32 16.96
N SER A 234 18.60 11.73 17.98
CA SER A 234 19.92 12.15 18.40
C SER A 234 20.93 11.92 17.28
N LEU A 235 22.05 12.63 17.35
CA LEU A 235 23.11 12.50 16.36
C LEU A 235 23.62 11.06 16.27
N ASP A 236 23.68 10.38 17.42
CA ASP A 236 24.08 8.97 17.47
C ASP A 236 23.09 8.08 16.75
N ASP A 237 21.81 8.29 17.00
CA ASP A 237 20.80 7.51 16.29
C ASP A 237 20.77 7.84 14.79
N LEU A 238 20.91 9.12 14.46
CA LEU A 238 20.99 9.48 13.03
C LEU A 238 22.21 8.82 12.40
N THR A 239 23.32 8.80 13.14
CA THR A 239 24.54 8.17 12.64
C THR A 239 24.29 6.69 12.33
N ASN A 240 23.73 5.97 13.29
CA ASN A 240 23.49 4.53 13.09
C ASN A 240 22.54 4.30 11.93
N LEU A 241 21.56 5.19 11.79
CA LEU A 241 20.60 5.12 10.70
C LEU A 241 21.26 5.25 9.32
N VAL A 242 22.09 6.28 9.15
CA VAL A 242 22.71 6.51 7.86
C VAL A 242 23.71 5.41 7.52
N VAL A 243 24.50 4.99 8.50
CA VAL A 243 25.41 3.87 8.27
C VAL A 243 24.61 2.65 7.80
N LYS A 244 23.55 2.34 8.53
CA LYS A 244 22.73 1.19 8.21
C LYS A 244 22.18 1.20 6.78
N LEU A 245 21.74 2.36 6.29
CA LEU A 245 21.07 2.38 5.00
C LEU A 245 21.98 2.68 3.82
N PHE A 246 23.07 3.40 4.06
CA PHE A 246 23.87 3.91 2.95
C PHE A 246 25.25 3.27 2.83
N SER A 247 25.67 2.52 3.84
CA SER A 247 27.00 1.91 3.72
C SER A 247 27.03 0.83 2.63
N GLU A 248 25.86 0.39 2.16
CA GLU A 248 25.87 -0.65 1.13
C GLU A 248 26.02 -0.12 -0.30
N VAL A 249 25.93 1.20 -0.48
CA VAL A 249 26.15 1.75 -1.80
C VAL A 249 27.57 1.43 -2.24
N GLU A 250 27.72 0.99 -3.47
CA GLU A 250 29.03 0.53 -3.91
C GLU A 250 29.95 1.67 -4.35
N ASN A 251 31.22 1.57 -3.98
CA ASN A 251 32.22 2.51 -4.45
C ASN A 251 32.91 2.04 -5.74
N LYS A 252 32.65 2.71 -6.85
CA LYS A 252 33.33 2.39 -8.10
C LYS A 252 34.52 3.33 -8.32
N ASN A 253 34.80 4.18 -7.35
CA ASN A 253 35.94 5.09 -7.43
C ASN A 253 35.99 5.88 -8.73
N VAL A 254 34.88 6.55 -9.04
CA VAL A 254 34.73 7.24 -10.31
C VAL A 254 35.42 8.58 -10.24
N PRO A 255 36.25 8.90 -11.25
CA PRO A 255 36.91 10.21 -11.20
C PRO A 255 35.85 11.29 -11.38
N LEU A 256 35.96 12.37 -10.62
CA LEU A 256 35.04 13.48 -10.74
C LEU A 256 35.26 14.20 -12.06
N PRO A 257 34.20 14.34 -12.89
CA PRO A 257 34.40 15.05 -14.16
C PRO A 257 34.90 16.50 -13.97
N GLU A 258 35.78 16.92 -14.88
CA GLU A 258 36.37 18.25 -14.83
C GLU A 258 36.43 18.82 -16.23
N PHE A 259 36.28 20.14 -16.32
CA PHE A 259 36.19 20.80 -17.62
C PHE A 259 37.11 22.01 -17.67
N PRO A 260 38.42 21.77 -17.60
CA PRO A 260 39.44 22.84 -17.55
C PRO A 260 39.44 23.72 -18.80
N GLU A 261 39.05 23.17 -19.94
CA GLU A 261 39.03 23.97 -21.15
C GLU A 261 37.71 24.74 -21.26
N HIS A 262 37.80 26.07 -21.34
CA HIS A 262 36.62 26.91 -21.43
C HIS A 262 35.84 26.63 -22.73
N PRO A 263 34.51 26.52 -22.63
CA PRO A 263 33.66 26.33 -23.81
C PRO A 263 33.79 27.49 -24.79
N PHE A 264 34.16 28.65 -24.30
CA PHE A 264 34.37 29.81 -25.17
C PHE A 264 35.85 30.00 -25.41
N GLN A 265 36.29 29.64 -26.61
CA GLN A 265 37.67 29.82 -27.01
C GLN A 265 37.77 31.08 -27.86
N GLU A 266 38.96 31.34 -28.40
CA GLU A 266 39.21 32.58 -29.12
C GLU A 266 38.15 32.87 -30.18
N GLU A 267 37.82 31.86 -30.99
CA GLU A 267 36.88 32.07 -32.09
C GLU A 267 35.45 32.36 -31.62
N HIS A 268 35.21 32.22 -30.31
CA HIS A 268 33.88 32.47 -29.75
C HIS A 268 33.83 33.80 -29.05
N LEU A 269 34.95 34.51 -29.07
CA LEU A 269 35.03 35.83 -28.45
C LEU A 269 34.95 36.93 -29.49
N LYS A 270 34.69 38.17 -29.05
CA LYS A 270 34.40 39.30 -29.94
C LYS A 270 33.28 38.96 -30.91
N GLN A 271 32.25 38.31 -30.40
CA GLN A 271 31.11 37.93 -31.24
C GLN A 271 29.86 38.65 -30.77
N LEU A 272 28.99 38.96 -31.73
CA LEU A 272 27.71 39.62 -31.48
C LEU A 272 26.59 38.71 -31.97
N TYR A 273 25.59 38.48 -31.11
CA TYR A 273 24.43 37.70 -31.48
C TYR A 273 23.19 38.57 -31.45
N LYS A 274 22.36 38.44 -32.46
CA LYS A 274 21.13 39.20 -32.54
C LYS A 274 20.01 38.19 -32.53
N ILE A 275 19.09 38.33 -31.60
CA ILE A 275 18.18 37.23 -31.26
C ILE A 275 16.74 37.68 -31.21
N VAL A 276 15.85 36.90 -31.80
CA VAL A 276 14.42 37.18 -31.76
C VAL A 276 13.73 36.52 -30.55
N PRO A 277 13.15 37.32 -29.67
CA PRO A 277 12.45 36.73 -28.51
C PRO A 277 11.02 36.29 -28.82
N ILE A 278 10.42 35.55 -27.89
CA ILE A 278 9.00 35.21 -27.98
C ILE A 278 8.19 36.38 -27.46
N LYS A 279 8.48 36.81 -26.23
CA LYS A 279 7.87 38.02 -25.68
C LYS A 279 8.46 39.26 -26.34
N ASP A 280 7.72 40.37 -26.32
CA ASP A 280 8.26 41.66 -26.73
C ASP A 280 9.16 42.18 -25.60
N ILE A 281 10.41 41.72 -25.61
CA ILE A 281 11.40 42.15 -24.62
C ILE A 281 12.65 42.68 -25.34
N ARG A 282 13.39 43.56 -24.68
CA ARG A 282 14.64 44.07 -25.23
C ARG A 282 15.74 43.96 -24.21
N ASN A 283 16.72 43.12 -24.47
CA ASN A 283 17.76 42.93 -23.48
C ASN A 283 19.12 42.88 -24.13
N LEU A 284 20.14 43.24 -23.35
CA LEU A 284 21.54 43.16 -23.73
C LEU A 284 22.29 42.27 -22.73
N TYR A 285 22.97 41.24 -23.22
CA TYR A 285 23.73 40.33 -22.36
C TYR A 285 25.19 40.42 -22.74
N VAL A 286 26.03 40.80 -21.79
CA VAL A 286 27.45 40.90 -22.02
C VAL A 286 28.15 39.85 -21.15
N THR A 287 29.00 39.05 -21.75
CA THR A 287 29.60 37.90 -21.08
C THR A 287 31.11 37.86 -21.32
N PHE A 288 31.85 37.57 -20.25
CA PHE A 288 33.27 37.29 -20.35
C PHE A 288 33.56 35.91 -19.77
N PRO A 289 34.34 35.08 -20.46
CA PRO A 289 34.78 33.81 -19.88
C PRO A 289 35.78 34.11 -18.78
N ILE A 290 35.72 33.37 -17.68
CA ILE A 290 36.70 33.56 -16.62
C ILE A 290 37.09 32.19 -16.11
N PRO A 291 38.21 32.10 -15.38
CA PRO A 291 38.58 30.85 -14.71
C PRO A 291 37.54 30.48 -13.64
N ASP A 292 37.57 29.21 -13.24
CA ASP A 292 36.78 28.74 -12.11
C ASP A 292 37.27 29.39 -10.80
N LEU A 293 36.42 30.17 -10.15
CA LEU A 293 36.80 30.92 -8.94
C LEU A 293 36.34 30.22 -7.65
N GLN A 294 35.65 29.10 -7.80
CA GLN A 294 35.09 28.39 -6.66
C GLN A 294 36.12 28.15 -5.56
N LYS A 295 37.32 27.75 -5.92
CA LYS A 295 38.34 27.47 -4.90
C LYS A 295 38.71 28.71 -4.06
N TYR A 296 38.39 29.90 -4.56
CA TYR A 296 38.68 31.14 -3.82
C TYR A 296 37.55 31.62 -2.91
N TYR A 297 36.73 30.68 -2.45
CA TYR A 297 35.56 31.04 -1.65
C TYR A 297 35.88 31.85 -0.38
N LYS A 298 37.07 31.69 0.18
CA LYS A 298 37.39 32.46 1.38
C LYS A 298 37.61 33.95 1.11
N SER A 299 37.82 34.31 -0.15
CA SER A 299 37.97 35.73 -0.50
C SER A 299 36.87 36.24 -1.44
N ASN A 300 36.44 35.34 -2.34
CA ASN A 300 35.37 35.64 -3.26
C ASN A 300 35.56 36.88 -4.13
N PRO A 301 36.61 36.87 -4.96
CA PRO A 301 36.95 38.03 -5.78
C PRO A 301 35.83 38.38 -6.77
N GLY A 302 35.14 37.36 -7.27
CA GLY A 302 34.04 37.60 -8.21
C GLY A 302 32.85 38.32 -7.60
N HIS A 303 32.53 37.98 -6.35
CA HIS A 303 31.43 38.63 -5.61
C HIS A 303 31.79 40.08 -5.29
N TYR A 304 33.04 40.32 -4.94
CA TYR A 304 33.54 41.67 -4.76
C TYR A 304 33.29 42.51 -6.02
N LEU A 305 33.66 41.97 -7.17
CA LEU A 305 33.50 42.70 -8.41
C LEU A 305 32.02 42.80 -8.84
N GLY A 306 31.24 41.75 -8.61
CA GLY A 306 29.81 41.78 -8.87
C GLY A 306 29.11 42.83 -8.02
N HIS A 307 29.49 42.88 -6.75
CA HIS A 307 28.96 43.90 -5.84
C HIS A 307 29.14 45.32 -6.40
N LEU A 308 30.34 45.61 -6.92
CA LEU A 308 30.63 46.95 -7.44
C LEU A 308 30.01 47.18 -8.82
N ILE A 309 30.25 46.26 -9.75
CA ILE A 309 29.73 46.43 -11.11
C ILE A 309 28.19 46.40 -11.13
N GLY A 310 27.61 45.58 -10.26
CA GLY A 310 26.17 45.49 -10.17
C GLY A 310 25.51 46.46 -9.19
N HIS A 311 26.29 47.38 -8.60
CA HIS A 311 25.73 48.33 -7.63
C HIS A 311 24.63 49.19 -8.26
N GLU A 312 23.70 49.65 -7.44
CA GLU A 312 22.62 50.50 -7.94
C GLU A 312 22.53 51.85 -7.22
N GLY A 313 23.53 52.14 -6.39
CA GLY A 313 23.54 53.39 -5.65
C GLY A 313 24.08 54.57 -6.45
N PRO A 314 24.15 55.74 -5.80
CA PRO A 314 24.77 56.89 -6.47
C PRO A 314 26.17 56.52 -6.99
N GLY A 315 26.52 57.03 -8.17
CA GLY A 315 27.83 56.81 -8.78
C GLY A 315 27.95 55.52 -9.56
N SER A 316 26.92 54.69 -9.51
CA SER A 316 26.98 53.36 -10.14
C SER A 316 26.83 53.41 -11.65
N LEU A 317 27.31 52.35 -12.29
CA LEU A 317 27.05 52.06 -13.69
C LEU A 317 25.56 52.19 -14.04
N LEU A 318 24.70 51.48 -13.30
CA LEU A 318 23.27 51.54 -13.56
C LEU A 318 22.72 52.97 -13.47
N SER A 319 23.15 53.73 -12.47
CA SER A 319 22.63 55.09 -12.29
C SER A 319 22.80 55.91 -13.55
N GLU A 320 23.98 55.84 -14.15
CA GLU A 320 24.25 56.63 -15.34
C GLU A 320 23.49 56.10 -16.57
N LEU A 321 23.42 54.78 -16.71
CA LEU A 321 22.68 54.17 -17.84
C LEU A 321 21.20 54.50 -17.79
N LYS A 322 20.65 54.57 -16.58
CA LYS A 322 19.25 54.96 -16.35
C LYS A 322 19.03 56.44 -16.61
N SER A 323 19.91 57.29 -16.08
CA SER A 323 19.85 58.74 -16.32
C SER A 323 19.89 59.06 -17.81
N LYS A 324 20.69 58.31 -18.57
CA LYS A 324 20.75 58.48 -20.01
C LYS A 324 19.48 57.98 -20.70
N GLY A 325 18.59 57.35 -19.92
CA GLY A 325 17.38 56.76 -20.45
C GLY A 325 17.60 55.56 -21.36
N TRP A 326 18.65 54.80 -21.10
CA TRP A 326 18.96 53.65 -21.95
C TRP A 326 18.58 52.27 -21.35
N VAL A 327 18.65 52.15 -20.03
CA VAL A 327 18.38 50.89 -19.38
C VAL A 327 17.59 51.14 -18.12
N ASN A 328 16.85 50.14 -17.65
CA ASN A 328 16.14 50.26 -16.38
C ASN A 328 16.72 49.39 -15.27
N THR A 329 17.17 48.20 -15.62
CA THR A 329 17.69 47.28 -14.62
C THR A 329 19.01 46.71 -15.09
N LEU A 330 19.80 46.24 -14.14
CA LEU A 330 21.10 45.68 -14.45
C LEU A 330 21.41 44.56 -13.47
N VAL A 331 21.97 43.47 -13.99
CA VAL A 331 22.49 42.40 -13.17
C VAL A 331 23.94 42.21 -13.56
N GLY A 332 24.84 42.18 -12.58
CA GLY A 332 26.24 42.00 -12.86
C GLY A 332 26.95 41.10 -11.86
N GLY A 333 27.88 40.29 -12.36
CA GLY A 333 28.72 39.52 -11.46
C GLY A 333 29.05 38.14 -11.98
N GLN A 334 29.49 37.26 -11.09
CA GLN A 334 29.98 35.97 -11.57
C GLN A 334 28.83 34.99 -11.75
N LYS A 335 29.03 34.04 -12.65
CA LYS A 335 27.99 33.09 -13.00
C LYS A 335 28.63 31.72 -13.12
N ALA A 336 28.03 30.73 -12.46
CA ALA A 336 28.56 29.36 -12.47
C ALA A 336 28.65 28.76 -13.87
N GLY A 337 29.64 27.90 -14.08
CA GLY A 337 29.74 27.15 -15.30
C GLY A 337 29.76 25.70 -14.88
N ALA A 338 30.97 25.16 -14.69
CA ALA A 338 31.17 23.84 -14.12
C ALA A 338 32.59 23.80 -13.56
N ARG A 339 33.01 22.66 -13.03
CA ARG A 339 34.37 22.56 -12.51
C ARG A 339 35.36 22.85 -13.64
N GLY A 340 36.09 23.96 -13.51
CA GLY A 340 37.05 24.38 -14.52
C GLY A 340 36.71 25.64 -15.30
N PHE A 341 35.46 26.11 -15.26
CA PHE A 341 35.13 27.32 -16.01
C PHE A 341 33.93 28.08 -15.44
N MET A 342 33.99 29.41 -15.51
CA MET A 342 32.89 30.25 -15.06
C MET A 342 32.68 31.38 -16.06
N PHE A 343 31.72 32.26 -15.77
CA PHE A 343 31.50 33.43 -16.62
C PHE A 343 31.37 34.65 -15.73
N PHE A 344 31.65 35.83 -16.29
CA PHE A 344 31.27 37.07 -15.63
C PHE A 344 30.32 37.79 -16.60
N ILE A 345 29.20 38.28 -16.07
CA ILE A 345 28.16 38.86 -16.92
C ILE A 345 27.79 40.26 -16.48
N ILE A 346 27.29 41.03 -17.44
CA ILE A 346 26.65 42.31 -17.17
C ILE A 346 25.47 42.36 -18.11
N ASN A 347 24.26 42.17 -17.57
CA ASN A 347 23.05 42.10 -18.37
C ASN A 347 22.14 43.27 -18.00
N VAL A 348 21.52 43.87 -19.01
CA VAL A 348 20.62 45.00 -18.78
C VAL A 348 19.41 44.87 -19.68
N ASP A 349 18.30 45.48 -19.27
CA ASP A 349 17.19 45.61 -20.19
C ASP A 349 17.44 46.87 -21.02
N LEU A 350 16.66 47.07 -22.07
CA LEU A 350 16.88 48.21 -22.96
C LEU A 350 15.59 48.99 -23.19
N THR A 351 15.66 50.31 -23.03
CA THR A 351 14.58 51.15 -23.48
C THR A 351 14.61 51.16 -25.00
N GLU A 352 13.67 51.87 -25.63
CA GLU A 352 13.72 52.03 -27.09
C GLU A 352 15.00 52.75 -27.54
N GLU A 353 15.35 53.83 -26.86
CA GLU A 353 16.60 54.53 -27.14
C GLU A 353 17.81 53.65 -26.82
N GLY A 354 17.74 52.90 -25.72
CA GLY A 354 18.87 52.06 -25.35
C GLY A 354 19.18 51.07 -26.44
N LEU A 355 18.14 50.58 -27.11
CA LEU A 355 18.33 49.62 -28.20
C LEU A 355 19.21 50.24 -29.30
N LEU A 356 19.09 51.56 -29.47
CA LEU A 356 19.80 52.28 -30.52
C LEU A 356 21.18 52.68 -30.06
N HIS A 357 21.47 52.47 -28.77
CA HIS A 357 22.74 52.90 -28.20
C HIS A 357 23.54 51.80 -27.52
N VAL A 358 23.43 50.58 -28.05
CA VAL A 358 24.13 49.44 -27.45
C VAL A 358 25.65 49.63 -27.41
N GLU A 359 26.24 50.13 -28.49
CA GLU A 359 27.69 50.38 -28.48
C GLU A 359 28.11 51.33 -27.34
N ASP A 360 27.32 52.39 -27.14
CA ASP A 360 27.58 53.36 -26.08
C ASP A 360 27.39 52.77 -24.69
N ILE A 361 26.34 51.96 -24.53
CA ILE A 361 26.08 51.33 -23.23
C ILE A 361 27.30 50.51 -22.84
N ILE A 362 27.81 49.73 -23.78
CA ILE A 362 28.95 48.85 -23.52
C ILE A 362 30.20 49.70 -23.26
N LEU A 363 30.35 50.83 -23.94
CA LEU A 363 31.47 51.74 -23.65
C LEU A 363 31.43 52.20 -22.18
N HIS A 364 30.26 52.59 -21.70
CA HIS A 364 30.09 52.93 -20.28
C HIS A 364 30.42 51.75 -19.34
N MET A 365 30.00 50.55 -19.72
CA MET A 365 30.43 49.36 -18.96
C MET A 365 31.95 49.32 -18.81
N PHE A 366 32.66 49.50 -19.92
CA PHE A 366 34.12 49.46 -19.89
C PHE A 366 34.76 50.64 -19.17
N GLN A 367 34.11 51.80 -19.24
CA GLN A 367 34.56 52.95 -18.47
C GLN A 367 34.43 52.69 -16.96
N TYR A 368 33.30 52.12 -16.54
CA TYR A 368 33.15 51.76 -15.12
C TYR A 368 34.22 50.73 -14.73
N ILE A 369 34.46 49.74 -15.59
CA ILE A 369 35.48 48.75 -15.27
C ILE A 369 36.84 49.44 -15.11
N GLN A 370 37.13 50.40 -15.99
CA GLN A 370 38.39 51.16 -15.92
C GLN A 370 38.51 51.95 -14.61
N LYS A 371 37.41 52.52 -14.14
CA LYS A 371 37.44 53.19 -12.85
C LYS A 371 37.84 52.22 -11.74
N LEU A 372 37.31 50.99 -11.79
CA LEU A 372 37.71 50.01 -10.79
C LEU A 372 39.22 49.77 -10.84
N ARG A 373 39.75 49.68 -12.06
CA ARG A 373 41.18 49.44 -12.23
C ARG A 373 41.99 50.62 -11.70
N ALA A 374 41.50 51.82 -11.95
CA ALA A 374 42.17 53.05 -11.50
C ALA A 374 42.22 53.19 -9.98
N GLU A 375 41.13 52.88 -9.29
CA GLU A 375 41.10 53.02 -7.84
C GLU A 375 41.82 51.89 -7.11
N GLY A 376 41.92 50.74 -7.76
CA GLY A 376 42.51 49.57 -7.15
C GLY A 376 41.59 48.93 -6.13
N PRO A 377 41.93 47.71 -5.69
CA PRO A 377 41.10 46.97 -4.72
C PRO A 377 40.97 47.72 -3.41
N GLN A 378 39.76 47.74 -2.87
CA GLN A 378 39.46 48.53 -1.68
C GLN A 378 39.21 47.57 -0.53
N GLU A 379 40.09 47.59 0.46
CA GLU A 379 39.86 46.77 1.64
C GLU A 379 38.58 47.13 2.37
N TRP A 380 38.25 48.41 2.40
CA TRP A 380 37.03 48.79 3.12
C TRP A 380 35.76 48.18 2.46
N VAL A 381 35.75 48.01 1.15
CA VAL A 381 34.61 47.36 0.48
C VAL A 381 34.56 45.89 0.89
N PHE A 382 35.71 45.23 0.80
CA PHE A 382 35.79 43.86 1.28
C PHE A 382 35.28 43.71 2.70
N GLN A 383 35.66 44.66 3.55
CA GLN A 383 35.28 44.63 4.96
C GLN A 383 33.78 44.77 5.16
N GLU A 384 33.15 45.69 4.42
CA GLU A 384 31.69 45.75 4.44
C GLU A 384 31.02 44.43 4.04
N LEU A 385 31.44 43.86 2.92
CA LEU A 385 30.87 42.59 2.49
C LEU A 385 31.02 41.50 3.58
N LYS A 386 32.20 41.45 4.16
CA LYS A 386 32.49 40.50 5.21
C LYS A 386 31.59 40.71 6.41
N ASP A 387 31.47 41.97 6.85
CA ASP A 387 30.64 42.28 8.02
C ASP A 387 29.17 41.93 7.76
N LEU A 388 28.65 42.31 6.61
CA LEU A 388 27.26 41.99 6.27
C LEU A 388 26.99 40.48 6.18
N ASN A 389 27.95 39.74 5.60
CA ASN A 389 27.82 38.28 5.54
C ASN A 389 27.85 37.67 6.94
N ALA A 390 28.68 38.22 7.82
CA ALA A 390 28.78 37.71 9.19
C ALA A 390 27.47 37.91 9.97
N VAL A 391 26.89 39.09 9.79
CA VAL A 391 25.59 39.40 10.39
C VAL A 391 24.50 38.51 9.77
N ALA A 392 24.52 38.38 8.46
CA ALA A 392 23.54 37.54 7.76
C ALA A 392 23.62 36.11 8.29
N PHE A 393 24.84 35.62 8.49
CA PHE A 393 25.00 34.24 8.95
C PHE A 393 24.52 34.05 10.38
N ARG A 394 24.93 34.96 11.27
CA ARG A 394 24.58 34.85 12.67
C ARG A 394 23.06 34.84 12.88
N PHE A 395 22.38 35.77 12.20
CA PHE A 395 20.94 35.97 12.36
C PHE A 395 20.11 35.36 11.22
N LYS A 396 20.67 34.36 10.55
CA LYS A 396 19.95 33.67 9.48
C LYS A 396 18.64 33.04 9.99
N ASP A 397 17.55 33.26 9.25
CA ASP A 397 16.28 32.58 9.55
C ASP A 397 16.48 31.07 9.53
N LYS A 398 15.85 30.38 10.46
CA LYS A 398 15.79 28.91 10.43
C LYS A 398 15.09 28.45 9.15
N GLU A 399 15.76 27.54 8.45
CA GLU A 399 15.27 27.04 7.16
C GLU A 399 14.25 25.92 7.30
N ARG A 400 13.38 25.79 6.30
CA ARG A 400 12.54 24.59 6.20
C ARG A 400 13.46 23.40 5.90
N PRO A 401 13.25 22.26 6.59
CA PRO A 401 14.13 21.11 6.47
C PRO A 401 14.36 20.66 5.02
N ARG A 402 13.31 20.60 4.21
CA ARG A 402 13.48 20.01 2.87
C ARG A 402 14.47 20.79 2.01
N GLY A 403 14.36 22.12 2.02
CA GLY A 403 15.27 22.95 1.25
C GLY A 403 16.67 22.97 1.86
N TYR A 404 16.74 22.86 3.17
CA TYR A 404 18.00 22.93 3.90
C TYR A 404 18.83 21.67 3.58
N THR A 405 18.21 20.49 3.67
CA THR A 405 18.96 19.26 3.39
C THR A 405 19.45 19.25 1.94
N SER A 406 18.58 19.62 1.01
CA SER A 406 18.93 19.63 -0.41
C SER A 406 20.13 20.53 -0.71
N LYS A 407 20.08 21.73 -0.15
CA LYS A 407 21.17 22.72 -0.29
C LYS A 407 22.50 22.24 0.29
N ILE A 408 22.48 21.72 1.51
CA ILE A 408 23.70 21.22 2.14
C ILE A 408 24.31 20.01 1.39
N ALA A 409 23.45 19.13 0.88
CA ALA A 409 23.93 17.98 0.11
C ALA A 409 24.75 18.42 -1.11
N GLY A 410 24.29 19.47 -1.79
CA GLY A 410 25.05 20.06 -2.88
C GLY A 410 26.39 20.60 -2.40
N ILE A 411 26.39 21.36 -1.32
CA ILE A 411 27.63 22.02 -0.93
C ILE A 411 28.65 21.14 -0.19
N LEU A 412 28.19 20.05 0.40
CA LEU A 412 29.13 19.06 0.95
C LEU A 412 30.21 18.64 -0.06
N HIS A 413 29.90 18.75 -1.34
CA HIS A 413 30.86 18.40 -2.39
C HIS A 413 31.99 19.42 -2.54
N TYR A 414 31.86 20.59 -1.90
CA TYR A 414 32.77 21.70 -2.20
C TYR A 414 33.59 22.18 -1.01
N TYR A 415 33.14 21.84 0.20
CA TYR A 415 33.78 22.35 1.40
C TYR A 415 34.06 21.25 2.42
N PRO A 416 35.08 21.45 3.26
CA PRO A 416 35.33 20.54 4.38
C PRO A 416 34.10 20.45 5.26
N LEU A 417 33.86 19.27 5.84
CA LEU A 417 32.68 19.03 6.67
C LEU A 417 32.42 20.16 7.66
N GLU A 418 33.48 20.55 8.37
CA GLU A 418 33.42 21.55 9.43
C GLU A 418 32.94 22.93 8.96
N GLU A 419 33.14 23.21 7.68
CA GLU A 419 32.80 24.51 7.10
C GLU A 419 31.53 24.55 6.26
N VAL A 420 30.82 23.43 6.11
CA VAL A 420 29.71 23.41 5.17
C VAL A 420 28.63 24.44 5.45
N LEU A 421 28.43 24.77 6.71
CA LEU A 421 27.42 25.77 7.08
C LEU A 421 27.92 27.20 6.84
N THR A 422 29.21 27.43 7.09
CA THR A 422 29.75 28.80 7.04
C THR A 422 30.36 29.16 5.69
N ALA A 423 30.76 28.17 4.90
CA ALA A 423 31.60 28.43 3.73
C ALA A 423 31.01 29.49 2.77
N GLU A 424 29.71 29.47 2.57
CA GLU A 424 29.09 30.40 1.64
C GLU A 424 28.91 31.81 2.23
N TYR A 425 29.17 31.97 3.52
CA TYR A 425 28.91 33.24 4.17
C TYR A 425 30.18 33.96 4.58
N LEU A 426 30.99 33.27 5.36
CA LEU A 426 32.07 33.95 6.05
C LEU A 426 33.25 34.19 5.11
N LEU A 427 33.66 35.45 4.99
CA LEU A 427 34.82 35.82 4.18
C LEU A 427 35.98 35.98 5.15
N GLU A 428 37.19 35.61 4.71
CA GLU A 428 38.33 35.59 5.61
C GLU A 428 39.53 36.30 5.05
N GLU A 429 39.69 36.28 3.72
CA GLU A 429 40.92 36.69 3.06
C GLU A 429 40.69 37.86 2.15
N PHE A 430 41.44 38.94 2.36
CA PHE A 430 41.45 40.05 1.41
C PHE A 430 42.49 39.75 0.33
N ARG A 431 42.03 39.63 -0.91
CA ARG A 431 42.87 39.16 -2.01
C ARG A 431 42.91 40.15 -3.15
N PRO A 432 43.67 41.25 -2.98
CA PRO A 432 43.73 42.23 -4.09
C PRO A 432 44.34 41.61 -5.36
N ASP A 433 45.19 40.60 -5.21
CA ASP A 433 45.77 39.93 -6.37
C ASP A 433 44.69 39.21 -7.21
N LEU A 434 43.73 38.57 -6.54
CA LEU A 434 42.67 37.86 -7.25
C LEU A 434 41.68 38.85 -7.88
N ILE A 435 41.37 39.91 -7.15
CA ILE A 435 40.50 40.97 -7.68
C ILE A 435 41.05 41.54 -8.98
N GLU A 436 42.33 41.91 -8.96
CA GLU A 436 42.99 42.37 -10.17
C GLU A 436 43.00 41.33 -11.29
N MET A 437 43.26 40.09 -10.92
CA MET A 437 43.33 39.00 -11.88
C MET A 437 41.98 38.83 -12.61
N VAL A 438 40.88 38.89 -11.85
CA VAL A 438 39.57 38.76 -12.49
C VAL A 438 39.24 40.00 -13.33
N LEU A 439 39.49 41.17 -12.77
CA LEU A 439 39.32 42.44 -13.50
C LEU A 439 40.10 42.45 -14.83
N ASP A 440 41.28 41.85 -14.84
CA ASP A 440 42.08 41.78 -16.07
C ASP A 440 41.44 40.93 -17.19
N LYS A 441 40.44 40.12 -16.83
CA LYS A 441 39.71 39.32 -17.83
C LYS A 441 38.55 40.10 -18.42
N LEU A 442 38.14 41.16 -17.76
CA LEU A 442 36.95 41.88 -18.19
C LEU A 442 37.36 42.96 -19.20
N ARG A 443 37.73 42.50 -20.39
CA ARG A 443 38.28 43.37 -21.43
C ARG A 443 37.55 43.13 -22.75
N PRO A 444 37.54 44.13 -23.63
CA PRO A 444 36.82 44.04 -24.92
C PRO A 444 37.26 42.87 -25.79
N GLU A 445 38.54 42.51 -25.74
CA GLU A 445 39.02 41.41 -26.58
C GLU A 445 38.48 40.05 -26.10
N ASN A 446 37.85 40.04 -24.93
CA ASN A 446 37.30 38.80 -24.38
C ASN A 446 35.79 38.77 -24.30
N VAL A 447 35.12 39.73 -24.94
CA VAL A 447 33.70 39.92 -24.73
C VAL A 447 32.80 39.19 -25.72
N ARG A 448 31.64 38.74 -25.23
CA ARG A 448 30.57 38.27 -26.09
C ARG A 448 29.36 39.16 -25.83
N VAL A 449 28.63 39.50 -26.89
CA VAL A 449 27.50 40.43 -26.78
C VAL A 449 26.29 39.82 -27.46
N ALA A 450 25.17 39.80 -26.75
CA ALA A 450 23.91 39.32 -27.30
C ALA A 450 22.85 40.38 -27.09
N ILE A 451 22.13 40.69 -28.17
CA ILE A 451 21.02 41.62 -28.11
C ILE A 451 19.76 40.84 -28.42
N VAL A 452 18.74 40.99 -27.58
CA VAL A 452 17.45 40.33 -27.80
C VAL A 452 16.43 41.41 -28.13
N SER A 453 15.74 41.25 -29.26
CA SER A 453 14.76 42.27 -29.69
C SER A 453 13.88 41.78 -30.85
N LYS A 454 12.59 42.10 -30.80
CA LYS A 454 11.68 41.80 -31.91
C LYS A 454 12.12 42.52 -33.19
N SER A 455 12.95 43.55 -33.05
CA SER A 455 13.42 44.27 -34.25
C SER A 455 14.26 43.41 -35.21
N PHE A 456 14.72 42.24 -34.75
CA PHE A 456 15.52 41.37 -35.59
C PHE A 456 14.69 40.35 -36.37
N GLU A 457 13.37 40.37 -36.17
CA GLU A 457 12.46 39.51 -36.90
C GLU A 457 12.68 39.66 -38.40
N GLY A 458 12.90 38.55 -39.10
CA GLY A 458 13.17 38.58 -40.53
C GLY A 458 14.61 38.85 -40.92
N LYS A 459 15.44 39.19 -39.95
CA LYS A 459 16.82 39.59 -40.22
C LYS A 459 17.84 38.56 -39.79
N THR A 460 17.37 37.36 -39.44
CA THR A 460 18.25 36.33 -38.88
C THR A 460 18.44 35.19 -39.89
N ASP A 461 19.51 34.41 -39.71
CA ASP A 461 19.84 33.35 -40.67
C ASP A 461 20.20 32.02 -40.01
N ARG A 462 20.06 31.92 -38.71
CA ARG A 462 20.29 30.66 -38.03
C ARG A 462 19.15 30.30 -37.11
N THR A 463 19.08 29.02 -36.78
CA THR A 463 18.04 28.46 -35.96
C THR A 463 18.69 27.50 -34.97
N GLU A 464 18.46 27.70 -33.68
CA GLU A 464 18.95 26.75 -32.69
C GLU A 464 18.08 25.49 -32.67
N GLU A 465 18.73 24.32 -32.70
CA GLU A 465 18.02 23.07 -32.96
C GLU A 465 16.99 22.68 -31.92
N TRP A 466 17.29 22.84 -30.63
CA TRP A 466 16.38 22.31 -29.61
C TRP A 466 15.15 23.18 -29.32
N TYR A 467 15.29 24.50 -29.48
CA TYR A 467 14.20 25.42 -29.17
C TYR A 467 13.65 26.13 -30.40
N GLY A 468 14.43 26.18 -31.48
CA GLY A 468 14.04 26.87 -32.70
C GLY A 468 14.36 28.36 -32.69
N THR A 469 15.16 28.77 -31.72
CA THR A 469 15.54 30.17 -31.58
C THR A 469 16.16 30.74 -32.87
N GLN A 470 15.60 31.86 -33.33
CA GLN A 470 16.06 32.55 -34.53
C GLN A 470 17.12 33.57 -34.17
N TYR A 471 18.30 33.48 -34.77
CA TYR A 471 19.34 34.43 -34.43
C TYR A 471 20.35 34.63 -35.56
N LYS A 472 21.17 35.65 -35.38
CA LYS A 472 22.23 35.99 -36.32
C LYS A 472 23.52 36.16 -35.52
N GLN A 473 24.63 35.66 -36.06
CA GLN A 473 25.93 35.85 -35.45
C GLN A 473 26.84 36.70 -36.34
N GLU A 474 27.57 37.62 -35.72
CA GLU A 474 28.53 38.49 -36.41
C GLU A 474 29.79 38.71 -35.58
N ALA A 475 30.91 38.90 -36.27
CA ALA A 475 32.10 39.42 -35.59
C ALA A 475 31.84 40.86 -35.19
N ILE A 476 32.28 41.23 -34.00
CA ILE A 476 32.24 42.63 -33.62
C ILE A 476 33.38 43.35 -34.35
N PRO A 477 33.07 44.45 -35.04
CA PRO A 477 34.09 45.15 -35.84
C PRO A 477 35.34 45.51 -35.01
N ASP A 478 36.52 45.36 -35.60
CA ASP A 478 37.77 45.70 -34.90
C ASP A 478 37.79 47.14 -34.39
N ALA A 479 37.16 48.05 -35.13
CA ALA A 479 37.08 49.45 -34.71
C ALA A 479 36.23 49.62 -33.46
N VAL A 480 35.19 48.79 -33.32
CA VAL A 480 34.35 48.84 -32.13
C VAL A 480 35.12 48.32 -30.91
N ILE A 481 35.78 47.19 -31.06
CA ILE A 481 36.65 46.67 -30.01
C ILE A 481 37.65 47.74 -29.57
N ALA A 482 38.32 48.36 -30.54
CA ALA A 482 39.34 49.36 -30.24
C ALA A 482 38.79 50.53 -29.44
N LYS A 483 37.62 51.05 -29.84
CA LYS A 483 37.02 52.13 -29.06
C LYS A 483 36.77 51.69 -27.61
N TRP A 484 36.27 50.47 -27.43
CA TRP A 484 36.01 49.96 -26.08
C TRP A 484 37.33 49.82 -25.30
N GLN A 485 38.38 49.39 -25.99
CA GLN A 485 39.67 49.21 -25.32
C GLN A 485 40.24 50.54 -24.84
N ASN A 486 39.82 51.62 -25.49
CA ASN A 486 40.30 52.96 -25.16
C ASN A 486 39.40 53.71 -24.19
N ALA A 487 38.44 53.02 -23.57
CA ALA A 487 37.58 53.63 -22.56
C ALA A 487 38.38 54.42 -21.51
N ALA A 488 37.98 55.66 -21.30
CA ALA A 488 38.64 56.51 -20.31
C ALA A 488 37.73 56.72 -19.10
N LEU A 489 38.26 57.37 -18.07
CA LEU A 489 37.46 57.62 -16.90
C LEU A 489 36.32 58.60 -17.21
N ASN A 490 35.12 58.22 -16.78
CA ASN A 490 33.92 59.02 -16.94
C ASN A 490 33.58 59.58 -15.57
N GLY A 491 33.48 60.91 -15.46
CA GLY A 491 33.32 61.54 -14.16
C GLY A 491 32.04 61.16 -13.44
N LYS A 492 31.09 60.53 -14.14
CA LYS A 492 29.83 60.13 -13.53
C LYS A 492 29.97 58.87 -12.67
N PHE A 493 31.06 58.14 -12.85
CA PHE A 493 31.24 56.88 -12.12
C PHE A 493 32.11 57.08 -10.88
N LYS A 494 31.56 56.71 -9.73
CA LYS A 494 32.31 56.74 -8.48
C LYS A 494 31.99 55.47 -7.71
N LEU A 495 32.94 55.02 -6.89
CA LEU A 495 32.70 53.92 -5.98
C LEU A 495 31.58 54.29 -5.02
N PRO A 496 30.83 53.29 -4.54
CA PRO A 496 29.83 53.53 -3.49
C PRO A 496 30.51 54.18 -2.30
N THR A 497 29.75 54.89 -1.47
CA THR A 497 30.30 55.34 -0.21
C THR A 497 29.82 54.38 0.86
N LYS A 498 30.29 54.59 2.09
CA LYS A 498 30.02 53.67 3.19
C LYS A 498 28.53 53.45 3.34
N ASN A 499 28.13 52.21 3.53
CA ASN A 499 26.72 51.88 3.63
C ASN A 499 26.17 52.22 5.02
N GLU A 500 25.43 53.32 5.12
CA GLU A 500 24.94 53.76 6.42
C GLU A 500 23.74 52.96 6.94
N PHE A 501 23.23 52.06 6.12
CA PHE A 501 22.10 51.24 6.53
C PHE A 501 22.55 49.97 7.26
N ILE A 502 23.86 49.71 7.27
CA ILE A 502 24.34 48.55 8.01
C ILE A 502 23.86 48.61 9.47
N PRO A 503 23.18 47.55 9.94
CA PRO A 503 22.63 47.61 11.30
C PRO A 503 23.72 47.38 12.35
N THR A 504 23.57 47.97 13.52
CA THR A 504 24.51 47.75 14.60
C THR A 504 23.79 47.45 15.91
N ASN A 505 22.48 47.70 15.94
CA ASN A 505 21.68 47.39 17.13
C ASN A 505 20.92 46.07 17.01
N PHE A 506 21.42 45.03 17.65
CA PHE A 506 20.82 43.70 17.53
C PHE A 506 20.17 43.29 18.83
N GLU A 507 19.95 44.25 19.73
CA GLU A 507 19.32 43.95 21.02
C GLU A 507 17.93 43.35 20.85
N ILE A 508 17.68 42.24 21.56
CA ILE A 508 16.37 41.63 21.56
C ILE A 508 15.62 42.15 22.78
N LEU A 509 14.55 42.90 22.55
CA LEU A 509 13.78 43.48 23.65
C LEU A 509 13.13 42.43 24.50
N PRO A 510 13.16 42.62 25.82
CA PRO A 510 12.51 41.65 26.71
C PRO A 510 11.04 41.51 26.34
N LEU A 511 10.53 40.29 26.47
CA LEU A 511 9.12 40.03 26.23
C LEU A 511 8.26 40.81 27.23
N GLU A 512 7.30 41.59 26.73
CA GLU A 512 6.48 42.41 27.61
C GLU A 512 5.52 41.56 28.44
N ALA A 513 5.22 42.02 29.65
CA ALA A 513 4.30 41.30 30.53
C ALA A 513 2.97 41.00 29.83
N ALA A 514 2.51 41.92 28.99
CA ALA A 514 1.22 41.77 28.34
C ALA A 514 1.31 41.18 26.93
N ALA A 515 2.48 40.64 26.58
CA ALA A 515 2.68 39.99 25.29
C ALA A 515 1.63 38.91 25.07
N THR A 516 1.18 38.74 23.83
CA THR A 516 0.18 37.73 23.49
C THR A 516 0.73 36.71 22.46
N PRO A 517 0.15 35.49 22.42
CA PRO A 517 0.55 34.43 21.47
C PRO A 517 0.11 34.68 20.04
N TYR A 518 -1.02 35.37 19.86
CA TYR A 518 -1.46 35.80 18.53
C TYR A 518 -1.48 37.32 18.43
N PRO A 519 -1.56 37.87 17.20
CA PRO A 519 -1.62 39.34 17.12
C PRO A 519 -2.84 39.85 17.87
N ALA A 520 -2.66 40.98 18.55
CA ALA A 520 -3.73 41.66 19.26
C ALA A 520 -4.10 42.93 18.50
N LEU A 521 -5.38 43.27 18.53
CA LEU A 521 -5.83 44.51 17.93
C LEU A 521 -5.56 45.64 18.92
N ILE A 522 -4.54 46.44 18.68
CA ILE A 522 -4.14 47.44 19.66
C ILE A 522 -4.55 48.86 19.26
N LYS A 523 -5.15 49.00 18.09
CA LYS A 523 -5.69 50.28 17.66
C LYS A 523 -6.82 50.01 16.68
N ASP A 524 -7.95 50.68 16.85
CA ASP A 524 -9.11 50.41 16.02
C ASP A 524 -9.84 51.73 15.80
N THR A 525 -9.38 52.49 14.80
CA THR A 525 -9.87 53.84 14.59
C THR A 525 -10.41 53.99 13.17
N ALA A 526 -11.01 55.12 12.89
CA ALA A 526 -11.49 55.39 11.53
C ALA A 526 -10.36 55.25 10.50
N MET A 527 -9.18 55.74 10.86
CA MET A 527 -8.07 55.75 9.92
C MET A 527 -7.34 54.40 9.85
N SER A 528 -7.23 53.72 10.99
CA SER A 528 -6.34 52.57 11.03
C SER A 528 -6.73 51.46 11.99
N LYS A 529 -6.39 50.24 11.59
CA LYS A 529 -6.58 49.05 12.40
C LYS A 529 -5.19 48.42 12.54
N LEU A 530 -4.73 48.23 13.76
CA LEU A 530 -3.34 47.84 14.00
C LEU A 530 -3.30 46.54 14.79
N TRP A 531 -2.81 45.50 14.13
CA TRP A 531 -2.61 44.19 14.75
C TRP A 531 -1.13 44.07 15.13
N PHE A 532 -0.85 43.67 16.35
CA PHE A 532 0.52 43.69 16.83
C PHE A 532 0.85 42.41 17.57
N LYS A 533 2.06 41.90 17.33
CA LYS A 533 2.58 40.81 18.13
C LYS A 533 4.09 40.92 18.27
N GLN A 534 4.55 41.02 19.51
CA GLN A 534 5.97 40.95 19.78
C GLN A 534 6.42 39.49 19.63
N ASP A 535 7.44 39.25 18.81
CA ASP A 535 7.96 37.89 18.59
C ASP A 535 8.25 37.14 19.91
N ASP A 536 7.72 35.93 20.04
CA ASP A 536 7.93 35.15 21.26
C ASP A 536 8.56 33.81 20.95
N LYS A 537 9.13 33.68 19.74
CA LYS A 537 9.58 32.38 19.22
C LYS A 537 10.99 32.42 18.67
N PHE A 538 11.29 33.41 17.85
CA PHE A 538 12.50 33.32 17.02
C PHE A 538 13.68 34.08 17.61
N PHE A 539 13.37 35.23 18.20
CA PHE A 539 14.35 36.01 18.95
C PHE A 539 15.56 36.45 18.12
N LEU A 540 15.31 36.77 16.83
CA LEU A 540 16.28 37.45 15.99
C LEU A 540 15.91 38.94 15.91
N PRO A 541 16.89 39.82 15.63
CA PRO A 541 16.67 41.29 15.67
C PRO A 541 16.06 41.77 14.35
N LYS A 542 14.84 41.32 14.07
CA LYS A 542 14.18 41.63 12.81
C LYS A 542 12.72 41.88 13.08
N ALA A 543 12.04 42.56 12.15
CA ALA A 543 10.59 42.68 12.27
C ALA A 543 9.96 42.77 10.88
N ASN A 544 8.70 42.39 10.79
CA ASN A 544 7.92 42.56 9.57
C ASN A 544 6.82 43.61 9.83
N LEU A 545 6.73 44.61 8.95
CA LEU A 545 5.75 45.70 9.08
C LEU A 545 4.93 45.64 7.80
N ASN A 546 3.73 45.09 7.88
CA ASN A 546 2.83 44.97 6.73
C ASN A 546 1.65 45.94 6.83
N PHE A 547 1.33 46.61 5.72
CA PHE A 547 0.28 47.63 5.67
C PHE A 547 -0.57 47.38 4.42
N GLU A 548 -1.88 47.26 4.62
CA GLU A 548 -2.81 47.37 3.49
C GLU A 548 -3.45 48.77 3.52
N PHE A 549 -3.27 49.52 2.44
CA PHE A 549 -3.92 50.82 2.29
C PHE A 549 -5.18 50.64 1.45
N PHE A 550 -6.33 50.92 2.02
CA PHE A 550 -7.58 50.75 1.28
C PHE A 550 -7.99 52.04 0.61
N SER A 551 -8.29 51.98 -0.69
CA SER A 551 -8.91 53.07 -1.42
C SER A 551 -9.67 52.61 -2.67
N PRO A 552 -10.91 53.07 -2.83
CA PRO A 552 -11.80 52.78 -3.96
C PRO A 552 -11.20 53.21 -5.28
N PHE A 553 -10.33 54.22 -5.25
CA PHE A 553 -9.77 54.77 -6.48
C PHE A 553 -8.59 54.02 -7.09
N ALA A 554 -8.14 52.95 -6.42
CA ALA A 554 -7.08 52.14 -7.01
C ALA A 554 -7.61 51.17 -8.07
N TYR A 555 -8.92 50.88 -8.03
CA TYR A 555 -9.47 49.86 -8.92
C TYR A 555 -10.84 50.23 -9.53
N VAL A 556 -11.23 51.50 -9.40
CA VAL A 556 -12.55 51.94 -9.83
C VAL A 556 -12.80 51.71 -11.33
N ASP A 557 -11.79 51.90 -12.15
CA ASP A 557 -11.89 51.52 -13.55
C ASP A 557 -10.50 51.11 -14.06
N PRO A 558 -10.41 50.59 -15.29
CA PRO A 558 -9.10 50.20 -15.82
C PRO A 558 -8.11 51.35 -15.81
N LEU A 559 -8.55 52.57 -16.15
CA LEU A 559 -7.64 53.71 -16.15
C LEU A 559 -6.98 53.92 -14.78
N HIS A 560 -7.80 53.90 -13.73
CA HIS A 560 -7.27 54.10 -12.37
C HIS A 560 -6.40 52.94 -11.91
N SER A 561 -6.76 51.73 -12.29
CA SER A 561 -5.93 50.57 -11.95
C SER A 561 -4.56 50.75 -12.62
N ASN A 562 -4.55 51.20 -13.88
CA ASN A 562 -3.28 51.48 -14.57
C ASN A 562 -2.48 52.56 -13.84
N MET A 563 -3.19 53.58 -13.36
CA MET A 563 -2.50 54.70 -12.74
C MET A 563 -1.93 54.30 -11.38
N ALA A 564 -2.68 53.51 -10.62
CA ALA A 564 -2.18 53.00 -9.35
C ALA A 564 -0.88 52.21 -9.59
N TYR A 565 -0.89 51.34 -10.60
CA TYR A 565 0.30 50.58 -10.95
C TYR A 565 1.46 51.50 -11.32
N LEU A 566 1.22 52.44 -12.22
CA LEU A 566 2.29 53.29 -12.70
C LEU A 566 2.86 54.15 -11.59
N TYR A 567 1.99 54.64 -10.72
CA TYR A 567 2.39 55.48 -9.61
C TYR A 567 3.41 54.73 -8.74
N LEU A 568 3.06 53.52 -8.34
CA LEU A 568 3.96 52.74 -7.48
C LEU A 568 5.25 52.27 -8.19
N GLU A 569 5.17 51.94 -9.48
CA GLU A 569 6.39 51.59 -10.22
C GLU A 569 7.32 52.78 -10.29
N LEU A 570 6.72 53.95 -10.55
CA LEU A 570 7.49 55.19 -10.63
C LEU A 570 8.12 55.54 -9.29
N LEU A 571 7.37 55.27 -8.23
CA LEU A 571 7.83 55.55 -6.87
C LEU A 571 9.03 54.66 -6.50
N LYS A 572 8.89 53.36 -6.77
CA LYS A 572 9.98 52.42 -6.53
C LYS A 572 11.21 52.76 -7.39
N ASP A 573 10.97 53.11 -8.64
CA ASP A 573 12.07 53.51 -9.53
C ASP A 573 12.84 54.71 -8.96
N SER A 574 12.08 55.67 -8.43
CA SER A 574 12.64 56.87 -7.84
C SER A 574 13.41 56.63 -6.54
N LEU A 575 12.92 55.72 -5.71
CA LEU A 575 13.59 55.39 -4.43
C LEU A 575 14.75 54.40 -4.58
N ASN A 576 14.89 53.82 -5.75
CA ASN A 576 15.78 52.67 -5.91
C ASN A 576 17.22 52.93 -5.45
N GLU A 577 17.77 54.05 -5.91
CA GLU A 577 19.13 54.40 -5.55
C GLU A 577 19.32 54.46 -4.05
N TYR A 578 18.35 55.05 -3.35
CA TYR A 578 18.44 55.18 -1.92
C TYR A 578 18.19 53.84 -1.21
N ALA A 579 17.22 53.08 -1.71
CA ALA A 579 16.79 51.87 -1.05
C ALA A 579 17.78 50.70 -1.27
N TYR A 580 18.65 50.82 -2.27
CA TYR A 580 19.52 49.70 -2.62
C TYR A 580 20.49 49.43 -1.47
N ALA A 581 20.99 50.49 -0.85
CA ALA A 581 21.90 50.30 0.30
C ALA A 581 21.19 49.56 1.44
N ALA A 582 19.94 49.92 1.72
CA ALA A 582 19.17 49.20 2.75
C ALA A 582 19.01 47.71 2.40
N GLU A 583 18.70 47.42 1.14
CA GLU A 583 18.53 46.03 0.70
C GLU A 583 19.81 45.19 0.92
N LEU A 584 20.95 45.71 0.52
CA LEU A 584 22.24 45.06 0.84
C LEU A 584 22.43 44.82 2.33
N ALA A 585 21.88 45.72 3.15
CA ALA A 585 21.99 45.69 4.60
C ALA A 585 20.86 44.90 5.26
N GLY A 586 20.18 44.07 4.47
CA GLY A 586 19.20 43.17 5.03
C GLY A 586 17.87 43.83 5.39
N LEU A 587 17.54 44.92 4.71
CA LEU A 587 16.31 45.66 4.99
C LEU A 587 15.62 45.90 3.66
N SER A 588 14.51 45.20 3.42
CA SER A 588 13.88 45.31 2.12
C SER A 588 12.42 45.74 2.23
N TYR A 589 11.86 46.15 1.12
CA TYR A 589 10.43 46.46 1.10
C TYR A 589 9.78 46.00 -0.20
N ASP A 590 8.47 45.77 -0.12
CA ASP A 590 7.67 45.38 -1.28
C ASP A 590 6.55 46.42 -1.30
N LEU A 591 6.25 46.98 -2.48
CA LEU A 591 5.22 48.01 -2.60
C LEU A 591 4.45 47.78 -3.90
N GLN A 592 3.15 47.58 -3.80
CA GLN A 592 2.40 47.27 -5.01
C GLN A 592 0.94 47.64 -4.92
N ASN A 593 0.33 47.86 -6.08
CA ASN A 593 -1.07 48.21 -6.11
C ASN A 593 -1.87 46.92 -6.04
N THR A 594 -3.08 46.99 -5.50
CA THR A 594 -3.89 45.81 -5.36
C THR A 594 -5.28 46.16 -5.87
N ILE A 595 -6.20 45.20 -5.85
CA ILE A 595 -7.56 45.49 -6.27
C ILE A 595 -8.30 46.32 -5.23
N TYR A 596 -7.71 46.53 -4.06
CA TYR A 596 -8.38 47.32 -3.02
C TYR A 596 -7.64 48.61 -2.65
N GLY A 597 -6.49 48.84 -3.27
CA GLY A 597 -5.67 49.97 -2.88
C GLY A 597 -4.20 49.68 -3.08
N MET A 598 -3.45 49.66 -1.98
CA MET A 598 -2.01 49.47 -2.00
C MET A 598 -1.56 48.51 -0.89
N TYR A 599 -0.46 47.82 -1.16
CA TYR A 599 0.17 46.94 -0.18
C TYR A 599 1.62 47.33 -0.01
N LEU A 600 2.05 47.50 1.25
CA LEU A 600 3.43 47.83 1.59
C LEU A 600 3.93 46.86 2.67
N SER A 601 5.07 46.21 2.43
CA SER A 601 5.69 45.42 3.49
C SER A 601 7.17 45.79 3.63
N VAL A 602 7.61 46.09 4.85
CA VAL A 602 9.01 46.37 5.10
C VAL A 602 9.47 45.25 6.03
N LYS A 603 10.59 44.62 5.68
CA LYS A 603 11.07 43.42 6.40
C LYS A 603 12.57 43.45 6.62
N GLY A 604 13.06 42.78 7.66
CA GLY A 604 14.48 42.68 7.89
C GLY A 604 14.90 43.19 9.26
N TYR A 605 16.18 43.52 9.42
CA TYR A 605 16.66 43.99 10.73
C TYR A 605 15.88 45.21 11.16
N ASN A 606 15.43 45.19 12.42
CA ASN A 606 14.55 46.25 12.91
C ASN A 606 15.29 47.56 13.11
N ASP A 607 16.59 47.49 13.33
CA ASP A 607 17.40 48.68 13.68
C ASP A 607 17.04 49.94 12.88
N LYS A 608 17.27 49.91 11.57
CA LYS A 608 17.11 51.09 10.74
C LYS A 608 15.76 51.11 9.99
N GLN A 609 14.94 50.12 10.30
CA GLN A 609 13.66 49.95 9.64
C GLN A 609 12.75 51.19 9.64
N PRO A 610 12.63 51.88 10.80
CA PRO A 610 11.75 53.06 10.78
C PRO A 610 12.26 54.17 9.87
N ILE A 611 13.56 54.20 9.61
CA ILE A 611 14.11 55.20 8.71
C ILE A 611 13.67 54.96 7.27
N LEU A 612 13.77 53.71 6.82
CA LEU A 612 13.34 53.35 5.49
C LEU A 612 11.84 53.56 5.34
N LEU A 613 11.08 53.12 6.34
CA LEU A 613 9.62 53.23 6.29
C LEU A 613 9.21 54.69 6.16
N LYS A 614 9.79 55.54 6.99
CA LYS A 614 9.45 56.96 6.97
C LYS A 614 9.72 57.52 5.59
N LYS A 615 10.88 57.18 5.02
CA LYS A 615 11.25 57.68 3.71
C LYS A 615 10.24 57.25 2.64
N ILE A 616 9.76 56.01 2.72
CA ILE A 616 8.83 55.51 1.71
C ILE A 616 7.52 56.30 1.78
N ILE A 617 6.99 56.45 2.99
CA ILE A 617 5.70 57.11 3.15
C ILE A 617 5.82 58.57 2.74
N GLU A 618 6.91 59.21 3.15
CA GLU A 618 7.12 60.61 2.81
C GLU A 618 7.15 60.76 1.28
N LYS A 619 7.92 59.90 0.64
CA LYS A 619 8.06 59.93 -0.82
C LYS A 619 6.72 59.68 -1.52
N MET A 620 5.96 58.73 -0.99
CA MET A 620 4.61 58.45 -1.44
C MET A 620 3.78 59.75 -1.46
N ALA A 621 3.84 60.49 -0.37
CA ALA A 621 2.89 61.59 -0.13
C ALA A 621 3.33 62.94 -0.71
N THR A 622 4.53 62.99 -1.29
CA THR A 622 5.08 64.24 -1.81
C THR A 622 5.66 63.97 -3.18
N PHE A 623 5.19 62.90 -3.80
CA PHE A 623 5.82 62.41 -5.01
C PHE A 623 5.78 63.39 -6.18
N GLU A 624 6.94 63.61 -6.78
CA GLU A 624 7.03 64.38 -8.03
C GLU A 624 7.56 63.48 -9.13
N ILE A 625 6.77 63.34 -10.19
CA ILE A 625 7.06 62.45 -11.30
C ILE A 625 8.04 63.06 -12.30
N ASP A 626 9.06 62.30 -12.67
CA ASP A 626 9.94 62.68 -13.77
C ASP A 626 9.32 62.21 -15.08
N GLU A 627 9.13 63.15 -16.01
CA GLU A 627 8.41 62.84 -17.23
C GLU A 627 9.07 61.75 -18.06
N ALA A 628 10.40 61.77 -18.11
CA ALA A 628 11.13 60.78 -18.90
C ALA A 628 10.96 59.37 -18.32
N ARG A 629 11.08 59.24 -16.99
CA ARG A 629 10.80 57.97 -16.32
C ARG A 629 9.36 57.50 -16.60
N PHE A 630 8.42 58.42 -16.49
CA PHE A 630 7.01 58.13 -16.78
C PHE A 630 6.79 57.46 -18.15
N GLU A 631 7.38 58.03 -19.21
CA GLU A 631 7.15 57.51 -20.56
C GLU A 631 7.81 56.15 -20.73
N ILE A 632 8.98 56.00 -20.14
CA ILE A 632 9.73 54.75 -20.23
C ILE A 632 8.98 53.64 -19.51
N ILE A 633 8.54 53.93 -18.30
CA ILE A 633 7.81 52.94 -17.51
C ILE A 633 6.44 52.63 -18.09
N LYS A 634 5.80 53.63 -18.70
CA LYS A 634 4.55 53.37 -19.40
C LYS A 634 4.73 52.40 -20.57
N GLU A 635 5.79 52.60 -21.35
CA GLU A 635 6.06 51.74 -22.50
C GLU A 635 6.35 50.31 -22.03
N ALA A 636 7.12 50.15 -20.96
CA ALA A 636 7.44 48.83 -20.43
C ALA A 636 6.17 48.13 -19.95
N TYR A 637 5.27 48.89 -19.33
CA TYR A 637 4.04 48.33 -18.81
C TYR A 637 3.10 47.89 -19.94
N MET A 638 3.05 48.68 -21.00
CA MET A 638 2.27 48.27 -22.18
C MET A 638 2.78 46.93 -22.69
N ARG A 639 4.09 46.78 -22.74
CA ARG A 639 4.67 45.53 -23.23
C ARG A 639 4.37 44.37 -22.29
N SER A 640 4.44 44.64 -20.99
CA SER A 640 4.11 43.62 -19.99
C SER A 640 2.67 43.08 -20.14
N LEU A 641 1.73 43.98 -20.43
CA LEU A 641 0.36 43.58 -20.67
C LEU A 641 0.23 42.76 -21.95
N ASN A 642 0.86 43.23 -23.03
CA ASN A 642 0.89 42.48 -24.28
C ASN A 642 1.53 41.10 -24.08
N ASN A 643 2.63 41.06 -23.33
CA ASN A 643 3.38 39.82 -23.13
C ASN A 643 2.59 38.71 -22.41
N PHE A 644 1.49 39.05 -21.76
CA PHE A 644 0.68 37.99 -21.15
C PHE A 644 0.30 36.95 -22.19
N ARG A 645 0.18 37.35 -23.45
CA ARG A 645 -0.21 36.41 -24.49
C ARG A 645 0.77 35.23 -24.61
N ALA A 646 2.00 35.41 -24.13
CA ALA A 646 3.03 34.38 -24.25
C ALA A 646 3.21 33.57 -22.96
N GLU A 647 2.40 33.84 -21.95
CA GLU A 647 2.40 32.95 -20.79
C GLU A 647 1.84 31.56 -21.14
N GLN A 648 2.05 30.59 -20.27
CA GLN A 648 1.65 29.22 -20.54
C GLN A 648 0.14 29.05 -20.52
N PRO A 649 -0.36 28.06 -21.27
CA PRO A 649 -1.79 27.71 -21.32
C PRO A 649 -2.43 27.53 -19.93
N HIS A 650 -1.74 26.85 -19.00
CA HIS A 650 -2.35 26.67 -17.68
C HIS A 650 -2.44 27.99 -16.90
N GLN A 651 -1.51 28.91 -17.16
CA GLN A 651 -1.54 30.21 -16.51
C GLN A 651 -2.70 31.01 -17.10
N HIS A 652 -2.89 30.90 -18.41
CA HIS A 652 -4.07 31.47 -19.04
C HIS A 652 -5.36 30.96 -18.38
N ALA A 653 -5.45 29.66 -18.19
CA ALA A 653 -6.69 29.06 -17.68
C ALA A 653 -7.02 29.61 -16.29
N MET A 654 -6.01 29.73 -15.44
CA MET A 654 -6.20 30.26 -14.09
C MET A 654 -6.63 31.73 -14.13
N TYR A 655 -6.00 32.50 -15.00
CA TYR A 655 -6.36 33.90 -15.18
C TYR A 655 -7.83 34.05 -15.60
N TYR A 656 -8.24 33.34 -16.65
CA TYR A 656 -9.66 33.39 -17.08
C TYR A 656 -10.65 32.99 -15.98
N LEU A 657 -10.29 31.95 -15.21
CA LEU A 657 -11.17 31.52 -14.13
C LEU A 657 -11.32 32.62 -13.08
N ARG A 658 -10.21 33.27 -12.75
CA ARG A 658 -10.23 34.39 -11.82
C ARG A 658 -11.18 35.49 -12.32
N LEU A 659 -11.05 35.88 -13.59
CA LEU A 659 -11.94 36.90 -14.15
C LEU A 659 -13.41 36.48 -14.09
N LEU A 660 -13.66 35.22 -14.38
CA LEU A 660 -15.02 34.69 -14.42
C LEU A 660 -15.70 34.70 -13.06
N MET A 661 -14.96 34.37 -12.01
CA MET A 661 -15.59 34.02 -10.76
C MET A 661 -15.61 35.18 -9.76
N THR A 662 -14.91 36.27 -10.07
CA THR A 662 -14.80 37.40 -9.15
C THR A 662 -15.71 38.55 -9.57
N GLU A 663 -16.33 39.19 -8.59
CA GLU A 663 -17.31 40.23 -8.84
C GLU A 663 -16.77 41.31 -9.79
N VAL A 664 -15.62 41.87 -9.46
CA VAL A 664 -15.02 42.89 -10.31
C VAL A 664 -13.60 42.50 -10.69
N ALA A 665 -13.28 42.59 -11.98
CA ALA A 665 -11.94 42.30 -12.46
C ALA A 665 -11.76 42.88 -13.86
N TRP A 666 -10.78 43.77 -14.02
CA TRP A 666 -10.47 44.29 -15.34
C TRP A 666 -9.54 43.32 -16.08
N THR A 667 -9.84 43.06 -17.35
CA THR A 667 -8.98 42.20 -18.17
C THR A 667 -7.73 42.93 -18.64
N LYS A 668 -6.72 42.18 -19.09
CA LYS A 668 -5.50 42.74 -19.69
C LYS A 668 -5.85 43.58 -20.90
N ASP A 669 -6.83 43.13 -21.68
CA ASP A 669 -7.26 43.89 -22.85
C ASP A 669 -7.83 45.26 -22.43
N GLU A 670 -8.66 45.25 -21.40
CA GLU A 670 -9.23 46.51 -20.90
C GLU A 670 -8.15 47.43 -20.33
N LEU A 671 -7.24 46.89 -19.53
CA LEU A 671 -6.10 47.69 -19.04
C LEU A 671 -5.28 48.28 -20.19
N LYS A 672 -4.95 47.48 -21.19
CA LYS A 672 -4.06 48.05 -22.21
C LYS A 672 -4.79 49.06 -23.09
N GLU A 673 -6.08 48.86 -23.28
CA GLU A 673 -6.91 49.83 -23.98
C GLU A 673 -6.89 51.19 -23.24
N ALA A 674 -7.09 51.15 -21.93
CA ALA A 674 -7.09 52.39 -21.14
C ALA A 674 -5.70 53.01 -20.93
N LEU A 675 -4.64 52.25 -21.19
CA LEU A 675 -3.29 52.75 -20.95
C LEU A 675 -2.92 53.96 -21.83
N ALA A 676 -3.37 53.96 -23.08
CA ALA A 676 -3.08 55.08 -23.97
C ALA A 676 -3.65 56.39 -23.41
N ASP A 677 -4.69 56.30 -22.59
CA ASP A 677 -5.30 57.48 -22.01
C ASP A 677 -4.60 58.00 -20.76
N VAL A 678 -3.55 57.30 -20.32
CA VAL A 678 -2.83 57.75 -19.14
C VAL A 678 -1.80 58.80 -19.55
N THR A 679 -2.05 60.04 -19.19
CA THR A 679 -1.13 61.12 -19.52
C THR A 679 -0.47 61.59 -18.24
N LEU A 680 0.63 62.32 -18.35
CA LEU A 680 1.32 62.83 -17.17
C LEU A 680 0.39 63.69 -16.28
N PRO A 681 -0.30 64.67 -16.87
CA PRO A 681 -1.22 65.48 -16.04
C PRO A 681 -2.27 64.63 -15.33
N ARG A 682 -2.80 63.64 -16.01
CA ARG A 682 -3.79 62.77 -15.41
C ARG A 682 -3.21 61.99 -14.22
N LEU A 683 -2.02 61.43 -14.38
CA LEU A 683 -1.38 60.70 -13.28
C LEU A 683 -1.07 61.65 -12.12
N LYS A 684 -0.59 62.85 -12.45
CA LYS A 684 -0.35 63.86 -11.40
C LYS A 684 -1.61 64.16 -10.60
N ALA A 685 -2.77 64.15 -11.25
CA ALA A 685 -4.03 64.45 -10.54
C ALA A 685 -4.50 63.24 -9.73
N PHE A 686 -4.22 62.05 -10.23
CA PHE A 686 -4.69 60.82 -9.61
C PHE A 686 -4.09 60.61 -8.21
N ILE A 687 -2.79 60.91 -8.07
CA ILE A 687 -2.11 60.59 -6.82
C ILE A 687 -2.73 61.26 -5.58
N PRO A 688 -2.90 62.60 -5.60
CA PRO A 688 -3.54 63.22 -4.44
C PRO A 688 -4.95 62.68 -4.18
N GLN A 689 -5.69 62.31 -5.22
CA GLN A 689 -7.03 61.74 -5.03
C GLN A 689 -6.95 60.37 -4.37
N LEU A 690 -6.05 59.52 -4.86
CA LEU A 690 -5.83 58.20 -4.24
C LEU A 690 -5.55 58.33 -2.73
N LEU A 691 -4.68 59.27 -2.38
CA LEU A 691 -4.25 59.42 -0.98
C LEU A 691 -5.20 60.26 -0.12
N SER A 692 -6.22 60.87 -0.73
CA SER A 692 -7.08 61.81 0.01
C SER A 692 -7.93 61.13 1.09
N ARG A 693 -8.27 59.87 0.85
CA ARG A 693 -9.05 59.09 1.80
C ARG A 693 -8.59 57.65 1.79
N LEU A 694 -8.20 57.17 2.95
CA LEU A 694 -7.64 55.83 3.08
C LEU A 694 -8.06 55.22 4.40
N HIS A 695 -8.03 53.89 4.41
CA HIS A 695 -8.04 53.17 5.66
C HIS A 695 -6.82 52.24 5.64
N ILE A 696 -6.14 52.12 6.77
CA ILE A 696 -4.88 51.37 6.84
C ILE A 696 -5.06 50.24 7.83
N GLU A 697 -4.85 49.01 7.39
CA GLU A 697 -4.86 47.87 8.30
C GLU A 697 -3.45 47.25 8.27
N ALA A 698 -2.88 47.07 9.45
CA ALA A 698 -1.46 46.73 9.54
C ALA A 698 -1.20 45.54 10.46
N LEU A 699 -0.14 44.81 10.18
CA LEU A 699 0.37 43.79 11.09
C LEU A 699 1.85 44.13 11.32
N LEU A 700 2.18 44.47 12.55
CA LEU A 700 3.56 44.76 12.95
C LEU A 700 3.96 43.64 13.89
N HIS A 701 4.96 42.86 13.49
CA HIS A 701 5.27 41.58 14.12
C HIS A 701 6.77 41.38 14.12
N GLY A 702 7.36 41.15 15.28
CA GLY A 702 8.80 40.95 15.36
C GLY A 702 9.44 41.50 16.62
N ASN A 703 10.69 41.90 16.51
CA ASN A 703 11.45 42.42 17.64
C ASN A 703 11.11 43.91 17.87
N ILE A 704 9.89 44.17 18.33
CA ILE A 704 9.39 45.52 18.57
C ILE A 704 8.40 45.49 19.74
N THR A 705 8.34 46.58 20.50
CA THR A 705 7.39 46.72 21.61
C THR A 705 6.05 47.30 21.15
N LYS A 706 5.04 47.20 22.01
CA LYS A 706 3.73 47.77 21.72
C LYS A 706 3.83 49.27 21.43
N GLN A 707 4.63 49.97 22.24
CA GLN A 707 4.79 51.42 22.09
C GLN A 707 5.52 51.79 20.80
N ALA A 708 6.51 50.99 20.43
CA ALA A 708 7.18 51.24 19.17
C ALA A 708 6.21 50.97 18.02
N ALA A 709 5.39 49.93 18.15
CA ALA A 709 4.43 49.59 17.10
C ALA A 709 3.40 50.72 16.91
N LEU A 710 2.84 51.19 18.01
CA LEU A 710 1.87 52.27 17.96
C LEU A 710 2.51 53.50 17.35
N GLY A 711 3.79 53.73 17.64
CA GLY A 711 4.49 54.88 17.12
C GLY A 711 4.79 54.78 15.63
N ILE A 712 5.15 53.59 15.18
CA ILE A 712 5.36 53.37 13.75
C ILE A 712 4.05 53.61 12.99
N MET A 713 2.96 53.04 13.49
CA MET A 713 1.66 53.21 12.82
C MET A 713 1.29 54.70 12.75
N GLN A 714 1.42 55.42 13.87
CA GLN A 714 1.01 56.83 13.89
C GLN A 714 1.94 57.71 13.07
N MET A 715 3.22 57.34 13.00
CA MET A 715 4.16 58.00 12.08
C MET A 715 3.67 57.88 10.63
N VAL A 716 3.29 56.68 10.23
CA VAL A 716 2.74 56.53 8.89
C VAL A 716 1.50 57.41 8.69
N GLU A 717 0.56 57.35 9.62
CA GLU A 717 -0.63 58.20 9.51
C GLU A 717 -0.29 59.68 9.46
N ASP A 718 0.51 60.15 10.44
CA ASP A 718 0.87 61.57 10.51
C ASP A 718 1.55 62.06 9.23
N THR A 719 2.37 61.21 8.64
CA THR A 719 3.06 61.57 7.41
C THR A 719 2.06 61.79 6.25
N LEU A 720 1.09 60.87 6.12
CA LEU A 720 0.07 61.04 5.08
C LEU A 720 -0.82 62.27 5.39
N ILE A 721 -1.23 62.42 6.64
CA ILE A 721 -2.02 63.57 7.03
C ILE A 721 -1.28 64.89 6.70
N GLU A 722 -0.04 65.00 7.15
CA GLU A 722 0.76 66.19 6.87
C GLU A 722 0.83 66.53 5.38
N HIS A 723 1.24 65.57 4.55
CA HIS A 723 1.59 65.88 3.18
C HIS A 723 0.48 65.62 2.16
N ALA A 724 -0.47 64.76 2.51
CA ALA A 724 -1.53 64.42 1.55
C ALA A 724 -2.91 64.78 2.06
N HIS A 725 -2.99 65.25 3.30
CA HIS A 725 -4.24 65.67 3.92
C HIS A 725 -5.21 64.53 3.97
N THR A 726 -4.68 63.35 4.24
CA THR A 726 -5.48 62.15 4.23
C THR A 726 -6.55 62.18 5.32
N LYS A 727 -7.75 61.79 4.94
CA LYS A 727 -8.83 61.60 5.88
C LYS A 727 -9.28 60.14 5.80
N PRO A 728 -9.98 59.67 6.84
CA PRO A 728 -10.42 58.28 6.94
C PRO A 728 -11.55 57.96 5.97
N LEU A 729 -11.55 56.74 5.40
CA LEU A 729 -12.70 56.22 4.66
C LEU A 729 -13.89 55.93 5.58
N LEU A 730 -15.08 55.84 5.00
CA LEU A 730 -16.24 55.38 5.74
C LEU A 730 -16.21 53.87 5.79
N PRO A 731 -16.72 53.29 6.89
CA PRO A 731 -16.72 51.84 7.05
C PRO A 731 -17.43 51.14 5.90
N SER A 732 -18.49 51.75 5.38
CA SER A 732 -19.24 51.15 4.27
C SER A 732 -18.40 51.04 3.00
N GLN A 733 -17.39 51.90 2.86
CA GLN A 733 -16.56 51.85 1.66
C GLN A 733 -15.50 50.76 1.70
N LEU A 734 -15.42 50.04 2.82
CA LEU A 734 -14.39 49.02 2.92
C LEU A 734 -14.96 47.74 2.32
N ALA A 735 -15.27 47.79 1.03
CA ALA A 735 -15.96 46.72 0.34
C ALA A 735 -14.98 45.65 -0.13
N ALA A 736 -15.25 44.40 0.20
CA ALA A 736 -14.53 43.28 -0.41
C ALA A 736 -15.38 42.67 -1.52
N TYR A 737 -14.73 42.13 -2.55
CA TYR A 737 -15.44 41.57 -3.70
C TYR A 737 -15.99 40.16 -3.42
N ARG A 738 -17.07 39.78 -4.12
CA ARG A 738 -17.72 38.49 -3.87
C ARG A 738 -17.41 37.49 -4.99
N GLU A 739 -17.60 36.20 -4.72
CA GLU A 739 -17.51 35.21 -5.79
C GLU A 739 -18.90 34.90 -6.35
N VAL A 740 -18.96 34.72 -7.67
CA VAL A 740 -20.17 34.32 -8.38
C VAL A 740 -20.69 32.99 -7.84
N GLN A 741 -22.01 32.91 -7.61
CA GLN A 741 -22.61 31.70 -7.09
C GLN A 741 -23.19 30.85 -8.21
N LEU A 742 -22.55 29.71 -8.47
CA LEU A 742 -23.01 28.79 -9.51
C LEU A 742 -24.27 28.02 -9.10
N PRO A 743 -25.15 27.73 -10.08
CA PRO A 743 -26.40 27.00 -9.82
C PRO A 743 -26.17 25.51 -9.57
N ASP A 744 -27.00 24.93 -8.70
CA ASP A 744 -27.02 23.47 -8.55
C ASP A 744 -27.12 22.79 -9.91
N ARG A 745 -26.25 21.80 -10.12
CA ARG A 745 -26.21 20.98 -11.33
C ARG A 745 -25.71 21.70 -12.58
N GLY A 746 -25.24 22.93 -12.42
CA GLY A 746 -24.76 23.67 -13.58
C GLY A 746 -23.38 23.23 -14.06
N TRP A 747 -23.17 23.32 -15.37
CA TRP A 747 -21.84 23.21 -15.97
C TRP A 747 -21.63 24.28 -17.03
N PHE A 748 -20.67 25.16 -16.79
CA PHE A 748 -20.28 26.19 -17.75
C PHE A 748 -18.85 25.95 -18.24
N VAL A 749 -18.63 26.25 -19.51
CA VAL A 749 -17.30 26.19 -20.13
C VAL A 749 -16.97 27.53 -20.77
N TYR A 750 -15.77 28.03 -20.50
CA TYR A 750 -15.26 29.19 -21.21
C TYR A 750 -14.05 28.72 -22.01
N GLN A 751 -14.02 29.08 -23.28
CA GLN A 751 -12.97 28.58 -24.18
C GLN A 751 -12.21 29.72 -24.84
N GLN A 752 -10.88 29.61 -24.81
CA GLN A 752 -9.99 30.57 -25.46
C GLN A 752 -8.86 29.81 -26.11
N ARG A 753 -7.99 30.53 -26.80
CA ARG A 753 -6.85 29.92 -27.46
C ARG A 753 -5.57 30.61 -27.01
N ASN A 754 -4.53 29.82 -26.75
CA ASN A 754 -3.20 30.34 -26.57
C ASN A 754 -2.48 30.43 -27.92
N GLU A 755 -2.02 31.61 -28.27
CA GLU A 755 -1.51 31.85 -29.62
C GLU A 755 -0.03 31.54 -29.78
N VAL A 756 0.62 31.21 -28.68
CA VAL A 756 2.07 31.07 -28.65
C VAL A 756 2.48 29.62 -28.44
N HIS A 757 1.85 28.95 -27.47
CA HIS A 757 2.23 27.61 -27.07
C HIS A 757 1.38 26.57 -27.78
N ASN A 758 2.00 25.46 -28.17
CA ASN A 758 1.23 24.40 -28.80
C ASN A 758 0.90 23.27 -27.83
N ASN A 759 0.46 23.65 -26.64
CA ASN A 759 -0.18 22.74 -25.70
C ASN A 759 -1.49 23.41 -25.28
N SER A 760 -2.46 22.62 -24.83
CA SER A 760 -3.65 23.18 -24.23
C SER A 760 -3.52 23.28 -22.71
N GLY A 761 -4.41 24.05 -22.10
CA GLY A 761 -4.48 24.15 -20.66
C GLY A 761 -5.93 23.98 -20.21
N ILE A 762 -6.14 23.43 -19.03
CA ILE A 762 -7.50 23.36 -18.50
C ILE A 762 -7.46 23.67 -17.02
N GLU A 763 -8.45 24.44 -16.56
CA GLU A 763 -8.76 24.44 -15.14
C GLU A 763 -10.22 24.05 -14.94
N ILE A 764 -10.46 23.06 -14.08
CA ILE A 764 -11.80 22.64 -13.71
C ILE A 764 -12.04 22.99 -12.25
N TYR A 765 -13.14 23.68 -11.99
CA TYR A 765 -13.43 24.13 -10.64
C TYR A 765 -14.76 23.58 -10.17
N TYR A 766 -14.76 22.75 -9.13
CA TYR A 766 -16.01 22.27 -8.55
C TYR A 766 -16.29 23.12 -7.30
N GLN A 767 -17.10 24.16 -7.47
CA GLN A 767 -17.40 25.05 -6.38
C GLN A 767 -18.23 24.32 -5.32
N THR A 768 -17.84 24.43 -4.05
CA THR A 768 -18.59 23.75 -3.01
C THR A 768 -19.46 24.77 -2.28
N ASP A 769 -18.90 25.46 -1.29
CA ASP A 769 -19.68 26.44 -0.53
C ASP A 769 -18.77 27.45 0.15
N MET A 770 -19.37 28.33 0.94
CA MET A 770 -18.60 29.30 1.69
C MET A 770 -17.64 28.62 2.65
N GLN A 771 -16.51 29.26 2.90
CA GLN A 771 -15.57 28.74 3.89
C GLN A 771 -16.16 28.75 5.29
N SER A 772 -15.88 27.67 6.04
CA SER A 772 -16.30 27.48 7.41
C SER A 772 -15.55 26.26 7.94
N THR A 773 -15.57 26.05 9.24
CA THR A 773 -14.82 24.93 9.81
C THR A 773 -15.14 23.59 9.13
N SER A 774 -16.41 23.23 9.08
CA SER A 774 -16.78 21.93 8.51
C SER A 774 -16.52 21.87 7.00
N GLU A 775 -16.94 22.91 6.25
CA GLU A 775 -16.75 22.90 4.80
C GLU A 775 -15.27 22.90 4.42
N ASN A 776 -14.45 23.62 5.18
CA ASN A 776 -12.99 23.64 4.95
C ASN A 776 -12.37 22.24 5.06
N MET A 777 -12.72 21.54 6.11
CA MET A 777 -12.08 20.26 6.41
C MET A 777 -12.64 19.09 5.60
N PHE A 778 -13.91 19.16 5.20
CA PHE A 778 -14.41 18.19 4.21
C PHE A 778 -13.57 18.29 2.95
N LEU A 779 -13.42 19.51 2.44
CA LEU A 779 -12.69 19.74 1.21
C LEU A 779 -11.20 19.41 1.34
N GLU A 780 -10.58 19.80 2.44
CA GLU A 780 -9.15 19.56 2.60
C GLU A 780 -8.86 18.06 2.78
N LEU A 781 -9.73 17.35 3.47
CA LEU A 781 -9.52 15.93 3.68
C LEU A 781 -9.69 15.19 2.35
N PHE A 782 -10.73 15.57 1.60
CA PHE A 782 -10.93 14.98 0.29
C PHE A 782 -9.72 15.28 -0.62
N ALA A 783 -9.21 16.52 -0.58
CA ALA A 783 -8.06 16.88 -1.40
C ALA A 783 -6.82 16.06 -0.99
N GLN A 784 -6.62 15.88 0.30
CA GLN A 784 -5.50 15.09 0.80
C GLN A 784 -5.59 13.66 0.28
N ILE A 785 -6.77 13.07 0.39
CA ILE A 785 -6.98 11.70 -0.05
C ILE A 785 -6.68 11.54 -1.54
N ILE A 786 -7.12 12.49 -2.36
CA ILE A 786 -6.93 12.30 -3.79
C ILE A 786 -5.64 12.89 -4.37
N SER A 787 -4.87 13.59 -3.53
CA SER A 787 -3.72 14.35 -4.00
C SER A 787 -2.72 13.49 -4.77
N GLU A 788 -2.18 12.49 -4.09
CA GLU A 788 -1.18 11.63 -4.75
C GLU A 788 -1.80 10.75 -5.86
N PRO A 789 -2.97 10.15 -5.61
CA PRO A 789 -3.56 9.40 -6.73
C PRO A 789 -3.86 10.24 -7.99
N ALA A 790 -4.20 11.51 -7.84
CA ALA A 790 -4.47 12.34 -9.01
C ALA A 790 -3.22 12.47 -9.86
N PHE A 791 -2.09 12.72 -9.20
CA PHE A 791 -0.83 12.82 -9.89
C PHE A 791 -0.47 11.44 -10.48
N ASN A 792 -0.56 10.41 -9.65
CA ASN A 792 -0.21 9.06 -10.12
C ASN A 792 -1.06 8.61 -11.30
N THR A 793 -2.36 8.90 -11.25
CA THR A 793 -3.25 8.51 -12.34
C THR A 793 -3.13 9.41 -13.57
N LEU A 794 -3.23 10.72 -13.37
CA LEU A 794 -3.39 11.61 -14.52
C LEU A 794 -2.06 11.91 -15.18
N ARG A 795 -0.98 11.83 -14.40
CA ARG A 795 0.34 11.97 -14.98
C ARG A 795 1.07 10.62 -15.10
N THR A 796 1.30 9.92 -14.00
CA THR A 796 2.25 8.82 -14.07
C THR A 796 1.72 7.70 -14.96
N LYS A 797 0.43 7.41 -14.85
CA LYS A 797 -0.18 6.34 -15.64
C LYS A 797 -0.63 6.84 -16.99
N GLU A 798 -1.53 7.82 -16.99
CA GLU A 798 -2.10 8.32 -18.25
C GLU A 798 -1.22 9.30 -19.00
N GLN A 799 -0.21 9.85 -18.31
CA GLN A 799 0.74 10.79 -18.94
C GLN A 799 0.06 11.90 -19.76
N LEU A 800 -0.91 12.58 -19.15
CA LEU A 800 -1.61 13.66 -19.87
C LEU A 800 -0.71 14.88 -20.02
N GLY A 801 0.18 15.09 -19.05
CA GLY A 801 1.14 16.17 -19.18
C GLY A 801 2.10 16.20 -18.02
N TYR A 802 3.06 17.12 -18.06
CA TYR A 802 3.99 17.30 -16.98
C TYR A 802 3.28 18.00 -15.80
N ILE A 803 2.44 18.98 -16.15
CA ILE A 803 1.76 19.76 -15.13
C ILE A 803 0.40 19.14 -14.88
N VAL A 804 0.24 18.54 -13.70
CA VAL A 804 -1.04 17.98 -13.27
C VAL A 804 -1.15 18.37 -11.82
N PHE A 805 -2.20 19.13 -11.51
CA PHE A 805 -2.37 19.66 -10.18
C PHE A 805 -3.79 19.44 -9.71
N SER A 806 -3.96 19.17 -8.43
CA SER A 806 -5.29 19.20 -7.83
C SER A 806 -5.20 19.75 -6.39
N GLY A 807 -6.30 20.32 -5.89
CA GLY A 807 -6.28 20.83 -4.54
C GLY A 807 -7.42 21.81 -4.32
N PRO A 808 -7.52 22.34 -3.11
CA PRO A 808 -8.54 23.34 -2.77
C PRO A 808 -8.29 24.62 -3.56
N ARG A 809 -9.35 25.28 -4.00
CA ARG A 809 -9.24 26.64 -4.49
C ARG A 809 -10.03 27.50 -3.51
N ARG A 810 -9.41 28.58 -3.04
CA ARG A 810 -10.02 29.50 -2.08
C ARG A 810 -9.95 30.91 -2.66
N ALA A 811 -11.08 31.62 -2.66
CA ALA A 811 -11.13 32.99 -3.15
C ALA A 811 -12.37 33.69 -2.62
N ASN A 812 -12.18 34.89 -2.08
CA ASN A 812 -13.32 35.74 -1.74
C ASN A 812 -14.23 35.08 -0.71
N GLY A 813 -13.62 34.25 0.15
CA GLY A 813 -14.35 33.55 1.18
C GLY A 813 -15.07 32.29 0.74
N ILE A 814 -15.01 31.97 -0.56
CA ILE A 814 -15.69 30.79 -1.08
C ILE A 814 -14.63 29.74 -1.44
N GLN A 815 -15.03 28.51 -1.73
CA GLN A 815 -14.01 27.48 -2.01
C GLN A 815 -14.57 26.36 -2.86
N GLY A 816 -13.67 25.49 -3.30
CA GLY A 816 -14.06 24.30 -4.02
C GLY A 816 -12.83 23.50 -4.43
N LEU A 817 -13.05 22.45 -5.21
CA LEU A 817 -11.94 21.59 -5.66
C LEU A 817 -11.54 21.98 -7.06
N ARG A 818 -10.23 22.12 -7.33
CA ARG A 818 -9.80 22.46 -8.68
C ARG A 818 -8.81 21.42 -9.21
N PHE A 819 -8.83 21.27 -10.53
CA PHE A 819 -7.83 20.49 -11.26
C PHE A 819 -7.25 21.40 -12.32
N ILE A 820 -5.93 21.38 -12.47
CA ILE A 820 -5.25 22.13 -13.50
C ILE A 820 -4.30 21.18 -14.24
N ILE A 821 -4.42 21.14 -15.56
CA ILE A 821 -3.58 20.28 -16.40
C ILE A 821 -3.13 21.05 -17.65
N GLN A 822 -1.89 20.80 -18.06
CA GLN A 822 -1.38 21.31 -19.33
C GLN A 822 -0.94 20.11 -20.15
N SER A 823 -1.39 20.04 -21.39
CA SER A 823 -1.35 18.80 -22.16
C SER A 823 -1.25 19.03 -23.67
N GLU A 824 -0.79 18.02 -24.38
CA GLU A 824 -0.93 18.00 -25.83
C GLU A 824 -2.38 17.64 -26.26
N LYS A 825 -3.11 16.97 -25.37
CA LYS A 825 -4.49 16.56 -25.64
C LYS A 825 -5.47 17.71 -25.55
N PRO A 826 -6.58 17.61 -26.28
CA PRO A 826 -7.63 18.65 -26.26
C PRO A 826 -8.31 18.71 -24.89
N PRO A 827 -8.76 19.90 -24.47
CA PRO A 827 -9.37 20.02 -23.14
C PRO A 827 -10.57 19.10 -22.94
N HIS A 828 -11.37 18.86 -23.97
CA HIS A 828 -12.55 18.00 -23.76
C HIS A 828 -12.13 16.59 -23.41
N TYR A 829 -10.97 16.16 -23.92
CA TYR A 829 -10.44 14.85 -23.53
C TYR A 829 -9.96 14.88 -22.08
N LEU A 830 -9.22 15.93 -21.72
CA LEU A 830 -8.77 16.08 -20.34
C LEU A 830 -9.97 16.06 -19.38
N GLU A 831 -11.04 16.76 -19.73
CA GLU A 831 -12.26 16.73 -18.92
C GLU A 831 -12.72 15.31 -18.65
N SER A 832 -12.81 14.49 -19.69
CA SER A 832 -13.30 13.12 -19.50
C SER A 832 -12.41 12.30 -18.58
N ARG A 833 -11.09 12.51 -18.64
CA ARG A 833 -10.20 11.71 -17.81
C ARG A 833 -10.24 12.15 -16.35
N VAL A 834 -10.46 13.45 -16.12
CA VAL A 834 -10.64 13.93 -14.75
C VAL A 834 -11.93 13.33 -14.18
N GLU A 835 -12.98 13.28 -15.00
CA GLU A 835 -14.23 12.70 -14.52
C GLU A 835 -14.09 11.19 -14.28
N ALA A 836 -13.37 10.50 -15.15
CA ALA A 836 -13.07 9.10 -14.89
C ALA A 836 -12.34 8.95 -13.56
N PHE A 837 -11.37 9.82 -13.32
CA PHE A 837 -10.58 9.74 -12.08
C PHE A 837 -11.43 9.95 -10.82
N LEU A 838 -12.36 10.89 -10.85
CA LEU A 838 -13.20 11.11 -9.67
C LEU A 838 -13.99 9.86 -9.26
N ILE A 839 -14.52 9.13 -10.24
CA ILE A 839 -15.21 7.87 -9.94
C ILE A 839 -14.24 6.85 -9.36
N THR A 840 -13.03 6.79 -9.89
CA THR A 840 -11.98 5.94 -9.31
C THR A 840 -11.76 6.25 -7.83
N MET A 841 -11.73 7.54 -7.49
CA MET A 841 -11.49 7.96 -6.10
C MET A 841 -12.65 7.63 -5.17
N GLU A 842 -13.88 7.72 -5.66
CA GLU A 842 -15.02 7.33 -4.85
C GLU A 842 -14.95 5.85 -4.48
N LYS A 843 -14.64 5.01 -5.46
CA LYS A 843 -14.51 3.59 -5.17
C LYS A 843 -13.31 3.34 -4.27
N SER A 844 -12.26 4.12 -4.48
CA SER A 844 -11.06 3.99 -3.68
C SER A 844 -11.34 4.32 -2.21
N ILE A 845 -12.16 5.33 -1.97
CA ILE A 845 -12.52 5.67 -0.61
C ILE A 845 -13.43 4.60 0.02
N GLU A 846 -14.36 4.07 -0.77
CA GLU A 846 -15.20 2.99 -0.27
C GLU A 846 -14.34 1.79 0.14
N ASP A 847 -13.33 1.49 -0.67
CA ASP A 847 -12.52 0.31 -0.44
C ASP A 847 -11.37 0.46 0.55
N MET A 848 -11.03 1.69 0.94
CA MET A 848 -9.88 1.87 1.82
C MET A 848 -10.23 1.50 3.27
N THR A 849 -9.25 0.98 3.99
CA THR A 849 -9.47 0.57 5.36
C THR A 849 -9.70 1.79 6.24
N GLU A 850 -10.31 1.56 7.41
CA GLU A 850 -10.51 2.62 8.38
C GLU A 850 -9.17 3.24 8.78
N GLU A 851 -8.16 2.40 8.97
CA GLU A 851 -6.85 2.88 9.35
C GLU A 851 -6.19 3.72 8.24
N ALA A 852 -6.32 3.29 6.97
CA ALA A 852 -5.82 4.10 5.85
C ALA A 852 -6.49 5.48 5.85
N PHE A 853 -7.80 5.50 6.12
CA PHE A 853 -8.55 6.74 6.26
C PHE A 853 -7.98 7.63 7.39
N GLN A 854 -7.77 7.05 8.56
CA GLN A 854 -7.13 7.77 9.67
C GLN A 854 -5.71 8.26 9.35
N LYS A 855 -4.98 7.54 8.52
CA LYS A 855 -3.63 8.00 8.15
C LYS A 855 -3.71 9.31 7.38
N HIS A 856 -4.69 9.40 6.48
CA HIS A 856 -4.88 10.61 5.70
C HIS A 856 -5.30 11.77 6.61
N ILE A 857 -6.14 11.48 7.60
CA ILE A 857 -6.49 12.50 8.60
C ILE A 857 -5.24 12.98 9.33
N GLN A 858 -4.42 12.04 9.76
CA GLN A 858 -3.20 12.38 10.50
C GLN A 858 -2.20 13.15 9.62
N ALA A 859 -2.09 12.76 8.35
CA ALA A 859 -1.18 13.45 7.43
C ALA A 859 -1.63 14.91 7.27
N LEU A 860 -2.94 15.11 7.03
CA LEU A 860 -3.45 16.47 6.92
C LEU A 860 -3.21 17.24 8.23
N ALA A 861 -3.45 16.58 9.36
CA ALA A 861 -3.24 17.22 10.65
C ALA A 861 -1.81 17.75 10.80
N ILE A 862 -0.83 16.90 10.52
CA ILE A 862 0.58 17.27 10.59
C ILE A 862 0.90 18.44 9.67
N ARG A 863 0.35 18.43 8.45
CA ARG A 863 0.59 19.49 7.50
C ARG A 863 0.05 20.82 8.00
N ARG A 864 -1.15 20.77 8.59
CA ARG A 864 -1.82 21.97 9.09
C ARG A 864 -1.16 22.52 10.36
N LEU A 865 -0.61 21.63 11.19
CA LEU A 865 -0.01 22.07 12.46
C LEU A 865 1.50 22.36 12.39
N ASP A 866 2.10 22.08 11.25
CA ASP A 866 3.55 22.29 11.05
C ASP A 866 3.91 23.72 11.48
N LYS A 867 4.84 23.85 12.42
CA LYS A 867 5.17 25.17 13.00
C LYS A 867 6.03 26.00 12.05
N PRO A 868 5.72 27.30 11.92
CA PRO A 868 6.65 28.17 11.19
C PRO A 868 8.06 28.12 11.79
N LYS A 869 9.09 28.11 10.92
CA LYS A 869 10.47 28.05 11.40
C LYS A 869 11.07 29.45 11.50
N LYS A 870 10.45 30.41 10.83
CA LYS A 870 10.98 31.76 10.78
C LYS A 870 9.86 32.79 10.89
N LEU A 871 10.25 34.01 11.24
CA LEU A 871 9.30 35.10 11.46
C LEU A 871 8.34 35.34 10.29
N SER A 872 8.86 35.43 9.07
CA SER A 872 7.98 35.78 7.96
C SER A 872 6.94 34.70 7.67
N ALA A 873 7.28 33.44 7.94
CA ALA A 873 6.32 32.35 7.79
C ALA A 873 5.16 32.50 8.79
N GLU A 874 5.49 32.86 10.02
CA GLU A 874 4.45 33.13 11.00
C GLU A 874 3.65 34.39 10.59
N SER A 875 4.35 35.44 10.18
CA SER A 875 3.68 36.66 9.78
C SER A 875 2.70 36.37 8.63
N ALA A 876 3.11 35.53 7.69
CA ALA A 876 2.27 35.22 6.53
C ALA A 876 0.94 34.59 6.91
N LYS A 877 0.97 33.69 7.89
CA LYS A 877 -0.26 33.06 8.38
C LYS A 877 -1.22 34.09 8.96
N TYR A 878 -0.70 34.97 9.82
CA TYR A 878 -1.53 36.01 10.45
C TYR A 878 -2.05 36.96 9.40
N TRP A 879 -1.16 37.36 8.50
CA TRP A 879 -1.54 38.26 7.41
C TRP A 879 -2.66 37.66 6.54
N GLY A 880 -2.62 36.36 6.33
CA GLY A 880 -3.70 35.71 5.59
C GLY A 880 -5.04 35.86 6.30
N GLU A 881 -5.04 35.74 7.63
CA GLU A 881 -6.25 35.88 8.42
C GLU A 881 -6.74 37.31 8.31
N ILE A 882 -5.80 38.25 8.24
CA ILE A 882 -6.15 39.67 8.23
C ILE A 882 -6.66 40.16 6.88
N ILE A 883 -5.93 39.86 5.80
CA ILE A 883 -6.43 40.27 4.47
C ILE A 883 -7.73 39.57 4.06
N SER A 884 -7.97 38.34 4.53
CA SER A 884 -9.23 37.64 4.24
C SER A 884 -10.36 38.16 5.14
N GLN A 885 -9.96 38.92 6.15
CA GLN A 885 -10.88 39.43 7.16
C GLN A 885 -11.64 38.33 7.88
N GLN A 886 -10.97 37.21 8.10
CA GLN A 886 -11.52 36.13 8.90
C GLN A 886 -10.98 36.18 10.32
N TYR A 887 -9.75 36.68 10.44
CA TYR A 887 -9.12 36.91 11.74
C TYR A 887 -9.20 35.71 12.66
N ASN A 888 -9.07 34.52 12.08
CA ASN A 888 -9.11 33.29 12.85
C ASN A 888 -7.69 32.83 13.21
N PHE A 889 -7.09 33.43 14.23
CA PHE A 889 -5.68 33.15 14.51
C PHE A 889 -5.44 31.76 15.09
N ASP A 890 -6.44 31.20 15.76
CA ASP A 890 -6.30 29.85 16.32
C ASP A 890 -6.87 28.77 15.39
N ARG A 891 -7.04 29.12 14.12
CA ARG A 891 -7.64 28.25 13.12
C ARG A 891 -7.11 26.82 13.08
N ASP A 892 -5.79 26.67 13.06
CA ASP A 892 -5.19 25.34 12.89
C ASP A 892 -5.62 24.35 13.99
N ASN A 893 -5.62 24.80 15.24
CA ASN A 893 -6.04 23.93 16.34
C ASN A 893 -7.51 23.54 16.24
N THR A 894 -8.34 24.54 16.02
CA THR A 894 -9.77 24.37 15.89
C THR A 894 -10.15 23.45 14.70
N GLU A 895 -9.56 23.72 13.54
CA GLU A 895 -9.86 22.96 12.34
C GLU A 895 -9.35 21.53 12.39
N VAL A 896 -8.14 21.33 12.93
CA VAL A 896 -7.62 19.96 13.10
C VAL A 896 -8.46 19.17 14.12
N ALA A 897 -8.87 19.81 15.22
CA ALA A 897 -9.77 19.15 16.16
C ALA A 897 -11.05 18.63 15.48
N TYR A 898 -11.67 19.47 14.67
CA TYR A 898 -12.86 19.06 13.95
C TYR A 898 -12.55 17.94 12.93
N LEU A 899 -11.45 18.11 12.19
CA LEU A 899 -11.01 17.14 11.20
C LEU A 899 -10.96 15.73 11.76
N LYS A 900 -10.41 15.61 12.96
CA LYS A 900 -10.21 14.31 13.58
C LYS A 900 -11.52 13.58 13.93
N THR A 901 -12.66 14.27 13.82
CA THR A 901 -13.95 13.64 14.11
C THR A 901 -14.61 13.09 12.84
N LEU A 902 -14.03 13.37 11.67
CA LEU A 902 -14.63 12.95 10.41
C LEU A 902 -14.48 11.44 10.14
N THR A 903 -15.48 10.89 9.48
CA THR A 903 -15.51 9.47 9.16
C THR A 903 -15.52 9.29 7.66
N LYS A 904 -15.22 8.07 7.20
CA LYS A 904 -15.35 7.76 5.79
C LYS A 904 -16.73 8.11 5.24
N ALA A 905 -17.76 7.79 6.02
CA ALA A 905 -19.13 8.12 5.65
C ALA A 905 -19.30 9.61 5.40
N ASP A 906 -18.73 10.44 6.28
CA ASP A 906 -18.79 11.90 6.10
C ASP A 906 -18.22 12.35 4.75
N ILE A 907 -17.10 11.76 4.37
CA ILE A 907 -16.44 12.14 3.11
C ILE A 907 -17.19 11.60 1.88
N ILE A 908 -17.71 10.37 1.98
CA ILE A 908 -18.48 9.83 0.86
C ILE A 908 -19.72 10.67 0.60
N LYS A 909 -20.39 11.07 1.68
CA LYS A 909 -21.58 11.90 1.58
C LYS A 909 -21.25 13.27 0.99
N PHE A 910 -20.15 13.87 1.43
CA PHE A 910 -19.68 15.13 0.86
C PHE A 910 -19.49 15.01 -0.66
N TYR A 911 -18.79 13.94 -1.07
CA TYR A 911 -18.57 13.69 -2.48
C TYR A 911 -19.87 13.50 -3.25
N LYS A 912 -20.77 12.70 -2.70
CA LYS A 912 -22.03 12.41 -3.40
C LYS A 912 -22.91 13.66 -3.49
N GLU A 913 -22.85 14.52 -2.49
CA GLU A 913 -23.68 15.73 -2.49
C GLU A 913 -23.11 16.87 -3.36
N MET A 914 -21.78 17.04 -3.34
CA MET A 914 -21.16 18.22 -3.93
C MET A 914 -20.33 17.94 -5.21
N LEU A 915 -19.78 16.74 -5.33
CA LEU A 915 -18.72 16.49 -6.30
C LEU A 915 -19.03 15.49 -7.41
N ALA A 916 -19.77 14.43 -7.09
CA ALA A 916 -20.08 13.38 -8.06
C ALA A 916 -20.77 13.94 -9.31
N VAL A 917 -20.64 13.23 -10.43
CA VAL A 917 -21.23 13.71 -11.67
C VAL A 917 -22.75 13.92 -11.55
N ASP A 918 -23.41 13.13 -10.70
CA ASP A 918 -24.85 13.26 -10.52
C ASP A 918 -25.20 13.92 -9.18
N ALA A 919 -24.25 14.63 -8.59
CA ALA A 919 -24.48 15.30 -7.31
C ALA A 919 -25.55 16.39 -7.47
N PRO A 920 -26.47 16.49 -6.51
CA PRO A 920 -27.55 17.49 -6.56
C PRO A 920 -27.01 18.92 -6.47
N ARG A 921 -25.86 19.08 -5.82
CA ARG A 921 -25.27 20.41 -5.65
C ARG A 921 -23.93 20.57 -6.40
N ARG A 922 -23.76 19.84 -7.49
CA ARG A 922 -22.55 20.03 -8.29
C ARG A 922 -22.56 21.42 -8.89
N HIS A 923 -21.44 22.14 -8.77
CA HIS A 923 -21.32 23.48 -9.33
C HIS A 923 -20.01 23.52 -10.13
N LYS A 924 -20.09 23.33 -11.44
CA LYS A 924 -18.87 23.12 -12.22
C LYS A 924 -18.64 24.21 -13.24
N VAL A 925 -17.44 24.75 -13.24
CA VAL A 925 -17.03 25.64 -14.30
C VAL A 925 -15.66 25.21 -14.81
N SER A 926 -15.51 25.16 -16.13
CA SER A 926 -14.26 24.74 -16.76
C SER A 926 -13.73 25.84 -17.65
N VAL A 927 -12.43 26.07 -17.57
CA VAL A 927 -11.79 26.94 -18.55
C VAL A 927 -10.92 26.10 -19.49
N HIS A 928 -11.22 26.17 -20.78
CA HIS A 928 -10.50 25.43 -21.80
C HIS A 928 -9.61 26.36 -22.58
N VAL A 929 -8.30 26.14 -22.50
CA VAL A 929 -7.41 26.94 -23.33
C VAL A 929 -6.80 26.09 -24.43
N LEU A 930 -7.15 26.39 -25.67
CA LEU A 930 -6.70 25.56 -26.80
C LEU A 930 -5.24 25.84 -27.14
N ALA A 931 -4.53 24.79 -27.57
CA ALA A 931 -3.19 24.96 -28.13
C ALA A 931 -3.24 25.81 -29.40
N ARG A 932 -2.11 26.43 -29.72
CA ARG A 932 -1.96 27.29 -30.90
C ARG A 932 -2.57 26.70 -32.18
N GLU A 933 -2.29 25.43 -32.46
CA GLU A 933 -2.67 24.83 -33.73
C GLU A 933 -3.95 24.01 -33.64
N MET A 934 -4.62 24.09 -32.50
CA MET A 934 -5.63 23.10 -32.14
C MET A 934 -7.04 23.59 -32.42
N LEU A 951 -7.39 2.19 -19.41
CA LEU A 951 -8.08 3.40 -18.98
C LEU A 951 -9.45 3.14 -18.33
N SER A 952 -9.64 3.70 -17.14
CA SER A 952 -10.94 3.66 -16.49
C SER A 952 -12.01 4.32 -17.37
N GLN A 953 -13.24 3.96 -17.12
CA GLN A 953 -14.36 4.42 -17.92
C GLN A 953 -14.81 5.84 -17.49
N ALA A 954 -14.84 6.77 -18.43
CA ALA A 954 -15.34 8.11 -18.14
C ALA A 954 -16.86 8.13 -18.18
N PRO A 955 -17.51 8.84 -17.24
CA PRO A 955 -18.97 8.94 -17.29
C PRO A 955 -19.42 9.84 -18.44
N ALA A 956 -20.65 9.67 -18.87
CA ALA A 956 -21.25 10.58 -19.84
C ALA A 956 -21.48 11.94 -19.16
N LEU A 957 -21.14 13.01 -19.84
CA LEU A 957 -21.33 14.35 -19.27
C LEU A 957 -22.47 15.07 -19.96
N PRO A 958 -23.08 16.05 -19.27
CA PRO A 958 -24.15 16.84 -19.87
C PRO A 958 -23.59 17.84 -20.87
N GLN A 959 -24.46 18.47 -21.64
CA GLN A 959 -24.05 19.54 -22.53
C GLN A 959 -23.76 20.75 -21.65
N PRO A 960 -22.57 21.36 -21.80
CA PRO A 960 -22.27 22.52 -20.96
C PRO A 960 -22.95 23.76 -21.49
N GLU A 961 -23.19 24.74 -20.64
CA GLU A 961 -23.48 26.08 -21.13
C GLU A 961 -22.15 26.77 -21.48
N VAL A 962 -21.98 27.10 -22.75
CA VAL A 962 -20.77 27.76 -23.17
C VAL A 962 -20.88 29.26 -22.90
N ILE A 963 -19.90 29.81 -22.19
CA ILE A 963 -19.92 31.22 -21.83
C ILE A 963 -19.39 32.04 -23.01
N GLN A 964 -20.18 33.01 -23.44
CA GLN A 964 -19.85 33.79 -24.62
C GLN A 964 -19.32 35.17 -24.22
N ASN A 965 -19.76 35.64 -23.06
CA ASN A 965 -19.43 36.98 -22.60
C ASN A 965 -19.35 36.95 -21.08
N MET A 966 -18.18 37.28 -20.54
CA MET A 966 -17.95 37.23 -19.10
C MET A 966 -18.88 38.13 -18.32
N THR A 967 -19.08 39.33 -18.83
CA THR A 967 -19.94 40.29 -18.15
C THR A 967 -21.36 39.75 -18.04
N ALA A 968 -21.89 39.18 -19.12
CA ALA A 968 -23.25 38.64 -19.13
C ALA A 968 -23.37 37.41 -18.24
N PHE A 969 -22.32 36.59 -18.26
CA PHE A 969 -22.23 35.46 -17.34
C PHE A 969 -22.44 35.89 -15.89
N LYS A 970 -21.66 36.87 -15.44
CA LYS A 970 -21.71 37.29 -14.05
C LYS A 970 -23.05 37.96 -13.70
N ARG A 971 -23.57 38.77 -14.62
CA ARG A 971 -24.84 39.46 -14.40
C ARG A 971 -26.00 38.50 -14.14
N GLY A 972 -25.95 37.32 -14.77
CA GLY A 972 -27.05 36.37 -14.74
C GLY A 972 -27.00 35.38 -13.60
N LEU A 973 -26.05 35.57 -12.69
CA LEU A 973 -25.90 34.71 -11.54
C LEU A 973 -25.91 35.54 -10.27
N PRO A 974 -26.33 34.92 -9.15
CA PRO A 974 -26.21 35.54 -7.83
C PRO A 974 -24.75 35.65 -7.40
N LEU A 975 -24.51 36.45 -6.38
CA LEU A 975 -23.21 36.58 -5.77
C LEU A 975 -23.30 36.03 -4.36
N PHE A 976 -22.27 35.28 -3.94
CA PHE A 976 -22.23 34.74 -2.59
C PHE A 976 -22.18 35.88 -1.60
N PRO A 977 -22.55 35.59 -0.34
CA PRO A 977 -22.26 36.53 0.75
C PRO A 977 -20.76 36.54 1.00
N LEU A 978 -20.29 37.44 1.86
CA LEU A 978 -18.92 37.41 2.34
C LEU A 978 -18.84 36.70 3.69
N VAL A 979 -17.70 36.07 3.96
CA VAL A 979 -17.54 35.32 5.21
C VAL A 979 -17.49 36.30 6.40
N LYS A 980 -18.11 35.93 7.51
CA LYS A 980 -18.11 36.78 8.71
C LYS A 980 -16.79 36.65 9.49
N PRO A 981 -16.31 37.77 10.05
CA PRO A 981 -15.12 37.82 10.90
C PRO A 981 -15.23 36.94 12.14
N HIS A 982 -14.14 36.29 12.52
CA HIS A 982 -14.12 35.41 13.68
C HIS A 982 -14.49 36.16 14.96
N ASN B 14 -34.38 5.83 16.37
CA ASN B 14 -35.65 5.70 15.66
C ASN B 14 -36.29 4.31 15.82
N ASN B 15 -35.57 3.27 15.39
CA ASN B 15 -35.96 1.90 15.74
C ASN B 15 -35.28 1.53 17.06
N PRO B 16 -36.10 1.32 18.11
CA PRO B 16 -35.64 1.14 19.49
C PRO B 16 -34.86 -0.16 19.70
N ALA B 17 -35.17 -1.18 18.91
CA ALA B 17 -34.49 -2.47 19.05
C ALA B 17 -33.08 -2.43 18.45
N ILE B 18 -32.77 -1.34 17.76
CA ILE B 18 -31.47 -1.19 17.10
C ILE B 18 -30.67 -0.05 17.69
N LYS B 19 -29.55 -0.36 18.32
CA LYS B 19 -28.72 0.65 18.96
C LYS B 19 -27.96 1.50 17.96
N ARG B 20 -27.36 0.86 16.97
CA ARG B 20 -26.67 1.58 15.92
C ARG B 20 -26.60 0.77 14.64
N ILE B 21 -26.59 1.47 13.52
CA ILE B 21 -26.40 0.84 12.24
C ILE B 21 -25.03 1.24 11.75
N GLY B 22 -24.25 0.25 11.34
CA GLY B 22 -22.88 0.47 10.95
C GLY B 22 -22.71 1.27 9.70
N ASN B 23 -21.67 2.09 9.70
CA ASN B 23 -21.33 2.80 8.49
C ASN B 23 -20.96 1.73 7.48
N HIS B 24 -20.49 2.16 6.32
CA HIS B 24 -20.09 1.28 5.26
C HIS B 24 -19.12 0.20 5.72
N ILE B 25 -19.48 -1.05 5.44
CA ILE B 25 -18.65 -2.19 5.78
C ILE B 25 -17.62 -2.39 4.67
N THR B 26 -16.35 -2.19 4.99
CA THR B 26 -15.31 -2.22 3.96
C THR B 26 -15.13 -3.64 3.41
N LYS B 27 -15.29 -3.77 2.10
CA LYS B 27 -15.24 -5.07 1.46
C LYS B 27 -14.28 -5.07 0.28
N SER B 28 -13.97 -6.26 -0.20
CA SER B 28 -13.16 -6.37 -1.42
C SER B 28 -13.89 -5.77 -2.61
N PRO B 29 -13.16 -5.06 -3.48
CA PRO B 29 -13.72 -4.50 -4.71
C PRO B 29 -14.45 -5.54 -5.58
N GLU B 30 -13.96 -6.79 -5.56
CA GLU B 30 -14.53 -7.85 -6.39
C GLU B 30 -15.78 -8.49 -5.78
N ASP B 31 -16.02 -8.20 -4.51
CA ASP B 31 -17.13 -8.81 -3.78
C ASP B 31 -18.44 -8.08 -4.12
N LYS B 32 -19.37 -8.77 -4.75
CA LYS B 32 -20.67 -8.20 -5.10
C LYS B 32 -21.73 -8.38 -4.02
N ARG B 33 -21.43 -9.16 -2.99
CA ARG B 33 -22.37 -9.26 -1.90
C ARG B 33 -22.51 -7.87 -1.25
N GLU B 34 -23.68 -7.62 -0.66
CA GLU B 34 -23.91 -6.36 0.08
C GLU B 34 -23.94 -6.58 1.60
N TYR B 35 -23.44 -5.62 2.35
CA TYR B 35 -23.27 -5.82 3.78
C TYR B 35 -23.85 -4.69 4.60
N ARG B 36 -24.39 -5.05 5.76
CA ARG B 36 -24.77 -4.06 6.76
C ARG B 36 -24.49 -4.56 8.17
N GLY B 37 -23.80 -3.75 8.94
CA GLY B 37 -23.52 -4.10 10.32
C GLY B 37 -24.48 -3.39 11.24
N LEU B 38 -24.79 -4.02 12.37
CA LEU B 38 -25.55 -3.32 13.40
C LEU B 38 -25.25 -3.82 14.79
N GLU B 39 -25.62 -3.02 15.77
CA GLU B 39 -25.67 -3.45 17.15
C GLU B 39 -27.09 -3.32 17.67
N LEU B 40 -27.67 -4.44 18.09
CA LEU B 40 -29.03 -4.42 18.63
C LEU B 40 -29.04 -3.75 19.99
N ALA B 41 -30.22 -3.31 20.43
CA ALA B 41 -30.37 -2.68 21.74
C ALA B 41 -29.83 -3.56 22.88
N ASN B 42 -29.98 -4.86 22.76
CA ASN B 42 -29.49 -5.79 23.77
C ASN B 42 -27.95 -6.10 23.66
N GLY B 43 -27.27 -5.46 22.73
CA GLY B 43 -25.82 -5.60 22.64
C GLY B 43 -25.30 -6.64 21.65
N ILE B 44 -26.19 -7.38 21.00
CA ILE B 44 -25.76 -8.34 19.97
C ILE B 44 -25.16 -7.58 18.80
N LYS B 45 -23.94 -7.95 18.42
CA LYS B 45 -23.32 -7.41 17.20
C LYS B 45 -23.77 -8.26 16.01
N VAL B 46 -24.22 -7.60 14.94
CA VAL B 46 -24.75 -8.30 13.80
C VAL B 46 -24.07 -7.89 12.49
N LEU B 47 -23.76 -8.87 11.63
CA LEU B 47 -23.49 -8.55 10.23
C LEU B 47 -24.55 -9.21 9.34
N LEU B 48 -25.17 -8.41 8.48
CA LEU B 48 -26.09 -8.92 7.47
C LEU B 48 -25.38 -8.94 6.11
N ILE B 49 -25.57 -10.04 5.39
CA ILE B 49 -24.97 -10.23 4.08
C ILE B 49 -26.06 -10.56 3.07
N SER B 50 -26.27 -9.67 2.11
CA SER B 50 -27.27 -9.92 1.08
C SER B 50 -26.58 -10.41 -0.19
N ASP B 51 -26.96 -11.60 -0.63
CA ASP B 51 -26.44 -12.19 -1.86
C ASP B 51 -27.61 -12.80 -2.63
N PRO B 52 -28.19 -12.00 -3.55
CA PRO B 52 -29.37 -12.45 -4.31
C PRO B 52 -29.14 -13.69 -5.20
N THR B 53 -27.89 -14.13 -5.35
CA THR B 53 -27.61 -15.29 -6.21
C THR B 53 -27.48 -16.59 -5.40
N THR B 54 -27.43 -16.48 -4.09
CA THR B 54 -27.03 -17.64 -3.30
C THR B 54 -28.10 -18.71 -3.30
N ASP B 55 -27.69 -19.96 -3.43
CA ASP B 55 -28.62 -21.07 -3.46
C ASP B 55 -28.95 -21.54 -2.03
N LYS B 56 -27.98 -21.39 -1.13
CA LYS B 56 -28.18 -21.68 0.28
C LYS B 56 -27.98 -20.41 1.09
N SER B 57 -28.86 -20.20 2.06
CA SER B 57 -28.71 -19.10 3.00
C SER B 57 -28.04 -19.63 4.25
N SER B 58 -27.59 -18.76 5.14
CA SER B 58 -26.84 -19.25 6.30
C SER B 58 -26.92 -18.27 7.46
N ALA B 59 -26.80 -18.81 8.67
CA ALA B 59 -26.64 -17.98 9.85
C ALA B 59 -25.65 -18.63 10.81
N ALA B 60 -25.02 -17.81 11.62
CA ALA B 60 -24.15 -18.30 12.67
C ALA B 60 -24.29 -17.39 13.87
N LEU B 61 -24.07 -17.94 15.06
CA LEU B 61 -24.04 -17.12 16.25
C LEU B 61 -22.88 -17.63 17.09
N ASP B 62 -22.03 -16.70 17.50
CA ASP B 62 -20.87 -17.03 18.30
C ASP B 62 -21.03 -16.35 19.65
N VAL B 63 -21.09 -17.16 20.71
CA VAL B 63 -21.13 -16.68 22.09
C VAL B 63 -19.71 -16.62 22.63
N HIS B 64 -19.31 -15.49 23.20
CA HIS B 64 -17.93 -15.33 23.64
C HIS B 64 -17.63 -15.96 25.00
N ILE B 65 -18.10 -17.19 25.16
CA ILE B 65 -17.84 -18.02 26.32
C ILE B 65 -17.54 -19.44 25.83
N GLY B 66 -16.62 -20.10 26.51
CA GLY B 66 -16.29 -21.49 26.19
C GLY B 66 -15.66 -22.21 27.37
N SER B 67 -14.87 -23.23 27.07
CA SER B 67 -14.46 -24.17 28.10
C SER B 67 -13.54 -23.59 29.19
N LEU B 68 -12.84 -22.49 28.92
CA LEU B 68 -12.06 -21.87 30.00
C LEU B 68 -12.98 -21.38 31.12
N SER B 69 -14.28 -21.29 30.83
CA SER B 69 -15.26 -20.84 31.84
C SER B 69 -16.04 -21.99 32.47
N ASP B 70 -15.70 -23.23 32.12
CA ASP B 70 -16.33 -24.38 32.78
C ASP B 70 -16.13 -24.31 34.30
N PRO B 71 -17.14 -24.75 35.06
CA PRO B 71 -16.94 -24.94 36.50
C PRO B 71 -15.75 -25.89 36.72
N PRO B 72 -14.90 -25.59 37.71
CA PRO B 72 -13.76 -26.45 38.01
C PRO B 72 -14.18 -27.88 38.33
N ASN B 73 -15.39 -28.06 38.85
CA ASN B 73 -15.86 -29.38 39.23
C ASN B 73 -16.76 -30.04 38.18
N ILE B 74 -16.94 -29.42 37.02
CA ILE B 74 -17.68 -30.06 35.94
C ILE B 74 -16.96 -29.82 34.60
N ALA B 75 -15.83 -30.50 34.41
CA ALA B 75 -15.06 -30.39 33.18
C ALA B 75 -15.94 -30.79 32.00
N GLY B 76 -15.99 -29.94 30.98
CA GLY B 76 -16.72 -30.27 29.76
C GLY B 76 -18.10 -29.63 29.68
N LEU B 77 -18.49 -28.87 30.71
CA LEU B 77 -19.87 -28.37 30.73
C LEU B 77 -20.26 -27.52 29.52
N SER B 78 -19.42 -26.58 29.10
CA SER B 78 -19.82 -25.71 27.98
C SER B 78 -19.93 -26.50 26.68
N HIS B 79 -19.05 -27.49 26.52
CA HIS B 79 -19.10 -28.38 25.36
C HIS B 79 -20.37 -29.24 25.33
N PHE B 80 -20.70 -29.82 26.47
CA PHE B 80 -21.93 -30.59 26.64
C PHE B 80 -23.16 -29.71 26.33
N LEU B 81 -23.15 -28.49 26.85
CA LEU B 81 -24.25 -27.57 26.57
C LEU B 81 -24.41 -27.35 25.05
N GLN B 82 -23.27 -27.15 24.37
CA GLN B 82 -23.23 -27.01 22.92
C GLN B 82 -23.93 -28.20 22.21
N HIS B 83 -23.68 -29.42 22.67
CA HIS B 83 -24.41 -30.58 22.14
C HIS B 83 -25.91 -30.49 22.44
N MET B 84 -26.25 -30.10 23.67
CA MET B 84 -27.65 -30.17 24.11
C MET B 84 -28.56 -29.14 23.44
N LEU B 85 -27.99 -28.02 22.97
CA LEU B 85 -28.83 -26.96 22.42
C LEU B 85 -29.57 -27.48 21.20
N PHE B 86 -29.04 -28.53 20.58
CA PHE B 86 -29.63 -29.06 19.34
C PHE B 86 -30.83 -29.95 19.59
N LEU B 87 -31.08 -30.27 20.86
CA LEU B 87 -31.98 -31.36 21.19
C LEU B 87 -33.34 -30.91 21.75
N GLY B 88 -33.77 -29.71 21.36
CA GLY B 88 -35.11 -29.27 21.69
C GLY B 88 -35.21 -27.95 22.42
N THR B 89 -36.19 -27.14 22.03
CA THR B 89 -36.45 -25.87 22.71
C THR B 89 -37.93 -25.76 23.08
N LYS B 90 -38.27 -24.76 23.87
CA LYS B 90 -39.68 -24.62 24.27
C LYS B 90 -40.60 -24.46 23.05
N LYS B 91 -40.21 -23.61 22.10
CA LYS B 91 -41.01 -23.40 20.89
C LYS B 91 -41.06 -24.64 20.01
N TYR B 92 -39.93 -25.35 19.93
CA TYR B 92 -39.83 -26.53 19.07
C TYR B 92 -39.28 -27.67 19.91
N PRO B 93 -40.15 -28.30 20.72
CA PRO B 93 -39.69 -29.29 21.69
C PRO B 93 -39.34 -30.65 21.09
N LYS B 94 -39.82 -30.96 19.89
CA LYS B 94 -39.44 -32.22 19.25
C LYS B 94 -37.92 -32.30 19.17
N GLU B 95 -37.36 -33.36 19.71
CA GLU B 95 -35.94 -33.48 19.92
C GLU B 95 -35.10 -33.22 18.67
N ASN B 96 -35.54 -33.70 17.51
CA ASN B 96 -34.79 -33.48 16.28
C ASN B 96 -35.50 -32.53 15.31
N GLU B 97 -36.40 -31.69 15.82
CA GLU B 97 -37.10 -30.74 14.95
C GLU B 97 -36.10 -29.93 14.11
N TYR B 98 -35.06 -29.43 14.76
CA TYR B 98 -34.09 -28.57 14.08
C TYR B 98 -33.38 -29.32 12.94
N SER B 99 -32.79 -30.46 13.26
CA SER B 99 -32.08 -31.29 12.28
C SER B 99 -32.98 -31.81 11.16
N GLN B 100 -34.16 -32.29 11.52
CA GLN B 100 -35.12 -32.74 10.50
C GLN B 100 -35.53 -31.60 9.54
N PHE B 101 -35.86 -30.43 10.08
CA PHE B 101 -36.18 -29.29 9.23
C PHE B 101 -35.05 -28.97 8.25
N LEU B 102 -33.83 -28.90 8.78
CA LEU B 102 -32.69 -28.61 7.91
C LEU B 102 -32.57 -29.68 6.82
N SER B 103 -32.64 -30.95 7.21
CA SER B 103 -32.47 -32.01 6.22
C SER B 103 -33.56 -31.95 5.15
N GLU B 104 -34.79 -31.67 5.56
CA GLU B 104 -35.89 -31.58 4.61
C GLU B 104 -35.78 -30.34 3.72
N HIS B 105 -34.83 -29.47 4.02
CA HIS B 105 -34.68 -28.23 3.25
C HIS B 105 -33.25 -27.97 2.76
N ALA B 106 -32.55 -29.07 2.45
CA ALA B 106 -31.21 -29.01 1.88
C ALA B 106 -30.18 -28.33 2.78
N GLY B 107 -30.37 -28.42 4.10
CA GLY B 107 -29.51 -27.69 5.02
C GLY B 107 -28.58 -28.60 5.80
N SER B 108 -27.74 -28.00 6.63
CA SER B 108 -26.84 -28.78 7.49
C SER B 108 -26.45 -27.85 8.62
N SER B 109 -25.95 -28.42 9.71
CA SER B 109 -25.58 -27.57 10.84
C SER B 109 -24.48 -28.23 11.64
N ASN B 110 -23.70 -27.42 12.34
CA ASN B 110 -22.77 -27.98 13.30
C ASN B 110 -22.40 -26.88 14.28
N ALA B 111 -21.48 -27.18 15.17
CA ALA B 111 -21.03 -26.18 16.13
C ALA B 111 -19.74 -26.67 16.72
N PHE B 112 -19.03 -25.76 17.39
CA PHE B 112 -17.85 -26.14 18.12
C PHE B 112 -17.70 -25.26 19.35
N THR B 113 -16.89 -25.76 20.28
CA THR B 113 -16.60 -25.12 21.54
C THR B 113 -15.09 -24.97 21.68
N SER B 114 -14.61 -23.74 21.79
CA SER B 114 -13.21 -23.51 22.06
C SER B 114 -13.08 -22.96 23.49
N GLY B 115 -11.90 -22.48 23.87
CA GLY B 115 -11.69 -21.92 25.20
C GLY B 115 -12.59 -20.72 25.52
N GLU B 116 -12.82 -19.87 24.53
CA GLU B 116 -13.51 -18.60 24.75
C GLU B 116 -14.73 -18.40 23.88
N HIS B 117 -15.10 -19.39 23.06
CA HIS B 117 -16.19 -19.19 22.10
C HIS B 117 -16.97 -20.47 21.94
N THR B 118 -18.26 -20.32 21.68
CA THR B 118 -19.09 -21.44 21.29
C THR B 118 -19.85 -20.95 20.07
N ASN B 119 -19.66 -21.65 18.96
CA ASN B 119 -20.00 -21.10 17.65
C ASN B 119 -20.95 -22.08 16.99
N TYR B 120 -22.13 -21.60 16.62
CA TYR B 120 -23.18 -22.44 16.07
C TYR B 120 -23.52 -21.93 14.65
N TYR B 121 -23.72 -22.83 13.69
CA TYR B 121 -23.99 -22.37 12.34
C TYR B 121 -24.84 -23.35 11.53
N PHE B 122 -25.56 -22.82 10.55
CA PHE B 122 -26.30 -23.68 9.63
C PHE B 122 -26.33 -23.05 8.24
N ASP B 123 -26.60 -23.90 7.26
CA ASP B 123 -27.09 -23.40 5.98
C ASP B 123 -28.40 -24.10 5.62
N VAL B 124 -29.07 -23.61 4.59
CA VAL B 124 -30.39 -24.12 4.25
C VAL B 124 -30.75 -23.54 2.88
N SER B 125 -31.64 -24.23 2.16
CA SER B 125 -32.22 -23.65 0.93
C SER B 125 -32.60 -22.18 1.13
N HIS B 126 -32.26 -21.31 0.19
CA HIS B 126 -32.51 -19.88 0.37
C HIS B 126 -33.99 -19.53 0.63
N GLU B 127 -34.91 -20.37 0.19
CA GLU B 127 -36.34 -20.09 0.43
C GLU B 127 -36.80 -20.31 1.88
N HIS B 128 -35.95 -20.90 2.70
CA HIS B 128 -36.38 -21.35 4.03
C HIS B 128 -35.51 -20.79 5.15
N LEU B 129 -34.88 -19.65 4.89
CA LEU B 129 -34.05 -18.97 5.86
C LEU B 129 -34.82 -18.62 7.14
N GLU B 130 -35.97 -17.96 7.01
CA GLU B 130 -36.71 -17.60 8.21
C GLU B 130 -37.07 -18.80 9.08
N GLY B 131 -37.53 -19.88 8.45
CA GLY B 131 -37.90 -21.07 9.19
C GLY B 131 -36.75 -21.69 9.96
N ALA B 132 -35.58 -21.78 9.33
CA ALA B 132 -34.41 -22.34 10.01
C ALA B 132 -33.93 -21.38 11.10
N LEU B 133 -33.90 -20.11 10.76
CA LEU B 133 -33.40 -19.08 11.69
C LEU B 133 -34.23 -18.99 12.96
N ASP B 134 -35.55 -19.16 12.82
CA ASP B 134 -36.41 -19.11 13.99
C ASP B 134 -36.13 -20.29 14.91
N ARG B 135 -35.99 -21.48 14.33
CA ARG B 135 -35.67 -22.66 15.09
C ARG B 135 -34.30 -22.52 15.79
N PHE B 136 -33.31 -22.02 15.05
CA PHE B 136 -31.97 -21.70 15.56
C PHE B 136 -32.01 -20.72 16.74
N ALA B 137 -32.76 -19.63 16.57
CA ALA B 137 -32.79 -18.57 17.57
C ALA B 137 -33.23 -19.09 18.94
N GLN B 138 -34.13 -20.08 18.93
CA GLN B 138 -34.63 -20.66 20.18
C GLN B 138 -33.53 -21.29 21.06
N PHE B 139 -32.42 -21.71 20.44
CA PHE B 139 -31.29 -22.28 21.20
C PHE B 139 -30.87 -21.27 22.28
N PHE B 140 -31.01 -20.00 21.92
CA PHE B 140 -30.43 -18.91 22.70
C PHE B 140 -31.50 -18.23 23.54
N LEU B 141 -32.67 -18.85 23.58
CA LEU B 141 -33.82 -18.33 24.29
C LEU B 141 -34.34 -19.32 25.33
N SER B 142 -34.73 -20.52 24.88
CA SER B 142 -35.25 -21.49 25.85
C SER B 142 -35.03 -22.98 25.51
N PRO B 143 -33.76 -23.42 25.55
CA PRO B 143 -33.40 -24.82 25.36
C PRO B 143 -34.07 -25.67 26.45
N LEU B 144 -34.49 -26.89 26.12
CA LEU B 144 -35.13 -27.75 27.11
C LEU B 144 -34.11 -28.37 28.06
N PHE B 145 -32.93 -28.68 27.55
CA PHE B 145 -32.01 -29.53 28.29
C PHE B 145 -32.80 -30.68 28.88
N ASP B 146 -33.58 -31.35 28.03
CA ASP B 146 -34.39 -32.47 28.46
C ASP B 146 -33.57 -33.55 29.17
N GLU B 147 -34.08 -34.03 30.31
CA GLU B 147 -33.37 -34.98 31.16
C GLU B 147 -32.98 -36.28 30.46
N SER B 148 -33.91 -36.83 29.68
CA SER B 148 -33.65 -38.06 28.96
C SER B 148 -32.66 -37.83 27.82
N ALA B 149 -32.74 -36.66 27.18
CA ALA B 149 -31.81 -36.32 26.12
C ALA B 149 -30.41 -36.17 26.68
N LYS B 150 -30.31 -35.56 27.87
CA LYS B 150 -29.03 -35.40 28.55
C LYS B 150 -28.37 -36.74 28.89
N ASP B 151 -29.15 -37.68 29.41
CA ASP B 151 -28.60 -38.97 29.79
C ASP B 151 -28.14 -39.78 28.57
N ARG B 152 -28.75 -39.53 27.43
CA ARG B 152 -28.31 -40.16 26.19
C ARG B 152 -27.10 -39.43 25.60
N GLU B 153 -27.24 -38.13 25.38
CA GLU B 153 -26.22 -37.37 24.68
C GLU B 153 -24.86 -37.27 25.40
N VAL B 154 -24.84 -37.50 26.72
CA VAL B 154 -23.56 -37.58 27.43
C VAL B 154 -22.67 -38.71 26.85
N ASN B 155 -23.29 -39.76 26.31
CA ASN B 155 -22.54 -40.85 25.67
C ASN B 155 -21.84 -40.43 24.37
N ALA B 156 -22.47 -39.53 23.63
CA ALA B 156 -21.87 -38.96 22.42
C ALA B 156 -20.61 -38.18 22.78
N VAL B 157 -20.69 -37.40 23.85
CA VAL B 157 -19.53 -36.64 24.28
C VAL B 157 -18.42 -37.58 24.78
N ASP B 158 -18.81 -38.60 25.52
CA ASP B 158 -17.85 -39.58 25.98
C ASP B 158 -17.16 -40.28 24.79
N SER B 159 -17.94 -40.59 23.78
CA SER B 159 -17.44 -41.31 22.62
C SER B 159 -16.50 -40.37 21.85
N GLU B 160 -16.82 -39.08 21.85
CA GLU B 160 -15.99 -38.09 21.18
C GLU B 160 -14.63 -38.01 21.86
N HIS B 161 -14.65 -38.00 23.19
CA HIS B 161 -13.43 -37.97 23.98
C HIS B 161 -12.58 -39.21 23.70
N GLU B 162 -13.21 -40.38 23.79
CA GLU B 162 -12.54 -41.64 23.52
C GLU B 162 -11.77 -41.56 22.20
N LYS B 163 -12.50 -41.29 21.12
CA LYS B 163 -11.88 -41.14 19.80
C LYS B 163 -10.56 -40.36 19.88
N ASN B 164 -10.51 -39.38 20.78
CA ASN B 164 -9.34 -38.49 20.89
C ASN B 164 -8.22 -39.07 21.75
N VAL B 165 -8.57 -40.00 22.63
CA VAL B 165 -7.63 -40.50 23.65
C VAL B 165 -6.30 -41.02 23.08
N MET B 166 -6.35 -41.77 22.00
CA MET B 166 -5.16 -42.36 21.41
C MET B 166 -4.62 -41.52 20.23
N ASN B 167 -5.14 -40.29 20.07
CA ASN B 167 -4.67 -39.36 19.06
C ASN B 167 -3.53 -38.48 19.58
N ASP B 168 -2.37 -38.55 18.94
CA ASP B 168 -1.18 -37.86 19.45
C ASP B 168 -1.34 -36.34 19.59
N ALA B 169 -2.06 -35.73 18.66
CA ALA B 169 -2.25 -34.28 18.70
C ALA B 169 -3.03 -33.87 19.94
N TRP B 170 -4.12 -34.59 20.24
CA TRP B 170 -4.95 -34.26 21.40
C TRP B 170 -4.21 -34.53 22.69
N ARG B 171 -3.48 -35.64 22.72
CA ARG B 171 -2.63 -35.96 23.86
C ARG B 171 -1.68 -34.81 24.19
N LEU B 172 -0.96 -34.33 23.17
CA LEU B 172 0.00 -33.24 23.35
C LEU B 172 -0.69 -31.94 23.76
N PHE B 173 -1.84 -31.69 23.14
CA PHE B 173 -2.65 -30.50 23.42
C PHE B 173 -2.96 -30.43 24.92
N GLN B 174 -3.47 -31.53 25.48
CA GLN B 174 -3.80 -31.56 26.90
C GLN B 174 -2.56 -31.62 27.81
N LEU B 175 -1.50 -32.28 27.35
CA LEU B 175 -0.29 -32.38 28.17
C LEU B 175 0.31 -30.99 28.41
N GLU B 176 0.28 -30.14 27.41
CA GLU B 176 0.78 -28.77 27.61
C GLU B 176 -0.03 -28.08 28.74
N LYS B 177 -1.33 -28.26 28.71
CA LYS B 177 -2.20 -27.67 29.73
C LYS B 177 -1.86 -28.21 31.11
N ALA B 178 -1.58 -29.51 31.15
CA ALA B 178 -1.26 -30.22 32.38
C ALA B 178 0.09 -29.84 32.96
N THR B 179 0.94 -29.17 32.18
CA THR B 179 2.28 -28.85 32.66
C THR B 179 2.49 -27.35 32.89
N GLY B 180 1.41 -26.58 32.76
CA GLY B 180 1.42 -25.19 33.18
C GLY B 180 0.85 -25.09 34.60
N ASN B 181 0.55 -23.87 35.03
CA ASN B 181 -0.02 -23.62 36.35
C ASN B 181 -1.35 -24.36 36.54
N PRO B 182 -1.40 -25.33 37.48
CA PRO B 182 -2.63 -26.10 37.69
C PRO B 182 -3.78 -25.25 38.20
N LYS B 183 -3.51 -24.04 38.68
CA LYS B 183 -4.58 -23.18 39.18
C LYS B 183 -5.19 -22.31 38.08
N HIS B 184 -4.55 -22.28 36.92
CA HIS B 184 -4.98 -21.44 35.81
C HIS B 184 -6.05 -22.17 35.00
N PRO B 185 -7.08 -21.45 34.56
CA PRO B 185 -8.11 -22.11 33.75
C PRO B 185 -7.56 -22.80 32.49
N PHE B 186 -6.39 -22.40 32.01
CA PHE B 186 -5.76 -23.07 30.87
C PHE B 186 -5.63 -24.58 31.13
N SER B 187 -5.52 -24.94 32.41
CA SER B 187 -5.27 -26.34 32.76
C SER B 187 -6.49 -27.24 32.59
N LYS B 188 -7.66 -26.64 32.40
CA LYS B 188 -8.92 -27.38 32.37
C LYS B 188 -9.02 -28.36 31.19
N PHE B 189 -9.78 -29.43 31.41
CA PHE B 189 -10.06 -30.42 30.38
C PHE B 189 -11.36 -30.00 29.71
N GLY B 190 -11.27 -29.60 28.44
CA GLY B 190 -12.41 -29.00 27.75
C GLY B 190 -13.45 -29.95 27.18
N THR B 191 -13.04 -31.15 26.83
CA THR B 191 -13.98 -32.05 26.15
C THR B 191 -15.04 -32.58 27.12
N GLY B 192 -14.61 -32.97 28.32
CA GLY B 192 -15.48 -33.73 29.21
C GLY B 192 -15.59 -35.18 28.75
N ASN B 193 -16.18 -36.00 29.60
CA ASN B 193 -16.48 -37.37 29.26
C ASN B 193 -17.55 -37.86 30.22
N LYS B 194 -17.92 -39.13 30.16
CA LYS B 194 -19.00 -39.62 31.01
C LYS B 194 -18.66 -39.49 32.50
N TYR B 195 -17.40 -39.71 32.84
CA TYR B 195 -16.95 -39.49 34.21
C TYR B 195 -17.19 -38.05 34.71
N THR B 196 -16.78 -37.06 33.94
CA THR B 196 -16.82 -35.67 34.43
C THR B 196 -18.21 -35.05 34.32
N LEU B 197 -19.04 -35.56 33.41
CA LEU B 197 -20.37 -35.01 33.14
C LEU B 197 -21.51 -35.81 33.72
N GLU B 198 -21.23 -37.01 34.24
CA GLU B 198 -22.31 -37.81 34.82
C GLU B 198 -21.91 -38.51 36.12
N THR B 199 -20.92 -39.40 36.05
CA THR B 199 -20.51 -40.17 37.21
C THR B 199 -20.07 -39.32 38.39
N ARG B 200 -19.10 -38.44 38.19
CA ARG B 200 -18.60 -37.64 39.30
C ARG B 200 -19.64 -36.66 39.84
N PRO B 201 -20.40 -36.00 38.97
CA PRO B 201 -21.47 -35.11 39.44
C PRO B 201 -22.48 -35.88 40.29
N ASN B 202 -22.87 -37.07 39.84
CA ASN B 202 -23.83 -37.88 40.57
C ASN B 202 -23.34 -38.24 41.98
N GLN B 203 -22.04 -38.51 42.09
CA GLN B 203 -21.43 -38.86 43.37
C GLN B 203 -21.23 -37.63 44.24
N GLU B 204 -21.25 -36.46 43.61
CA GLU B 204 -21.07 -35.20 44.32
C GLU B 204 -22.40 -34.52 44.61
N GLY B 205 -23.49 -35.19 44.22
CA GLY B 205 -24.82 -34.65 44.43
C GLY B 205 -25.14 -33.45 43.55
N ILE B 206 -24.46 -33.37 42.41
CA ILE B 206 -24.64 -32.24 41.49
C ILE B 206 -25.72 -32.61 40.47
N ASP B 207 -26.63 -31.69 40.22
CA ASP B 207 -27.69 -31.88 39.24
C ASP B 207 -27.24 -31.27 37.91
N VAL B 208 -26.83 -32.11 36.96
CA VAL B 208 -26.23 -31.63 35.72
C VAL B 208 -27.19 -30.82 34.83
N ARG B 209 -28.46 -31.22 34.74
CA ARG B 209 -29.43 -30.42 33.99
C ARG B 209 -29.49 -29.01 34.57
N GLN B 210 -29.51 -28.94 35.90
CA GLN B 210 -29.53 -27.65 36.58
C GLN B 210 -28.31 -26.83 36.21
N GLU B 211 -27.14 -27.45 36.24
CA GLU B 211 -25.91 -26.76 35.91
C GLU B 211 -25.89 -26.28 34.46
N LEU B 212 -26.45 -27.07 33.56
CA LEU B 212 -26.55 -26.66 32.15
C LEU B 212 -27.42 -25.41 32.03
N LEU B 213 -28.58 -25.42 32.69
CA LEU B 213 -29.45 -24.25 32.69
C LEU B 213 -28.79 -23.06 33.35
N LYS B 214 -28.10 -23.30 34.47
CA LYS B 214 -27.42 -22.19 35.15
C LYS B 214 -26.33 -21.58 34.27
N PHE B 215 -25.58 -22.44 33.58
CA PHE B 215 -24.52 -21.95 32.69
C PHE B 215 -25.14 -21.14 31.54
N HIS B 216 -26.18 -21.68 30.92
CA HIS B 216 -26.83 -20.97 29.81
C HIS B 216 -27.35 -19.60 30.30
N SER B 217 -28.04 -19.61 31.43
CA SER B 217 -28.58 -18.37 31.99
C SER B 217 -27.52 -17.33 32.32
N ALA B 218 -26.40 -17.76 32.91
CA ALA B 218 -25.38 -16.82 33.32
C ALA B 218 -24.53 -16.29 32.16
N TYR B 219 -24.30 -17.11 31.14
CA TYR B 219 -23.30 -16.77 30.13
C TYR B 219 -23.86 -16.61 28.72
N TYR B 220 -25.00 -17.24 28.43
CA TYR B 220 -25.58 -17.00 27.12
C TYR B 220 -26.33 -15.68 27.14
N SER B 221 -25.57 -14.60 27.23
CA SER B 221 -26.12 -13.26 27.33
C SER B 221 -25.94 -12.54 26.00
N SER B 222 -26.93 -11.75 25.63
CA SER B 222 -26.88 -11.01 24.38
C SER B 222 -25.61 -10.17 24.22
N ASN B 223 -25.08 -9.63 25.33
CA ASN B 223 -23.88 -8.79 25.27
C ASN B 223 -22.61 -9.54 24.87
N LEU B 224 -22.64 -10.87 24.94
CA LEU B 224 -21.48 -11.66 24.57
C LEU B 224 -21.72 -12.40 23.27
N MET B 225 -22.74 -11.98 22.52
CA MET B 225 -23.12 -12.68 21.29
C MET B 225 -22.88 -11.88 20.03
N ALA B 226 -22.58 -12.58 18.95
CA ALA B 226 -22.47 -11.98 17.62
C ALA B 226 -23.15 -12.91 16.64
N VAL B 227 -23.91 -12.32 15.71
CA VAL B 227 -24.72 -13.09 14.77
C VAL B 227 -24.47 -12.60 13.36
N VAL B 228 -24.42 -13.54 12.42
CA VAL B 228 -24.25 -13.21 11.01
C VAL B 228 -25.32 -13.94 10.24
N VAL B 229 -25.98 -13.24 9.34
CA VAL B 229 -27.05 -13.86 8.54
C VAL B 229 -26.81 -13.48 7.09
N LEU B 230 -26.81 -14.50 6.23
CA LEU B 230 -26.58 -14.32 4.80
C LEU B 230 -27.79 -14.92 4.06
N GLY B 231 -28.42 -14.14 3.20
CA GLY B 231 -29.57 -14.65 2.45
C GLY B 231 -29.78 -13.85 1.16
N ARG B 232 -30.77 -14.25 0.37
CA ARG B 232 -31.14 -13.50 -0.84
C ARG B 232 -31.85 -12.19 -0.55
N GLU B 233 -32.53 -12.14 0.59
CA GLU B 233 -33.27 -10.96 1.01
C GLU B 233 -32.44 -9.69 0.96
N SER B 234 -33.13 -8.55 0.79
CA SER B 234 -32.49 -7.26 0.84
C SER B 234 -31.93 -7.08 2.24
N LEU B 235 -31.01 -6.11 2.42
CA LEU B 235 -30.49 -5.77 3.74
C LEU B 235 -31.59 -5.30 4.71
N ASP B 236 -32.54 -4.52 4.20
CA ASP B 236 -33.68 -4.06 5.01
C ASP B 236 -34.51 -5.23 5.56
N ASP B 237 -34.85 -6.19 4.68
CA ASP B 237 -35.60 -7.37 5.12
C ASP B 237 -34.77 -8.25 6.07
N LEU B 238 -33.48 -8.35 5.80
CA LEU B 238 -32.61 -9.12 6.70
C LEU B 238 -32.56 -8.42 8.05
N THR B 239 -32.55 -7.09 8.01
CA THR B 239 -32.51 -6.30 9.24
C THR B 239 -33.74 -6.61 10.10
N ASN B 240 -34.92 -6.61 9.48
CA ASN B 240 -36.16 -6.82 10.20
C ASN B 240 -36.26 -8.24 10.75
N LEU B 241 -35.77 -9.18 9.96
CA LEU B 241 -35.79 -10.58 10.32
C LEU B 241 -34.95 -10.81 11.57
N VAL B 242 -33.73 -10.29 11.57
CA VAL B 242 -32.84 -10.45 12.70
C VAL B 242 -33.36 -9.76 13.96
N VAL B 243 -33.88 -8.54 13.80
CA VAL B 243 -34.49 -7.85 14.94
C VAL B 243 -35.66 -8.65 15.50
N LYS B 244 -36.50 -9.14 14.61
CA LYS B 244 -37.64 -9.92 15.04
C LYS B 244 -37.25 -11.15 15.87
N LEU B 245 -36.19 -11.86 15.46
CA LEU B 245 -35.88 -13.14 16.11
C LEU B 245 -34.87 -13.08 17.25
N PHE B 246 -34.09 -11.99 17.34
CA PHE B 246 -32.98 -11.91 18.29
C PHE B 246 -33.02 -10.77 19.32
N SER B 247 -33.90 -9.80 19.13
CA SER B 247 -33.96 -8.70 20.10
C SER B 247 -34.50 -9.19 21.45
N GLU B 248 -35.16 -10.33 21.49
CA GLU B 248 -35.68 -10.83 22.77
C GLU B 248 -34.64 -11.56 23.61
N VAL B 249 -33.44 -11.77 23.06
CA VAL B 249 -32.41 -12.45 23.85
C VAL B 249 -32.05 -11.51 24.98
N GLU B 250 -31.92 -12.05 26.18
CA GLU B 250 -31.72 -11.21 27.38
C GLU B 250 -30.28 -10.74 27.60
N ASN B 251 -30.11 -9.51 28.07
CA ASN B 251 -28.79 -8.97 28.31
C ASN B 251 -28.48 -9.04 29.79
N LYS B 252 -27.53 -9.89 30.16
CA LYS B 252 -27.13 -10.05 31.56
C LYS B 252 -25.92 -9.18 31.85
N ASN B 253 -25.46 -8.43 30.85
CA ASN B 253 -24.27 -7.59 31.00
C ASN B 253 -23.12 -8.33 31.67
N VAL B 254 -22.81 -9.51 31.17
CA VAL B 254 -21.73 -10.34 31.70
C VAL B 254 -20.40 -9.76 31.35
N PRO B 255 -19.51 -9.68 32.33
CA PRO B 255 -18.14 -9.27 32.00
C PRO B 255 -17.44 -10.34 31.16
N LEU B 256 -16.66 -9.92 30.17
CA LEU B 256 -15.93 -10.84 29.31
C LEU B 256 -14.75 -11.39 30.10
N PRO B 257 -14.63 -12.72 30.19
CA PRO B 257 -13.48 -13.30 30.90
C PRO B 257 -12.15 -12.82 30.32
N GLU B 258 -11.21 -12.56 31.23
CA GLU B 258 -9.84 -12.23 30.83
C GLU B 258 -8.86 -13.00 31.67
N PHE B 259 -7.71 -13.32 31.07
CA PHE B 259 -6.72 -14.18 31.71
C PHE B 259 -5.34 -13.53 31.59
N PRO B 260 -5.15 -12.40 32.29
CA PRO B 260 -3.92 -11.63 32.13
C PRO B 260 -2.67 -12.34 32.67
N GLU B 261 -2.85 -13.24 33.64
CA GLU B 261 -1.69 -13.99 34.13
C GLU B 261 -1.34 -15.16 33.21
N HIS B 262 -0.09 -15.28 32.79
CA HIS B 262 0.28 -16.36 31.89
C HIS B 262 0.25 -17.71 32.58
N PRO B 263 -0.36 -18.72 31.95
CA PRO B 263 -0.38 -20.06 32.54
C PRO B 263 1.03 -20.59 32.75
N PHE B 264 2.01 -20.07 32.00
CA PHE B 264 3.39 -20.49 32.21
C PHE B 264 4.08 -19.40 33.02
N GLN B 265 4.30 -19.68 34.30
CA GLN B 265 5.11 -18.79 35.16
C GLN B 265 6.55 -19.29 35.23
N GLU B 266 7.38 -18.60 36.02
CA GLU B 266 8.80 -18.90 36.07
C GLU B 266 9.11 -20.38 36.30
N GLU B 267 8.40 -21.01 37.23
CA GLU B 267 8.68 -22.42 37.51
C GLU B 267 8.31 -23.37 36.35
N HIS B 268 7.58 -22.87 35.35
CA HIS B 268 7.21 -23.66 34.17
C HIS B 268 8.14 -23.41 32.96
N LEU B 269 9.16 -22.60 33.17
CA LEU B 269 10.07 -22.23 32.10
C LEU B 269 11.39 -22.96 32.31
N LYS B 270 12.23 -23.04 31.27
CA LYS B 270 13.48 -23.79 31.32
C LYS B 270 13.22 -25.25 31.69
N GLN B 271 12.11 -25.80 31.17
CA GLN B 271 11.70 -27.16 31.44
C GLN B 271 11.77 -28.00 30.16
N LEU B 272 12.12 -29.27 30.31
CA LEU B 272 12.22 -30.18 29.20
C LEU B 272 11.27 -31.34 29.47
N TYR B 273 10.46 -31.70 28.48
CA TYR B 273 9.53 -32.81 28.61
C TYR B 273 9.87 -33.90 27.59
N LYS B 274 9.92 -35.14 28.05
CA LYS B 274 10.16 -36.27 27.16
C LYS B 274 8.90 -37.12 27.17
N ILE B 275 8.34 -37.36 25.98
CA ILE B 275 6.99 -37.89 25.85
C ILE B 275 6.94 -39.11 24.93
N VAL B 276 6.23 -40.15 25.36
CA VAL B 276 6.02 -41.32 24.51
C VAL B 276 4.75 -41.14 23.67
N PRO B 277 4.91 -41.18 22.33
CA PRO B 277 3.74 -41.01 21.46
C PRO B 277 3.07 -42.34 21.23
N ILE B 278 1.89 -42.31 20.61
CA ILE B 278 1.21 -43.52 20.17
C ILE B 278 1.76 -44.01 18.84
N LYS B 279 1.73 -43.13 17.84
CA LYS B 279 2.39 -43.39 16.57
C LYS B 279 3.90 -43.35 16.74
N ASP B 280 4.62 -43.99 15.82
CA ASP B 280 6.08 -43.87 15.78
C ASP B 280 6.44 -42.55 15.09
N ILE B 281 6.43 -41.48 15.86
CA ILE B 281 6.75 -40.16 15.34
C ILE B 281 7.86 -39.56 16.21
N ARG B 282 8.62 -38.64 15.66
CA ARG B 282 9.69 -37.98 16.42
C ARG B 282 9.51 -36.51 16.19
N ASN B 283 9.24 -35.75 17.24
CA ASN B 283 8.99 -34.34 17.08
C ASN B 283 9.63 -33.55 18.19
N LEU B 284 9.92 -32.29 17.90
CA LEU B 284 10.45 -31.36 18.89
C LEU B 284 9.57 -30.11 18.91
N TYR B 285 9.07 -29.76 20.10
CA TYR B 285 8.21 -28.59 20.30
C TYR B 285 8.89 -27.58 21.18
N VAL B 286 9.16 -26.41 20.62
CA VAL B 286 9.74 -25.32 21.38
C VAL B 286 8.67 -24.23 21.55
N THR B 287 8.52 -23.77 22.79
CA THR B 287 7.48 -22.82 23.14
C THR B 287 8.03 -21.72 24.05
N PHE B 288 7.62 -20.48 23.75
CA PHE B 288 7.89 -19.32 24.57
C PHE B 288 6.55 -18.68 24.92
N PRO B 289 6.34 -18.34 26.20
CA PRO B 289 5.13 -17.56 26.53
C PRO B 289 5.31 -16.15 26.03
N ILE B 290 4.24 -15.54 25.56
CA ILE B 290 4.30 -14.14 25.13
C ILE B 290 3.02 -13.42 25.57
N PRO B 291 3.07 -12.08 25.67
CA PRO B 291 1.87 -11.28 25.97
C PRO B 291 0.80 -11.52 24.90
N ASP B 292 -0.45 -11.17 25.20
CA ASP B 292 -1.52 -11.18 24.17
C ASP B 292 -1.19 -10.13 23.12
N LEU B 293 -1.01 -10.55 21.87
CA LEU B 293 -0.65 -9.61 20.80
C LEU B 293 -1.87 -9.14 20.01
N GLN B 294 -3.06 -9.61 20.36
CA GLN B 294 -4.24 -9.34 19.56
C GLN B 294 -4.49 -7.84 19.36
N LYS B 295 -4.23 -7.04 20.38
CA LYS B 295 -4.54 -5.61 20.28
C LYS B 295 -3.60 -4.94 19.26
N TYR B 296 -2.55 -5.65 18.86
CA TYR B 296 -1.60 -5.09 17.89
C TYR B 296 -1.87 -5.52 16.47
N TYR B 297 -3.11 -5.94 16.18
CA TYR B 297 -3.44 -6.56 14.90
C TYR B 297 -3.17 -5.67 13.67
N LYS B 298 -3.10 -4.36 13.86
CA LYS B 298 -2.85 -3.47 12.73
C LYS B 298 -1.41 -3.59 12.22
N SER B 299 -0.53 -4.03 13.11
CA SER B 299 0.87 -4.24 12.75
C SER B 299 1.29 -5.71 12.83
N ASN B 300 0.60 -6.48 13.67
CA ASN B 300 0.80 -7.92 13.75
C ASN B 300 2.26 -8.32 13.79
N PRO B 301 2.96 -7.94 14.85
CA PRO B 301 4.40 -8.23 14.96
C PRO B 301 4.66 -9.76 15.00
N GLY B 302 3.75 -10.51 15.59
CA GLY B 302 3.84 -11.96 15.67
C GLY B 302 3.81 -12.65 14.32
N HIS B 303 3.00 -12.11 13.41
CA HIS B 303 2.98 -12.63 12.03
C HIS B 303 4.28 -12.31 11.28
N TYR B 304 4.80 -11.11 11.49
CA TYR B 304 6.09 -10.74 10.91
C TYR B 304 7.15 -11.76 11.34
N LEU B 305 7.21 -12.08 12.64
CA LEU B 305 8.28 -12.94 13.16
C LEU B 305 8.05 -14.40 12.76
N GLY B 306 6.79 -14.79 12.65
CA GLY B 306 6.45 -16.12 12.16
C GLY B 306 6.81 -16.30 10.70
N HIS B 307 6.51 -15.29 9.88
CA HIS B 307 6.89 -15.36 8.48
C HIS B 307 8.39 -15.61 8.32
N LEU B 308 9.21 -14.95 9.14
CA LEU B 308 10.66 -15.11 9.03
C LEU B 308 11.17 -16.43 9.64
N ILE B 309 10.86 -16.66 10.91
CA ILE B 309 11.31 -17.87 11.60
C ILE B 309 10.77 -19.13 10.90
N GLY B 310 9.53 -19.06 10.41
CA GLY B 310 8.93 -20.19 9.72
C GLY B 310 9.24 -20.31 8.24
N HIS B 311 10.06 -19.39 7.72
CA HIS B 311 10.33 -19.33 6.30
C HIS B 311 11.02 -20.63 5.82
N GLU B 312 10.78 -21.02 4.57
CA GLU B 312 11.38 -22.26 4.04
C GLU B 312 12.29 -22.07 2.82
N GLY B 313 12.54 -20.81 2.46
CA GLY B 313 13.38 -20.53 1.30
C GLY B 313 14.86 -20.54 1.65
N PRO B 314 15.72 -20.30 0.65
CA PRO B 314 17.16 -20.27 0.90
C PRO B 314 17.51 -19.35 2.07
N GLY B 315 18.46 -19.75 2.90
CA GLY B 315 18.89 -18.92 4.01
C GLY B 315 18.12 -19.17 5.29
N SER B 316 16.99 -19.87 5.18
CA SER B 316 16.12 -20.09 6.35
C SER B 316 16.67 -21.04 7.42
N LEU B 317 16.11 -20.92 8.62
CA LEU B 317 16.32 -21.87 9.69
C LEU B 317 16.06 -23.31 9.21
N LEU B 318 14.90 -23.54 8.60
CA LEU B 318 14.58 -24.88 8.11
C LEU B 318 15.63 -25.41 7.13
N SER B 319 16.06 -24.57 6.20
CA SER B 319 17.00 -25.02 5.17
C SER B 319 18.25 -25.60 5.76
N GLU B 320 18.77 -24.96 6.81
CA GLU B 320 20.00 -25.44 7.43
C GLU B 320 19.76 -26.70 8.28
N LEU B 321 18.65 -26.70 9.01
CA LEU B 321 18.26 -27.89 9.77
C LEU B 321 18.08 -29.10 8.85
N LYS B 322 17.48 -28.86 7.68
CA LYS B 322 17.30 -29.90 6.70
C LYS B 322 18.64 -30.34 6.05
N SER B 323 19.52 -29.38 5.78
CA SER B 323 20.86 -29.70 5.23
C SER B 323 21.71 -30.51 6.20
N LYS B 324 21.57 -30.24 7.49
CA LYS B 324 22.29 -30.97 8.52
C LYS B 324 21.74 -32.39 8.65
N GLY B 325 20.59 -32.63 8.02
CA GLY B 325 19.92 -33.92 8.08
C GLY B 325 19.22 -34.20 9.40
N TRP B 326 18.76 -33.14 10.07
CA TRP B 326 18.19 -33.26 11.40
C TRP B 326 16.66 -33.15 11.45
N VAL B 327 16.07 -32.40 10.52
CA VAL B 327 14.63 -32.24 10.49
C VAL B 327 14.14 -32.17 9.05
N ASN B 328 12.87 -32.48 8.83
CA ASN B 328 12.29 -32.33 7.49
C ASN B 328 11.32 -31.15 7.35
N THR B 329 10.61 -30.85 8.42
CA THR B 329 9.57 -29.83 8.34
C THR B 329 9.63 -28.94 9.58
N LEU B 330 9.05 -27.76 9.48
CA LEU B 330 9.10 -26.79 10.56
C LEU B 330 7.86 -25.87 10.49
N VAL B 331 7.26 -25.63 11.65
CA VAL B 331 6.21 -24.61 11.79
C VAL B 331 6.69 -23.64 12.85
N GLY B 332 6.56 -22.35 12.59
CA GLY B 332 7.02 -21.35 13.54
C GLY B 332 6.08 -20.15 13.53
N GLY B 333 5.89 -19.53 14.69
CA GLY B 333 5.11 -18.30 14.74
C GLY B 333 4.21 -18.22 15.96
N GLN B 334 3.20 -17.35 15.88
CA GLN B 334 2.39 -17.09 17.06
C GLN B 334 1.26 -18.07 17.16
N LYS B 335 0.87 -18.39 18.39
CA LYS B 335 -0.19 -19.34 18.61
C LYS B 335 -1.17 -18.71 19.60
N ALA B 336 -2.45 -18.79 19.29
CA ALA B 336 -3.48 -18.25 20.19
C ALA B 336 -3.47 -18.88 21.59
N GLY B 337 -3.78 -18.07 22.59
CA GLY B 337 -3.99 -18.56 23.94
C GLY B 337 -5.42 -18.24 24.35
N ALA B 338 -5.59 -17.09 24.98
CA ALA B 338 -6.92 -16.55 25.27
C ALA B 338 -6.69 -15.06 25.53
N ARG B 339 -7.75 -14.30 25.78
CA ARG B 339 -7.57 -12.89 26.09
C ARG B 339 -6.59 -12.75 27.25
N GLY B 340 -5.44 -12.13 27.01
CA GLY B 340 -4.44 -12.01 28.05
C GLY B 340 -3.16 -12.84 27.90
N PHE B 341 -3.18 -13.88 27.09
CA PHE B 341 -1.98 -14.67 26.91
C PHE B 341 -1.88 -15.40 25.57
N MET B 342 -0.67 -15.50 25.06
CA MET B 342 -0.39 -16.19 23.81
C MET B 342 0.92 -16.98 23.91
N PHE B 343 1.28 -17.64 22.83
CA PHE B 343 2.52 -18.38 22.76
C PHE B 343 3.23 -18.13 21.45
N PHE B 344 4.53 -18.39 21.42
CA PHE B 344 5.27 -18.38 20.17
C PHE B 344 5.94 -19.75 20.08
N ILE B 345 5.78 -20.43 18.95
CA ILE B 345 6.25 -21.80 18.84
C ILE B 345 7.23 -21.95 17.70
N ILE B 346 8.14 -22.91 17.85
CA ILE B 346 8.95 -23.40 16.75
C ILE B 346 8.98 -24.91 16.89
N ASN B 347 8.26 -25.58 15.98
CA ASN B 347 8.09 -27.03 16.05
C ASN B 347 8.69 -27.66 14.82
N VAL B 348 9.43 -28.75 15.01
CA VAL B 348 10.02 -29.49 13.90
C VAL B 348 9.81 -30.99 14.10
N ASP B 349 9.82 -31.74 13.00
CA ASP B 349 9.93 -33.19 13.13
C ASP B 349 11.42 -33.52 13.25
N LEU B 350 11.75 -34.77 13.52
CA LEU B 350 13.14 -35.13 13.78
C LEU B 350 13.49 -36.39 13.00
N THR B 351 14.65 -36.37 12.36
CA THR B 351 15.20 -37.58 11.74
C THR B 351 15.82 -38.38 12.88
N GLU B 352 16.32 -39.57 12.56
CA GLU B 352 17.01 -40.34 13.57
C GLU B 352 18.20 -39.57 14.11
N GLU B 353 18.96 -38.94 13.22
CA GLU B 353 20.08 -38.10 13.67
C GLU B 353 19.64 -36.83 14.42
N GLY B 354 18.54 -36.22 13.99
CA GLY B 354 18.02 -35.04 14.68
C GLY B 354 17.67 -35.33 16.13
N LEU B 355 17.18 -36.53 16.41
CA LEU B 355 16.79 -36.89 17.77
C LEU B 355 18.04 -36.88 18.68
N LEU B 356 19.19 -37.15 18.09
CA LEU B 356 20.45 -37.18 18.84
C LEU B 356 21.06 -35.80 18.94
N HIS B 357 20.45 -34.83 18.25
CA HIS B 357 21.05 -33.50 18.13
C HIS B 357 20.10 -32.38 18.51
N VAL B 358 19.19 -32.66 19.43
CA VAL B 358 18.19 -31.68 19.84
C VAL B 358 18.81 -30.40 20.41
N GLU B 359 19.83 -30.56 21.24
CA GLU B 359 20.49 -29.40 21.82
C GLU B 359 21.10 -28.55 20.69
N ASP B 360 21.68 -29.21 19.68
CA ASP B 360 22.23 -28.47 18.53
C ASP B 360 21.13 -27.78 17.72
N ILE B 361 20.00 -28.45 17.54
CA ILE B 361 18.89 -27.89 16.75
C ILE B 361 18.39 -26.62 17.42
N ILE B 362 18.25 -26.68 18.74
CA ILE B 362 17.76 -25.54 19.49
C ILE B 362 18.76 -24.39 19.44
N LEU B 363 20.05 -24.71 19.56
CA LEU B 363 21.11 -23.72 19.33
C LEU B 363 20.93 -22.99 18.00
N HIS B 364 20.73 -23.75 16.93
CA HIS B 364 20.52 -23.13 15.62
C HIS B 364 19.26 -22.24 15.60
N MET B 365 18.20 -22.67 16.29
CA MET B 365 17.03 -21.80 16.43
C MET B 365 17.41 -20.45 17.06
N PHE B 366 18.16 -20.49 18.17
CA PHE B 366 18.61 -19.24 18.81
C PHE B 366 19.61 -18.43 17.97
N GLN B 367 20.40 -19.10 17.13
CA GLN B 367 21.26 -18.39 16.18
C GLN B 367 20.44 -17.62 15.14
N TYR B 368 19.40 -18.24 14.61
CA TYR B 368 18.57 -17.55 13.62
C TYR B 368 17.87 -16.34 14.26
N ILE B 369 17.41 -16.54 15.49
CA ILE B 369 16.75 -15.45 16.22
C ILE B 369 17.75 -14.32 16.47
N GLN B 370 19.01 -14.68 16.76
CA GLN B 370 20.04 -13.67 16.98
C GLN B 370 20.34 -12.91 15.69
N LYS B 371 20.33 -13.60 14.56
CA LYS B 371 20.44 -12.94 13.26
C LYS B 371 19.32 -11.90 13.05
N LEU B 372 18.09 -12.25 13.41
CA LEU B 372 17.00 -11.29 13.30
C LEU B 372 17.26 -10.08 14.20
N ARG B 373 17.77 -10.34 15.39
CA ARG B 373 18.08 -9.26 16.32
C ARG B 373 19.21 -8.37 15.77
N ALA B 374 20.19 -9.00 15.14
CA ALA B 374 21.34 -8.27 14.60
C ALA B 374 20.94 -7.35 13.45
N GLU B 375 20.13 -7.85 12.53
CA GLU B 375 19.73 -7.06 11.37
C GLU B 375 18.68 -6.01 11.74
N GLY B 376 17.95 -6.23 12.82
CA GLY B 376 16.83 -5.37 13.19
C GLY B 376 15.63 -5.56 12.25
N PRO B 377 14.46 -5.04 12.65
CA PRO B 377 13.25 -5.20 11.84
C PRO B 377 13.42 -4.66 10.42
N GLN B 378 12.81 -5.35 9.47
CA GLN B 378 13.00 -5.06 8.06
C GLN B 378 11.71 -4.56 7.48
N GLU B 379 11.68 -3.27 7.18
CA GLU B 379 10.47 -2.72 6.62
C GLU B 379 10.08 -3.29 5.24
N TRP B 380 11.07 -3.57 4.39
CA TRP B 380 10.71 -4.10 3.07
C TRP B 380 9.96 -5.43 3.22
N VAL B 381 10.30 -6.20 4.25
CA VAL B 381 9.63 -7.47 4.52
C VAL B 381 8.17 -7.21 4.87
N PHE B 382 7.97 -6.30 5.82
CA PHE B 382 6.62 -5.93 6.23
C PHE B 382 5.79 -5.43 5.03
N GLN B 383 6.40 -4.57 4.21
CA GLN B 383 5.69 -4.03 3.07
C GLN B 383 5.33 -5.11 2.06
N GLU B 384 6.22 -6.08 1.85
CA GLU B 384 5.92 -7.14 0.91
C GLU B 384 4.73 -7.95 1.42
N LEU B 385 4.74 -8.30 2.71
CA LEU B 385 3.58 -8.96 3.33
C LEU B 385 2.30 -8.15 3.16
N LYS B 386 2.39 -6.86 3.44
CA LYS B 386 1.24 -5.98 3.33
C LYS B 386 0.66 -5.99 1.91
N ASP B 387 1.53 -5.88 0.92
CA ASP B 387 1.09 -5.85 -0.48
C ASP B 387 0.54 -7.18 -0.97
N LEU B 388 1.12 -8.28 -0.51
CA LEU B 388 0.58 -9.60 -0.86
C LEU B 388 -0.80 -9.79 -0.23
N ASN B 389 -0.94 -9.36 1.02
CA ASN B 389 -2.25 -9.44 1.69
C ASN B 389 -3.30 -8.63 0.97
N ALA B 390 -2.91 -7.45 0.49
CA ALA B 390 -3.83 -6.59 -0.25
C ALA B 390 -4.28 -7.27 -1.53
N VAL B 391 -3.36 -7.94 -2.23
CA VAL B 391 -3.71 -8.64 -3.45
C VAL B 391 -4.65 -9.82 -3.16
N ALA B 392 -4.30 -10.58 -2.12
CA ALA B 392 -5.11 -11.72 -1.70
C ALA B 392 -6.53 -11.29 -1.35
N PHE B 393 -6.66 -10.19 -0.60
CA PHE B 393 -7.97 -9.70 -0.19
C PHE B 393 -8.77 -9.30 -1.42
N ARG B 394 -8.13 -8.55 -2.30
CA ARG B 394 -8.80 -8.07 -3.50
C ARG B 394 -9.37 -9.20 -4.35
N PHE B 395 -8.58 -10.25 -4.58
CA PHE B 395 -8.95 -11.29 -5.52
C PHE B 395 -9.40 -12.58 -4.80
N LYS B 396 -9.81 -12.42 -3.55
CA LYS B 396 -10.28 -13.51 -2.67
C LYS B 396 -11.41 -14.29 -3.35
N ASP B 397 -11.32 -15.63 -3.33
CA ASP B 397 -12.45 -16.44 -3.78
C ASP B 397 -13.68 -16.15 -2.93
N LYS B 398 -14.85 -16.21 -3.55
CA LYS B 398 -16.10 -16.18 -2.83
C LYS B 398 -16.26 -17.43 -1.95
N GLU B 399 -16.58 -17.21 -0.68
CA GLU B 399 -16.66 -18.28 0.34
C GLU B 399 -18.01 -18.99 0.31
N ARG B 400 -18.04 -20.26 0.71
CA ARG B 400 -19.31 -20.92 0.99
C ARG B 400 -19.96 -20.27 2.21
N PRO B 401 -21.26 -20.01 2.13
CA PRO B 401 -22.02 -19.32 3.17
C PRO B 401 -21.82 -19.86 4.60
N ARG B 402 -21.96 -21.16 4.79
CA ARG B 402 -21.87 -21.74 6.13
C ARG B 402 -20.54 -21.40 6.83
N GLY B 403 -19.42 -21.59 6.14
CA GLY B 403 -18.13 -21.33 6.76
C GLY B 403 -17.93 -19.83 6.95
N TYR B 404 -18.51 -19.05 6.05
CA TYR B 404 -18.30 -17.61 6.03
C TYR B 404 -19.03 -16.97 7.21
N THR B 405 -20.28 -17.36 7.41
CA THR B 405 -21.05 -16.83 8.55
C THR B 405 -20.40 -17.24 9.89
N SER B 406 -20.00 -18.51 10.02
CA SER B 406 -19.33 -18.97 11.23
C SER B 406 -18.08 -18.16 11.55
N LYS B 407 -17.24 -17.96 10.53
CA LYS B 407 -15.96 -17.28 10.72
C LYS B 407 -16.19 -15.82 11.10
N ILE B 408 -17.12 -15.18 10.38
CA ILE B 408 -17.39 -13.77 10.66
C ILE B 408 -17.99 -13.57 12.08
N ALA B 409 -18.84 -14.48 12.52
CA ALA B 409 -19.43 -14.35 13.87
C ALA B 409 -18.37 -14.38 14.97
N GLY B 410 -17.33 -15.20 14.77
CA GLY B 410 -16.19 -15.20 15.66
C GLY B 410 -15.45 -13.89 15.65
N ILE B 411 -15.21 -13.31 14.48
CA ILE B 411 -14.38 -12.12 14.48
C ILE B 411 -15.10 -10.80 14.82
N LEU B 412 -16.43 -10.82 14.76
CA LEU B 412 -17.22 -9.65 15.18
C LEU B 412 -16.93 -9.24 16.64
N HIS B 413 -16.40 -10.19 17.43
CA HIS B 413 -16.03 -9.88 18.81
C HIS B 413 -14.71 -9.12 18.94
N TYR B 414 -13.95 -9.04 17.87
CA TYR B 414 -12.61 -8.46 17.98
C TYR B 414 -12.39 -7.16 17.24
N TYR B 415 -13.28 -6.82 16.32
CA TYR B 415 -13.12 -5.64 15.44
C TYR B 415 -14.39 -4.84 15.33
N PRO B 416 -14.28 -3.52 15.14
CA PRO B 416 -15.48 -2.73 14.85
C PRO B 416 -16.23 -3.31 13.65
N LEU B 417 -17.55 -3.10 13.63
CA LEU B 417 -18.43 -3.61 12.57
C LEU B 417 -17.86 -3.37 11.17
N GLU B 418 -17.43 -2.13 10.91
CA GLU B 418 -16.97 -1.73 9.59
C GLU B 418 -15.69 -2.42 9.16
N GLU B 419 -14.96 -2.99 10.11
CA GLU B 419 -13.65 -3.55 9.82
C GLU B 419 -13.59 -5.06 9.82
N VAL B 420 -14.73 -5.73 10.02
CA VAL B 420 -14.71 -7.19 10.21
C VAL B 420 -14.26 -7.99 8.99
N LEU B 421 -14.54 -7.49 7.80
CA LEU B 421 -14.09 -8.17 6.57
C LEU B 421 -12.59 -7.98 6.32
N THR B 422 -12.08 -6.80 6.64
CA THR B 422 -10.67 -6.48 6.34
C THR B 422 -9.70 -6.90 7.44
N ALA B 423 -10.21 -7.04 8.65
CA ALA B 423 -9.37 -7.15 9.86
C ALA B 423 -8.34 -8.28 9.84
N GLU B 424 -8.67 -9.39 9.18
CA GLU B 424 -7.76 -10.50 9.14
C GLU B 424 -6.99 -10.65 7.83
N TYR B 425 -7.06 -9.64 6.98
CA TYR B 425 -6.22 -9.64 5.78
C TYR B 425 -5.20 -8.55 5.79
N LEU B 426 -5.65 -7.33 6.05
CA LEU B 426 -4.87 -6.17 5.72
C LEU B 426 -4.00 -5.77 6.90
N LEU B 427 -2.75 -5.43 6.61
CA LEU B 427 -1.75 -4.99 7.58
C LEU B 427 -1.62 -3.50 7.34
N GLU B 428 -1.36 -2.72 8.37
CA GLU B 428 -1.39 -1.28 8.22
C GLU B 428 -0.09 -0.57 8.54
N GLU B 429 0.35 -0.68 9.79
CA GLU B 429 1.52 0.03 10.26
C GLU B 429 2.70 -0.86 10.61
N PHE B 430 3.88 -0.45 10.18
CA PHE B 430 5.10 -1.14 10.54
C PHE B 430 5.47 -0.66 11.93
N ARG B 431 5.53 -1.57 12.89
CA ARG B 431 5.85 -1.16 14.25
C ARG B 431 7.10 -1.89 14.74
N PRO B 432 8.27 -1.38 14.33
CA PRO B 432 9.50 -2.09 14.70
C PRO B 432 9.68 -2.24 16.22
N ASP B 433 9.17 -1.29 17.01
CA ASP B 433 9.22 -1.41 18.48
C ASP B 433 8.46 -2.64 19.01
N LEU B 434 7.32 -2.98 18.42
CA LEU B 434 6.57 -4.16 18.85
C LEU B 434 7.26 -5.46 18.40
N ILE B 435 7.88 -5.42 17.23
CA ILE B 435 8.63 -6.58 16.77
C ILE B 435 9.77 -6.88 17.72
N GLU B 436 10.47 -5.84 18.16
CA GLU B 436 11.62 -6.00 19.04
C GLU B 436 11.15 -6.45 20.42
N MET B 437 9.98 -5.99 20.83
CA MET B 437 9.41 -6.42 22.08
C MET B 437 9.11 -7.94 22.08
N VAL B 438 8.53 -8.44 21.00
CA VAL B 438 8.23 -9.87 20.93
C VAL B 438 9.53 -10.68 20.81
N LEU B 439 10.44 -10.22 19.95
CA LEU B 439 11.71 -10.90 19.75
C LEU B 439 12.47 -11.01 21.07
N ASP B 440 12.37 -9.97 21.90
CA ASP B 440 12.98 -9.95 23.22
C ASP B 440 12.42 -11.06 24.14
N LYS B 441 11.24 -11.58 23.82
CA LYS B 441 10.68 -12.68 24.59
C LYS B 441 11.23 -14.06 24.14
N LEU B 442 11.80 -14.12 22.95
CA LEU B 442 12.22 -15.41 22.41
C LEU B 442 13.64 -15.71 22.84
N ARG B 443 13.80 -16.00 24.14
CA ARG B 443 15.09 -16.20 24.76
C ARG B 443 15.17 -17.51 25.54
N PRO B 444 16.38 -18.07 25.68
CA PRO B 444 16.51 -19.38 26.35
C PRO B 444 15.98 -19.39 27.78
N GLU B 445 16.08 -18.28 28.50
CA GLU B 445 15.57 -18.30 29.85
C GLU B 445 14.03 -18.39 29.88
N ASN B 446 13.40 -18.22 28.72
CA ASN B 446 11.94 -18.28 28.64
C ASN B 446 11.40 -19.51 27.89
N VAL B 447 12.23 -20.52 27.72
CA VAL B 447 11.90 -21.60 26.78
C VAL B 447 11.29 -22.83 27.45
N ARG B 448 10.44 -23.51 26.70
CA ARG B 448 9.95 -24.81 27.09
C ARG B 448 10.22 -25.75 25.92
N VAL B 449 10.67 -26.96 26.23
CA VAL B 449 11.10 -27.90 25.20
C VAL B 449 10.43 -29.24 25.42
N ALA B 450 9.84 -29.78 24.37
CA ALA B 450 9.22 -31.07 24.48
C ALA B 450 9.73 -31.96 23.34
N ILE B 451 10.18 -33.16 23.70
CA ILE B 451 10.64 -34.10 22.70
C ILE B 451 9.70 -35.29 22.69
N VAL B 452 9.18 -35.62 21.52
CA VAL B 452 8.25 -36.74 21.41
C VAL B 452 8.97 -37.89 20.70
N SER B 453 9.03 -39.07 21.32
CA SER B 453 9.77 -40.19 20.73
C SER B 453 9.52 -41.53 21.41
N LYS B 454 9.40 -42.59 20.62
CA LYS B 454 9.23 -43.94 21.17
C LYS B 454 10.45 -44.37 21.98
N SER B 455 11.58 -43.70 21.77
CA SER B 455 12.81 -44.03 22.48
C SER B 455 12.69 -43.77 23.98
N PHE B 456 11.66 -43.02 24.37
CA PHE B 456 11.44 -42.81 25.80
C PHE B 456 10.56 -43.89 26.45
N GLU B 457 10.12 -44.87 25.69
CA GLU B 457 9.29 -45.94 26.24
C GLU B 457 10.02 -46.62 27.41
N GLY B 458 9.35 -46.71 28.56
CA GLY B 458 9.91 -47.33 29.73
C GLY B 458 10.90 -46.45 30.46
N LYS B 459 11.05 -45.21 30.03
CA LYS B 459 11.97 -44.30 30.69
C LYS B 459 11.26 -43.08 31.30
N THR B 460 9.94 -43.17 31.42
CA THR B 460 9.17 -42.03 31.93
C THR B 460 8.62 -42.31 33.32
N ASP B 461 8.25 -41.28 34.05
CA ASP B 461 7.76 -41.48 35.41
C ASP B 461 6.47 -40.72 35.74
N ARG B 462 5.84 -40.11 34.72
CA ARG B 462 4.55 -39.43 34.93
C ARG B 462 3.46 -39.85 33.96
N THR B 463 2.21 -39.65 34.36
CA THR B 463 1.09 -39.97 33.51
C THR B 463 0.07 -38.83 33.55
N GLU B 464 -0.26 -38.25 32.40
CA GLU B 464 -1.27 -37.20 32.36
C GLU B 464 -2.64 -37.82 32.56
N GLU B 465 -3.46 -37.24 33.43
CA GLU B 465 -4.68 -37.90 33.91
C GLU B 465 -5.78 -38.18 32.86
N TRP B 466 -6.02 -37.24 31.96
CA TRP B 466 -7.17 -37.39 31.04
C TRP B 466 -6.90 -38.28 29.83
N TYR B 467 -5.65 -38.33 29.39
CA TYR B 467 -5.31 -39.12 28.21
C TYR B 467 -4.45 -40.36 28.52
N GLY B 468 -3.75 -40.33 29.65
CA GLY B 468 -2.84 -41.40 30.03
C GLY B 468 -1.43 -41.22 29.49
N THR B 469 -1.13 -40.06 28.93
CA THR B 469 0.16 -39.78 28.30
C THR B 469 1.32 -40.03 29.26
N GLN B 470 2.29 -40.84 28.81
CA GLN B 470 3.49 -41.13 29.60
C GLN B 470 4.59 -40.13 29.30
N TYR B 471 5.10 -39.47 30.32
CA TYR B 471 6.14 -38.50 30.09
C TYR B 471 7.05 -38.30 31.27
N LYS B 472 8.09 -37.52 31.04
CA LYS B 472 9.05 -37.17 32.07
C LYS B 472 9.32 -35.68 31.95
N GLN B 473 9.53 -35.03 33.08
CA GLN B 473 9.89 -33.61 33.11
C GLN B 473 11.22 -33.45 33.82
N GLU B 474 12.07 -32.58 33.27
CA GLU B 474 13.37 -32.28 33.88
C GLU B 474 13.65 -30.80 33.70
N ALA B 475 14.38 -30.20 34.64
CA ALA B 475 14.90 -28.86 34.41
C ALA B 475 15.97 -28.93 33.33
N ILE B 476 16.00 -27.94 32.44
CA ILE B 476 17.09 -27.82 31.50
C ILE B 476 18.31 -27.27 32.24
N PRO B 477 19.47 -27.95 32.13
CA PRO B 477 20.65 -27.54 32.90
C PRO B 477 21.04 -26.10 32.60
N ASP B 478 21.52 -25.40 33.62
CA ASP B 478 21.95 -24.01 33.46
C ASP B 478 23.03 -23.89 32.39
N ALA B 479 23.87 -24.90 32.28
CA ALA B 479 24.98 -24.85 31.33
C ALA B 479 24.42 -24.86 29.90
N VAL B 480 23.31 -25.56 29.70
CA VAL B 480 22.71 -25.63 28.39
C VAL B 480 22.02 -24.31 28.04
N ILE B 481 21.30 -23.75 29.01
CA ILE B 481 20.67 -22.46 28.81
C ILE B 481 21.73 -21.41 28.45
N ALA B 482 22.84 -21.41 29.19
CA ALA B 482 23.93 -20.46 28.97
C ALA B 482 24.51 -20.55 27.55
N LYS B 483 24.77 -21.77 27.06
CA LYS B 483 25.22 -21.96 25.68
C LYS B 483 24.23 -21.39 24.65
N TRP B 484 22.95 -21.62 24.86
CA TRP B 484 21.96 -21.05 23.97
C TRP B 484 21.92 -19.52 24.06
N GLN B 485 22.09 -19.00 25.27
CA GLN B 485 22.14 -17.55 25.46
C GLN B 485 23.29 -16.92 24.70
N ASN B 486 24.39 -17.65 24.55
CA ASN B 486 25.56 -17.12 23.85
C ASN B 486 25.55 -17.42 22.34
N ALA B 487 24.41 -17.87 21.82
CA ALA B 487 24.27 -18.15 20.40
C ALA B 487 24.80 -16.97 19.60
N ALA B 488 25.71 -17.24 18.67
CA ALA B 488 26.28 -16.21 17.82
C ALA B 488 25.77 -16.37 16.39
N LEU B 489 26.20 -15.49 15.49
CA LEU B 489 25.77 -15.55 14.12
C LEU B 489 26.37 -16.74 13.37
N ASN B 490 25.49 -17.47 12.68
CA ASN B 490 25.84 -18.60 11.84
C ASN B 490 25.72 -18.14 10.40
N GLY B 491 26.83 -18.18 9.65
CA GLY B 491 26.84 -17.73 8.27
C GLY B 491 25.82 -18.41 7.36
N LYS B 492 25.22 -19.50 7.81
CA LYS B 492 24.22 -20.18 6.98
C LYS B 492 22.86 -19.47 6.92
N PHE B 493 22.62 -18.57 7.88
CA PHE B 493 21.29 -17.95 8.00
C PHE B 493 21.28 -16.55 7.41
N LYS B 494 20.35 -16.32 6.48
CA LYS B 494 20.14 -15.01 5.88
C LYS B 494 18.66 -14.73 5.81
N LEU B 495 18.30 -13.45 5.87
CA LEU B 495 16.93 -13.03 5.62
C LEU B 495 16.52 -13.51 4.24
N PRO B 496 15.22 -13.72 4.03
CA PRO B 496 14.71 -14.10 2.71
C PRO B 496 15.08 -13.04 1.68
N THR B 497 15.21 -13.46 0.43
CA THR B 497 15.35 -12.48 -0.64
C THR B 497 13.97 -12.03 -1.09
N LYS B 498 13.94 -10.90 -1.78
CA LYS B 498 12.70 -10.36 -2.32
C LYS B 498 11.94 -11.45 -3.08
N ASN B 499 10.65 -11.57 -2.81
CA ASN B 499 9.84 -12.59 -3.46
C ASN B 499 9.60 -12.26 -4.94
N GLU B 500 10.17 -13.05 -5.85
CA GLU B 500 10.06 -12.73 -7.28
C GLU B 500 8.86 -13.38 -7.95
N PHE B 501 8.08 -14.13 -7.18
CA PHE B 501 6.88 -14.78 -7.69
C PHE B 501 5.63 -13.94 -7.52
N ILE B 502 5.77 -12.76 -6.92
CA ILE B 502 4.62 -11.88 -6.73
C ILE B 502 3.95 -11.57 -8.06
N PRO B 503 2.64 -11.79 -8.16
CA PRO B 503 1.96 -11.54 -9.45
C PRO B 503 1.83 -10.04 -9.71
N THR B 504 1.89 -9.62 -10.97
CA THR B 504 1.70 -8.22 -11.33
C THR B 504 0.70 -8.06 -12.48
N ASN B 505 0.46 -9.14 -13.21
CA ASN B 505 -0.53 -9.07 -14.29
C ASN B 505 -1.89 -9.65 -13.90
N PHE B 506 -2.88 -8.78 -13.70
CA PHE B 506 -4.19 -9.20 -13.21
C PHE B 506 -5.23 -9.01 -14.30
N GLU B 507 -4.78 -8.84 -15.53
CA GLU B 507 -5.72 -8.63 -16.61
C GLU B 507 -6.60 -9.86 -16.81
N ILE B 508 -7.91 -9.63 -16.85
CA ILE B 508 -8.87 -10.65 -17.18
C ILE B 508 -9.08 -10.63 -18.69
N LEU B 509 -8.70 -11.70 -19.36
CA LEU B 509 -8.82 -11.76 -20.81
C LEU B 509 -10.29 -11.77 -21.23
N PRO B 510 -10.62 -11.04 -22.30
CA PRO B 510 -11.98 -11.04 -22.82
C PRO B 510 -12.41 -12.46 -23.18
N LEU B 511 -13.64 -12.78 -22.87
CA LEU B 511 -14.23 -14.07 -23.18
C LEU B 511 -14.17 -14.28 -24.69
N GLU B 512 -13.57 -15.37 -25.13
CA GLU B 512 -13.43 -15.66 -26.56
C GLU B 512 -14.78 -15.93 -27.25
N ALA B 513 -14.85 -15.60 -28.54
CA ALA B 513 -16.07 -15.82 -29.33
C ALA B 513 -16.49 -17.29 -29.26
N ALA B 514 -15.50 -18.18 -29.32
CA ALA B 514 -15.79 -19.61 -29.29
C ALA B 514 -15.77 -20.21 -27.88
N ALA B 515 -15.96 -19.38 -26.86
CA ALA B 515 -15.94 -19.86 -25.48
C ALA B 515 -17.10 -20.81 -25.21
N THR B 516 -16.84 -21.86 -24.44
CA THR B 516 -17.85 -22.85 -24.13
C THR B 516 -18.25 -22.85 -22.65
N PRO B 517 -19.49 -23.26 -22.36
CA PRO B 517 -20.07 -23.36 -21.01
C PRO B 517 -19.43 -24.47 -20.18
N TYR B 518 -19.00 -25.52 -20.85
CA TYR B 518 -18.38 -26.67 -20.18
C TYR B 518 -17.04 -26.87 -20.84
N PRO B 519 -16.18 -27.73 -20.26
CA PRO B 519 -14.88 -27.91 -20.90
C PRO B 519 -15.04 -28.50 -22.28
N ALA B 520 -14.21 -28.06 -23.21
CA ALA B 520 -14.21 -28.58 -24.56
C ALA B 520 -12.96 -29.38 -24.76
N LEU B 521 -13.07 -30.45 -25.54
CA LEU B 521 -11.89 -31.24 -25.90
C LEU B 521 -11.19 -30.55 -27.07
N ILE B 522 -10.04 -29.94 -26.80
CA ILE B 522 -9.40 -29.13 -27.83
C ILE B 522 -8.08 -29.74 -28.31
N LYS B 523 -7.68 -30.84 -27.71
CA LYS B 523 -6.55 -31.62 -28.23
C LYS B 523 -6.79 -33.09 -27.90
N ASP B 524 -6.56 -33.97 -28.88
CA ASP B 524 -6.86 -35.38 -28.69
C ASP B 524 -5.90 -36.25 -29.49
N THR B 525 -4.74 -36.51 -28.92
CA THR B 525 -3.69 -37.22 -29.61
C THR B 525 -3.25 -38.43 -28.78
N ALA B 526 -2.35 -39.23 -29.33
CA ALA B 526 -1.88 -40.41 -28.59
C ALA B 526 -1.22 -39.98 -27.29
N MET B 527 -0.56 -38.83 -27.31
CA MET B 527 0.18 -38.37 -26.14
C MET B 527 -0.73 -37.64 -25.13
N SER B 528 -1.70 -36.90 -25.62
CA SER B 528 -2.44 -36.06 -24.70
C SER B 528 -3.88 -35.74 -25.08
N LYS B 529 -4.73 -35.73 -24.05
CA LYS B 529 -6.10 -35.34 -24.19
C LYS B 529 -6.30 -34.06 -23.34
N LEU B 530 -6.67 -32.96 -23.99
CA LEU B 530 -6.72 -31.67 -23.32
C LEU B 530 -8.12 -31.09 -23.28
N TRP B 531 -8.64 -30.93 -22.05
CA TRP B 531 -9.92 -30.29 -21.81
C TRP B 531 -9.69 -28.83 -21.42
N PHE B 532 -10.47 -27.94 -22.01
CA PHE B 532 -10.28 -26.51 -21.78
C PHE B 532 -11.59 -25.77 -21.59
N LYS B 533 -11.60 -24.90 -20.59
CA LYS B 533 -12.68 -23.92 -20.47
C LYS B 533 -12.14 -22.59 -19.98
N GLN B 534 -12.53 -21.52 -20.67
CA GLN B 534 -12.23 -20.18 -20.19
C GLN B 534 -13.28 -19.81 -19.16
N ASP B 535 -12.82 -19.40 -17.98
CA ASP B 535 -13.74 -19.02 -16.89
C ASP B 535 -14.76 -18.02 -17.42
N ASP B 536 -16.04 -18.29 -17.18
CA ASP B 536 -17.09 -17.35 -17.56
C ASP B 536 -18.00 -17.01 -16.38
N LYS B 537 -17.48 -17.16 -15.17
CA LYS B 537 -18.27 -16.97 -13.95
C LYS B 537 -17.61 -16.04 -12.93
N PHE B 538 -16.32 -16.23 -12.70
CA PHE B 538 -15.69 -15.61 -11.53
C PHE B 538 -14.82 -14.40 -11.86
N PHE B 539 -14.16 -14.44 -13.02
CA PHE B 539 -13.41 -13.29 -13.52
C PHE B 539 -12.40 -12.75 -12.52
N LEU B 540 -11.69 -13.68 -11.89
CA LEU B 540 -10.53 -13.36 -11.07
C LEU B 540 -9.30 -13.79 -11.88
N PRO B 541 -8.14 -13.16 -11.60
CA PRO B 541 -6.94 -13.46 -12.40
C PRO B 541 -6.24 -14.73 -11.92
N LYS B 542 -6.93 -15.86 -12.07
CA LYS B 542 -6.44 -17.15 -11.56
C LYS B 542 -6.78 -18.25 -12.55
N ALA B 543 -6.09 -19.39 -12.42
CA ALA B 543 -6.41 -20.55 -13.24
C ALA B 543 -6.07 -21.83 -12.51
N ASN B 544 -6.73 -22.91 -12.88
CA ASN B 544 -6.40 -24.25 -12.40
C ASN B 544 -5.88 -25.12 -13.54
N LEU B 545 -4.68 -25.66 -13.37
CA LEU B 545 -4.07 -26.48 -14.41
C LEU B 545 -3.92 -27.89 -13.84
N ASN B 546 -4.80 -28.81 -14.26
CA ASN B 546 -4.81 -30.18 -13.73
C ASN B 546 -4.30 -31.15 -14.78
N PHE B 547 -3.39 -32.03 -14.37
CA PHE B 547 -2.78 -33.04 -15.23
C PHE B 547 -2.78 -34.40 -14.59
N GLU B 548 -3.29 -35.40 -15.31
CA GLU B 548 -3.05 -36.79 -14.94
C GLU B 548 -2.08 -37.42 -15.93
N PHE B 549 -0.98 -37.96 -15.42
CA PHE B 549 0.01 -38.68 -16.21
C PHE B 549 -0.21 -40.16 -15.98
N PHE B 550 -0.67 -40.89 -16.98
CA PHE B 550 -0.89 -42.32 -16.86
C PHE B 550 0.36 -43.10 -17.23
N SER B 551 0.72 -44.05 -16.37
CA SER B 551 1.77 -45.03 -16.68
C SER B 551 1.51 -46.31 -15.90
N PRO B 552 1.56 -47.46 -16.59
CA PRO B 552 1.34 -48.75 -15.91
C PRO B 552 2.44 -49.04 -14.88
N PHE B 553 3.56 -48.34 -14.98
CA PHE B 553 4.66 -48.60 -14.06
C PHE B 553 4.59 -47.92 -12.69
N ALA B 554 3.53 -47.16 -12.45
CA ALA B 554 3.36 -46.47 -11.18
C ALA B 554 2.74 -47.39 -10.11
N TYR B 555 2.04 -48.45 -10.55
CA TYR B 555 1.31 -49.31 -9.63
C TYR B 555 1.44 -50.80 -9.98
N VAL B 556 2.40 -51.16 -10.83
CA VAL B 556 2.47 -52.53 -11.34
C VAL B 556 2.66 -53.55 -10.23
N ASP B 557 3.53 -53.22 -9.26
CA ASP B 557 3.68 -54.02 -8.06
C ASP B 557 3.90 -53.09 -6.85
N PRO B 558 3.91 -53.64 -5.63
CA PRO B 558 4.19 -52.82 -4.44
C PRO B 558 5.50 -52.03 -4.50
N LEU B 559 6.55 -52.64 -5.03
CA LEU B 559 7.84 -51.95 -5.12
C LEU B 559 7.74 -50.68 -5.99
N HIS B 560 7.02 -50.78 -7.10
CA HIS B 560 6.92 -49.66 -8.02
C HIS B 560 6.04 -48.56 -7.44
N SER B 561 5.03 -48.98 -6.68
CA SER B 561 4.15 -48.04 -6.01
C SER B 561 4.98 -47.28 -4.98
N ASN B 562 5.80 -47.99 -4.21
CA ASN B 562 6.73 -47.33 -3.30
C ASN B 562 7.66 -46.36 -4.03
N MET B 563 8.19 -46.78 -5.18
CA MET B 563 9.12 -45.94 -5.93
C MET B 563 8.44 -44.69 -6.48
N ALA B 564 7.23 -44.86 -7.00
CA ALA B 564 6.48 -43.73 -7.51
C ALA B 564 6.25 -42.72 -6.38
N TYR B 565 5.94 -43.21 -5.19
CA TYR B 565 5.71 -42.34 -4.03
C TYR B 565 6.99 -41.61 -3.64
N LEU B 566 8.07 -42.36 -3.54
CA LEU B 566 9.34 -41.81 -3.11
C LEU B 566 9.91 -40.80 -4.11
N TYR B 567 9.77 -41.11 -5.39
CA TYR B 567 10.18 -40.22 -6.45
C TYR B 567 9.52 -38.86 -6.27
N LEU B 568 8.20 -38.84 -6.16
CA LEU B 568 7.49 -37.54 -6.04
C LEU B 568 7.73 -36.82 -4.72
N GLU B 569 7.91 -37.57 -3.64
CA GLU B 569 8.24 -36.98 -2.35
C GLU B 569 9.61 -36.32 -2.43
N LEU B 570 10.54 -36.99 -3.10
CA LEU B 570 11.88 -36.44 -3.23
C LEU B 570 11.90 -35.20 -4.13
N LEU B 571 11.08 -35.23 -5.17
CA LEU B 571 10.97 -34.14 -6.11
C LEU B 571 10.41 -32.89 -5.39
N LYS B 572 9.34 -33.08 -4.62
CA LYS B 572 8.75 -31.98 -3.87
C LYS B 572 9.73 -31.41 -2.84
N ASP B 573 10.41 -32.30 -2.15
CA ASP B 573 11.42 -31.93 -1.16
C ASP B 573 12.51 -31.08 -1.80
N SER B 574 12.87 -31.45 -3.02
CA SER B 574 13.92 -30.78 -3.77
C SER B 574 13.49 -29.40 -4.26
N LEU B 575 12.23 -29.30 -4.67
CA LEU B 575 11.68 -28.05 -5.19
C LEU B 575 11.20 -27.12 -4.09
N ASN B 576 11.18 -27.61 -2.85
CA ASN B 576 10.49 -26.90 -1.79
C ASN B 576 11.00 -25.47 -1.58
N GLU B 577 12.32 -25.30 -1.60
CA GLU B 577 12.89 -23.97 -1.38
C GLU B 577 12.43 -22.98 -2.43
N TYR B 578 12.35 -23.44 -3.66
CA TYR B 578 12.00 -22.60 -4.79
C TYR B 578 10.52 -22.32 -4.79
N ALA B 579 9.72 -23.34 -4.52
CA ALA B 579 8.27 -23.22 -4.60
C ALA B 579 7.63 -22.53 -3.39
N TYR B 580 8.37 -22.40 -2.30
CA TYR B 580 7.82 -21.79 -1.09
C TYR B 580 7.42 -20.33 -1.39
N ALA B 581 8.30 -19.62 -2.06
CA ALA B 581 8.03 -18.24 -2.45
C ALA B 581 6.78 -18.14 -3.31
N ALA B 582 6.64 -19.07 -4.26
CA ALA B 582 5.45 -19.07 -5.10
C ALA B 582 4.21 -19.27 -4.24
N GLU B 583 4.30 -20.20 -3.30
CA GLU B 583 3.24 -20.48 -2.35
C GLU B 583 2.78 -19.17 -1.70
N LEU B 584 3.73 -18.50 -1.06
CA LEU B 584 3.46 -17.24 -0.35
C LEU B 584 2.79 -16.22 -1.26
N ALA B 585 3.11 -16.28 -2.55
CA ALA B 585 2.59 -15.36 -3.54
C ALA B 585 1.36 -15.92 -4.25
N GLY B 586 0.66 -16.85 -3.62
CA GLY B 586 -0.64 -17.27 -4.12
C GLY B 586 -0.56 -18.20 -5.34
N LEU B 587 0.54 -18.91 -5.49
CA LEU B 587 0.72 -19.81 -6.62
C LEU B 587 1.18 -21.14 -6.07
N SER B 588 0.33 -22.15 -6.14
CA SER B 588 0.68 -23.40 -5.47
C SER B 588 0.53 -24.62 -6.37
N TYR B 589 1.10 -25.74 -5.93
CA TYR B 589 0.94 -26.96 -6.69
C TYR B 589 0.79 -28.19 -5.78
N ASP B 590 0.13 -29.20 -6.32
CA ASP B 590 -0.04 -30.49 -5.66
C ASP B 590 0.55 -31.52 -6.62
N LEU B 591 1.40 -32.41 -6.11
CA LEU B 591 2.00 -33.46 -6.94
C LEU B 591 1.98 -34.76 -6.17
N GLN B 592 1.28 -35.78 -6.70
CA GLN B 592 1.21 -37.06 -6.00
C GLN B 592 1.14 -38.29 -6.91
N ASN B 593 1.65 -39.42 -6.44
CA ASN B 593 1.49 -40.66 -7.19
C ASN B 593 0.07 -41.15 -7.01
N THR B 594 -0.44 -41.81 -8.04
CA THR B 594 -1.77 -42.38 -7.98
C THR B 594 -1.68 -43.86 -8.38
N ILE B 595 -2.82 -44.53 -8.34
CA ILE B 595 -2.88 -45.94 -8.74
C ILE B 595 -2.73 -46.09 -10.25
N TYR B 596 -2.85 -44.98 -10.99
CA TYR B 596 -2.72 -45.00 -12.45
C TYR B 596 -1.51 -44.23 -13.03
N GLY B 597 -0.74 -43.59 -12.17
CA GLY B 597 0.38 -42.78 -12.63
C GLY B 597 0.69 -41.65 -11.66
N MET B 598 0.56 -40.42 -12.12
CA MET B 598 0.88 -39.24 -11.30
C MET B 598 -0.17 -38.20 -11.50
N TYR B 599 -0.40 -37.39 -10.46
CA TYR B 599 -1.35 -36.27 -10.55
C TYR B 599 -0.60 -34.98 -10.23
N LEU B 600 -0.80 -33.97 -11.08
CA LEU B 600 -0.20 -32.65 -10.87
C LEU B 600 -1.29 -31.60 -11.00
N SER B 601 -1.35 -30.69 -10.02
CA SER B 601 -2.24 -29.54 -10.13
C SER B 601 -1.51 -28.26 -9.77
N VAL B 602 -1.61 -27.24 -10.64
CA VAL B 602 -1.05 -25.91 -10.38
C VAL B 602 -2.22 -24.94 -10.28
N LYS B 603 -2.30 -24.20 -9.18
CA LYS B 603 -3.45 -23.34 -8.90
C LYS B 603 -3.02 -21.96 -8.41
N GLY B 604 -3.85 -20.95 -8.64
CA GLY B 604 -3.57 -19.63 -8.10
C GLY B 604 -3.51 -18.60 -9.23
N TYR B 605 -2.81 -17.50 -8.98
CA TYR B 605 -2.73 -16.44 -9.97
C TYR B 605 -2.10 -16.96 -11.26
N ASN B 606 -2.72 -16.63 -12.38
CA ASN B 606 -2.26 -17.15 -13.68
C ASN B 606 -0.95 -16.54 -14.14
N ASP B 607 -0.66 -15.32 -13.66
CA ASP B 607 0.51 -14.55 -14.10
C ASP B 607 1.76 -15.41 -14.27
N LYS B 608 2.26 -15.98 -13.19
CA LYS B 608 3.52 -16.72 -13.28
C LYS B 608 3.38 -18.25 -13.27
N GLN B 609 2.17 -18.74 -13.50
CA GLN B 609 1.93 -20.18 -13.53
C GLN B 609 2.81 -20.96 -14.49
N PRO B 610 2.96 -20.45 -15.73
CA PRO B 610 3.80 -21.17 -16.70
C PRO B 610 5.21 -21.38 -16.22
N ILE B 611 5.73 -20.45 -15.40
CA ILE B 611 7.09 -20.51 -14.93
C ILE B 611 7.27 -21.63 -13.92
N LEU B 612 6.37 -21.66 -12.93
CA LEU B 612 6.39 -22.75 -11.97
C LEU B 612 6.10 -24.11 -12.65
N LEU B 613 5.09 -24.16 -13.52
CA LEU B 613 4.76 -25.44 -14.18
C LEU B 613 5.95 -25.98 -14.98
N LYS B 614 6.62 -25.10 -15.71
CA LYS B 614 7.78 -25.51 -16.50
C LYS B 614 8.89 -26.03 -15.61
N LYS B 615 9.14 -25.35 -14.49
CA LYS B 615 10.17 -25.80 -13.54
C LYS B 615 9.87 -27.22 -13.01
N ILE B 616 8.61 -27.46 -12.66
CA ILE B 616 8.23 -28.77 -12.13
C ILE B 616 8.46 -29.89 -13.18
N ILE B 617 7.95 -29.68 -14.39
CA ILE B 617 8.11 -30.71 -15.44
C ILE B 617 9.58 -30.92 -15.78
N GLU B 618 10.32 -29.83 -15.89
CA GLU B 618 11.75 -29.93 -16.11
C GLU B 618 12.43 -30.75 -15.02
N LYS B 619 12.07 -30.47 -13.77
CA LYS B 619 12.71 -31.12 -12.62
C LYS B 619 12.33 -32.62 -12.61
N MET B 620 11.08 -32.88 -12.94
CA MET B 620 10.55 -34.24 -13.03
C MET B 620 11.42 -35.07 -13.98
N ALA B 621 11.77 -34.47 -15.12
CA ALA B 621 12.40 -35.19 -16.23
C ALA B 621 13.92 -35.20 -16.17
N THR B 622 14.50 -34.42 -15.26
CA THR B 622 15.95 -34.30 -15.20
C THR B 622 16.38 -34.57 -13.78
N PHE B 623 15.49 -35.20 -13.03
CA PHE B 623 15.65 -35.30 -11.59
C PHE B 623 16.90 -36.04 -11.17
N GLU B 624 17.70 -35.42 -10.31
CA GLU B 624 18.85 -36.07 -9.71
C GLU B 624 18.69 -36.20 -8.19
N ILE B 625 18.68 -37.42 -7.69
CA ILE B 625 18.35 -37.70 -6.29
C ILE B 625 19.49 -37.50 -5.31
N ASP B 626 19.26 -36.84 -4.19
CA ASP B 626 20.29 -36.75 -3.18
C ASP B 626 20.18 -37.96 -2.28
N GLU B 627 21.28 -38.68 -2.10
CA GLU B 627 21.24 -39.95 -1.39
C GLU B 627 20.77 -39.77 0.06
N ALA B 628 21.22 -38.69 0.70
CA ALA B 628 20.86 -38.47 2.10
C ALA B 628 19.37 -38.14 2.24
N ARG B 629 18.82 -37.33 1.34
CA ARG B 629 17.39 -37.07 1.34
C ARG B 629 16.64 -38.39 1.11
N PHE B 630 17.18 -39.20 0.20
CA PHE B 630 16.59 -40.51 -0.12
C PHE B 630 16.40 -41.37 1.12
N GLU B 631 17.44 -41.54 1.91
CA GLU B 631 17.38 -42.41 3.09
C GLU B 631 16.47 -41.83 4.17
N ILE B 632 16.52 -40.52 4.33
CA ILE B 632 15.68 -39.87 5.32
C ILE B 632 14.21 -40.01 4.96
N ILE B 633 13.89 -39.71 3.71
CA ILE B 633 12.51 -39.79 3.26
C ILE B 633 12.00 -41.24 3.27
N LYS B 634 12.88 -42.17 2.94
CA LYS B 634 12.48 -43.58 2.96
C LYS B 634 12.15 -44.02 4.37
N GLU B 635 12.97 -43.61 5.33
CA GLU B 635 12.69 -43.98 6.72
C GLU B 635 11.34 -43.39 7.21
N ALA B 636 11.07 -42.13 6.83
CA ALA B 636 9.81 -41.48 7.21
C ALA B 636 8.59 -42.20 6.62
N TYR B 637 8.74 -42.65 5.38
CA TYR B 637 7.71 -43.38 4.67
C TYR B 637 7.47 -44.75 5.33
N MET B 638 8.55 -45.44 5.73
CA MET B 638 8.37 -46.71 6.43
C MET B 638 7.52 -46.52 7.70
N ARG B 639 7.83 -45.50 8.51
CA ARG B 639 7.05 -45.21 9.71
C ARG B 639 5.60 -44.84 9.35
N SER B 640 5.44 -44.08 8.29
CA SER B 640 4.11 -43.65 7.88
C SER B 640 3.26 -44.89 7.62
N LEU B 641 3.84 -45.88 6.93
CA LEU B 641 3.11 -47.11 6.64
C LEU B 641 2.81 -47.87 7.92
N ASN B 642 3.78 -47.97 8.82
CA ASN B 642 3.59 -48.61 10.12
C ASN B 642 2.51 -47.89 10.95
N ASN B 643 2.52 -46.56 10.90
CA ASN B 643 1.66 -45.76 11.74
C ASN B 643 0.19 -45.90 11.41
N PHE B 644 -0.13 -46.44 10.22
CA PHE B 644 -1.53 -46.67 9.92
C PHE B 644 -2.23 -47.53 10.99
N ARG B 645 -1.45 -48.38 11.67
CA ARG B 645 -1.99 -49.21 12.76
C ARG B 645 -2.66 -48.39 13.87
N ALA B 646 -2.25 -47.13 14.03
CA ALA B 646 -2.80 -46.23 15.07
C ALA B 646 -3.97 -45.34 14.60
N GLU B 647 -4.40 -45.49 13.34
CA GLU B 647 -5.57 -44.78 12.85
C GLU B 647 -6.84 -45.35 13.48
N GLN B 648 -7.94 -44.62 13.35
CA GLN B 648 -9.18 -44.97 14.03
C GLN B 648 -9.84 -46.22 13.44
N PRO B 649 -10.60 -46.96 14.28
CA PRO B 649 -11.29 -48.17 13.81
C PRO B 649 -12.14 -47.92 12.56
N HIS B 650 -12.87 -46.81 12.48
CA HIS B 650 -13.71 -46.59 11.30
C HIS B 650 -12.83 -46.31 10.06
N GLN B 651 -11.66 -45.71 10.26
CA GLN B 651 -10.73 -45.53 9.15
C GLN B 651 -10.17 -46.89 8.67
N HIS B 652 -9.87 -47.77 9.61
CA HIS B 652 -9.50 -49.14 9.24
C HIS B 652 -10.60 -49.79 8.41
N ALA B 653 -11.84 -49.66 8.86
CA ALA B 653 -12.95 -50.32 8.20
C ALA B 653 -13.04 -49.89 6.74
N MET B 654 -12.94 -48.57 6.52
CA MET B 654 -13.02 -48.01 5.18
C MET B 654 -11.87 -48.50 4.31
N TYR B 655 -10.68 -48.55 4.88
CA TYR B 655 -9.51 -49.03 4.18
C TYR B 655 -9.66 -50.49 3.73
N TYR B 656 -10.10 -51.36 4.64
CA TYR B 656 -10.28 -52.78 4.29
C TYR B 656 -11.35 -52.98 3.21
N LEU B 657 -12.42 -52.17 3.26
CA LEU B 657 -13.47 -52.29 2.26
C LEU B 657 -12.94 -51.92 0.87
N ARG B 658 -12.15 -50.86 0.82
CA ARG B 658 -11.51 -50.44 -0.42
C ARG B 658 -10.67 -51.59 -1.00
N LEU B 659 -9.83 -52.19 -0.16
CA LEU B 659 -8.96 -53.30 -0.56
C LEU B 659 -9.79 -54.45 -1.09
N LEU B 660 -10.83 -54.80 -0.33
CA LEU B 660 -11.71 -55.90 -0.71
C LEU B 660 -12.42 -55.70 -2.04
N MET B 661 -12.88 -54.48 -2.32
CA MET B 661 -13.80 -54.26 -3.44
C MET B 661 -13.14 -53.82 -4.76
N THR B 662 -11.85 -53.51 -4.71
CA THR B 662 -11.13 -53.01 -5.89
C THR B 662 -10.25 -54.08 -6.50
N GLU B 663 -10.29 -54.17 -7.83
CA GLU B 663 -9.53 -55.17 -8.59
C GLU B 663 -8.07 -55.27 -8.14
N VAL B 664 -7.36 -54.15 -8.17
CA VAL B 664 -5.98 -54.18 -7.72
C VAL B 664 -5.78 -53.14 -6.62
N ALA B 665 -5.10 -53.55 -5.55
CA ALA B 665 -4.79 -52.63 -4.48
C ALA B 665 -3.75 -53.26 -3.60
N TRP B 666 -2.64 -52.57 -3.40
CA TRP B 666 -1.57 -53.10 -2.58
C TRP B 666 -1.81 -52.67 -1.14
N THR B 667 -1.66 -53.59 -0.19
CA THR B 667 -1.91 -53.28 1.21
C THR B 667 -0.69 -52.60 1.84
N LYS B 668 -0.89 -51.96 2.99
CA LYS B 668 0.20 -51.34 3.73
C LYS B 668 1.27 -52.38 4.06
N ASP B 669 0.84 -53.57 4.42
CA ASP B 669 1.79 -54.63 4.73
C ASP B 669 2.63 -55.01 3.51
N GLU B 670 1.99 -55.10 2.34
CA GLU B 670 2.71 -55.39 1.10
C GLU B 670 3.70 -54.29 0.76
N LEU B 671 3.26 -53.04 0.87
CA LEU B 671 4.12 -51.90 0.62
C LEU B 671 5.35 -51.91 1.53
N LYS B 672 5.17 -52.14 2.82
CA LYS B 672 6.37 -52.04 3.66
C LYS B 672 7.32 -53.23 3.48
N GLU B 673 6.77 -54.40 3.15
CA GLU B 673 7.62 -55.56 2.86
C GLU B 673 8.52 -55.23 1.68
N ALA B 674 7.97 -54.60 0.66
CA ALA B 674 8.70 -54.24 -0.56
C ALA B 674 9.60 -53.02 -0.40
N LEU B 675 9.42 -52.26 0.67
CA LEU B 675 10.16 -51.01 0.84
C LEU B 675 11.65 -51.21 1.16
N ALA B 676 11.97 -52.16 2.03
CA ALA B 676 13.36 -52.48 2.32
C ALA B 676 14.17 -52.69 1.05
N ASP B 677 13.54 -53.28 0.03
CA ASP B 677 14.15 -53.52 -1.27
C ASP B 677 14.38 -52.30 -2.19
N VAL B 678 13.77 -51.16 -1.89
CA VAL B 678 13.99 -49.97 -2.71
C VAL B 678 15.37 -49.39 -2.41
N THR B 679 16.25 -49.43 -3.41
CA THR B 679 17.59 -48.89 -3.26
C THR B 679 17.75 -47.68 -4.16
N LEU B 680 18.76 -46.86 -3.90
CA LEU B 680 18.99 -45.66 -4.71
C LEU B 680 19.16 -46.00 -6.19
N PRO B 681 20.04 -46.97 -6.51
CA PRO B 681 20.17 -47.39 -7.92
C PRO B 681 18.83 -47.84 -8.53
N ARG B 682 18.04 -48.62 -7.80
CA ARG B 682 16.75 -49.03 -8.35
C ARG B 682 15.81 -47.84 -8.59
N LEU B 683 15.81 -46.88 -7.68
CA LEU B 683 14.95 -45.70 -7.84
C LEU B 683 15.39 -44.87 -9.04
N LYS B 684 16.70 -44.71 -9.21
CA LYS B 684 17.25 -44.03 -10.39
C LYS B 684 16.84 -44.70 -11.70
N ALA B 685 16.91 -46.02 -11.75
CA ALA B 685 16.45 -46.75 -12.93
C ALA B 685 14.96 -46.58 -13.16
N PHE B 686 14.19 -46.55 -12.06
CA PHE B 686 12.74 -46.48 -12.16
C PHE B 686 12.21 -45.21 -12.87
N ILE B 687 12.78 -44.06 -12.56
CA ILE B 687 12.26 -42.78 -13.05
C ILE B 687 12.17 -42.69 -14.59
N PRO B 688 13.28 -42.95 -15.31
CA PRO B 688 13.23 -42.95 -16.78
C PRO B 688 12.25 -43.99 -17.29
N GLN B 689 12.19 -45.14 -16.64
CA GLN B 689 11.19 -46.13 -17.03
C GLN B 689 9.78 -45.54 -16.88
N LEU B 690 9.52 -44.91 -15.74
CA LEU B 690 8.20 -44.31 -15.50
C LEU B 690 7.86 -43.30 -16.59
N LEU B 691 8.82 -42.46 -16.94
CA LEU B 691 8.56 -41.33 -17.82
C LEU B 691 8.61 -41.71 -19.30
N SER B 692 9.13 -42.90 -19.60
CA SER B 692 9.39 -43.29 -21.00
C SER B 692 8.12 -43.33 -21.85
N ARG B 693 6.99 -43.71 -21.26
CA ARG B 693 5.73 -43.72 -21.99
C ARG B 693 4.57 -43.27 -21.11
N LEU B 694 3.85 -42.26 -21.59
CA LEU B 694 2.81 -41.63 -20.81
C LEU B 694 1.64 -41.29 -21.69
N HIS B 695 0.48 -41.17 -21.06
CA HIS B 695 -0.62 -40.47 -21.67
C HIS B 695 -0.98 -39.39 -20.67
N ILE B 696 -1.31 -38.22 -21.17
CA ILE B 696 -1.59 -37.08 -20.31
C ILE B 696 -2.99 -36.63 -20.59
N GLU B 697 -3.84 -36.65 -19.57
CA GLU B 697 -5.16 -36.02 -19.70
C GLU B 697 -5.19 -34.78 -18.81
N ALA B 698 -5.54 -33.64 -19.38
CA ALA B 698 -5.47 -32.38 -18.65
C ALA B 698 -6.77 -31.59 -18.64
N LEU B 699 -6.94 -30.77 -17.62
CA LEU B 699 -8.03 -29.82 -17.58
C LEU B 699 -7.39 -28.48 -17.27
N LEU B 700 -7.55 -27.53 -18.19
CA LEU B 700 -7.07 -26.17 -17.97
C LEU B 700 -8.27 -25.26 -17.98
N HIS B 701 -8.52 -24.64 -16.83
CA HIS B 701 -9.77 -23.93 -16.58
C HIS B 701 -9.41 -22.65 -15.81
N GLY B 702 -9.76 -21.50 -16.35
CA GLY B 702 -9.56 -20.24 -15.63
C GLY B 702 -9.40 -19.06 -16.57
N ASN B 703 -8.61 -18.09 -16.13
CA ASN B 703 -8.32 -16.89 -16.91
C ASN B 703 -7.23 -17.22 -17.92
N ILE B 704 -7.63 -17.93 -18.98
CA ILE B 704 -6.72 -18.33 -20.05
C ILE B 704 -7.51 -18.53 -21.33
N THR B 705 -6.83 -18.35 -22.45
CA THR B 705 -7.43 -18.50 -23.77
C THR B 705 -7.10 -19.85 -24.36
N LYS B 706 -7.86 -20.25 -25.37
CA LYS B 706 -7.63 -21.54 -26.03
C LYS B 706 -6.18 -21.75 -26.48
N GLN B 707 -5.68 -20.68 -27.09
CA GLN B 707 -4.30 -20.56 -27.50
C GLN B 707 -3.33 -20.67 -26.32
N ALA B 708 -3.61 -20.10 -25.15
CA ALA B 708 -2.58 -20.27 -24.15
C ALA B 708 -2.67 -21.70 -23.64
N ALA B 709 -3.90 -22.23 -23.58
CA ALA B 709 -4.10 -23.60 -23.11
C ALA B 709 -3.29 -24.58 -23.98
N LEU B 710 -3.42 -24.44 -25.30
CA LEU B 710 -2.65 -25.29 -26.20
C LEU B 710 -1.15 -25.11 -26.00
N GLY B 711 -0.73 -23.88 -25.75
CA GLY B 711 0.68 -23.59 -25.52
C GLY B 711 1.22 -24.21 -24.24
N ILE B 712 0.39 -24.22 -23.19
CA ILE B 712 0.81 -24.86 -21.95
C ILE B 712 0.99 -26.37 -22.14
N MET B 713 0.03 -26.99 -22.79
CA MET B 713 0.10 -28.43 -23.02
C MET B 713 1.31 -28.77 -23.87
N GLN B 714 1.57 -27.99 -24.92
CA GLN B 714 2.72 -28.29 -25.78
C GLN B 714 4.03 -28.16 -25.02
N MET B 715 4.11 -27.15 -24.15
CA MET B 715 5.30 -26.99 -23.32
C MET B 715 5.51 -28.20 -22.42
N VAL B 716 4.44 -28.70 -21.82
CA VAL B 716 4.56 -29.87 -20.96
C VAL B 716 5.07 -31.06 -21.80
N GLU B 717 4.39 -31.32 -22.92
CA GLU B 717 4.79 -32.43 -23.79
C GLU B 717 6.24 -32.26 -24.25
N ASP B 718 6.55 -31.07 -24.79
CA ASP B 718 7.87 -30.82 -25.34
C ASP B 718 8.95 -31.04 -24.31
N THR B 719 8.67 -30.66 -23.07
CA THR B 719 9.67 -30.76 -22.00
C THR B 719 9.95 -32.23 -21.64
N LEU B 720 8.91 -33.06 -21.60
CA LEU B 720 9.13 -34.47 -21.30
C LEU B 720 9.82 -35.13 -22.50
N ILE B 721 9.34 -34.81 -23.69
CA ILE B 721 9.95 -35.36 -24.91
C ILE B 721 11.44 -35.01 -24.97
N GLU B 722 11.77 -33.75 -24.68
CA GLU B 722 13.17 -33.34 -24.72
C GLU B 722 14.02 -34.09 -23.70
N HIS B 723 13.58 -34.09 -22.44
CA HIS B 723 14.45 -34.58 -21.38
C HIS B 723 14.24 -36.03 -21.01
N ALA B 724 13.05 -36.57 -21.29
CA ALA B 724 12.73 -37.93 -20.90
C ALA B 724 12.47 -38.87 -22.09
N HIS B 725 12.42 -38.32 -23.29
CA HIS B 725 12.21 -39.11 -24.51
C HIS B 725 10.88 -39.83 -24.44
N THR B 726 9.93 -39.20 -23.76
CA THR B 726 8.60 -39.75 -23.60
C THR B 726 7.91 -40.00 -24.94
N LYS B 727 7.27 -41.16 -25.05
CA LYS B 727 6.46 -41.52 -26.20
C LYS B 727 5.08 -41.94 -25.70
N PRO B 728 4.09 -41.96 -26.59
CA PRO B 728 2.71 -42.25 -26.15
C PRO B 728 2.51 -43.73 -25.78
N LEU B 729 1.59 -43.97 -24.84
CA LEU B 729 1.13 -45.31 -24.53
C LEU B 729 0.18 -45.79 -25.62
N LEU B 730 -0.03 -47.10 -25.70
CA LEU B 730 -1.09 -47.65 -26.53
C LEU B 730 -2.42 -47.50 -25.81
N PRO B 731 -3.51 -47.33 -26.58
CA PRO B 731 -4.85 -47.22 -25.98
C PRO B 731 -5.20 -48.44 -25.13
N SER B 732 -4.70 -49.61 -25.52
CA SER B 732 -5.03 -50.83 -24.79
C SER B 732 -4.37 -50.82 -23.42
N GLN B 733 -3.36 -49.97 -23.25
CA GLN B 733 -2.65 -49.90 -21.98
C GLN B 733 -3.34 -49.01 -20.97
N LEU B 734 -4.30 -48.22 -21.44
CA LEU B 734 -5.01 -47.30 -20.57
C LEU B 734 -6.12 -48.02 -19.82
N ALA B 735 -5.71 -48.95 -18.96
CA ALA B 735 -6.65 -49.72 -18.17
C ALA B 735 -7.13 -48.92 -16.95
N ALA B 736 -8.39 -49.08 -16.59
CA ALA B 736 -8.86 -48.62 -15.29
C ALA B 736 -9.32 -49.85 -14.52
N TYR B 737 -9.34 -49.76 -13.19
CA TYR B 737 -9.67 -50.92 -12.37
C TYR B 737 -11.19 -51.08 -12.19
N ARG B 738 -11.60 -52.32 -11.95
CA ARG B 738 -13.01 -52.66 -11.79
C ARG B 738 -13.38 -52.88 -10.33
N GLU B 739 -14.66 -52.80 -10.03
CA GLU B 739 -15.12 -53.23 -8.71
C GLU B 739 -15.57 -54.69 -8.76
N VAL B 740 -15.30 -55.40 -7.67
CA VAL B 740 -15.77 -56.76 -7.48
C VAL B 740 -17.30 -56.85 -7.56
N GLN B 741 -17.83 -57.83 -8.29
CA GLN B 741 -19.27 -57.99 -8.44
C GLN B 741 -19.83 -59.01 -7.45
N LEU B 742 -20.58 -58.53 -6.47
CA LEU B 742 -21.10 -59.41 -5.42
C LEU B 742 -22.30 -60.22 -5.89
N PRO B 743 -22.43 -61.46 -5.39
CA PRO B 743 -23.53 -62.34 -5.81
C PRO B 743 -24.86 -61.91 -5.21
N ASP B 744 -25.96 -62.07 -5.95
CA ASP B 744 -27.30 -61.85 -5.42
C ASP B 744 -27.51 -62.61 -4.09
N ARG B 745 -28.01 -61.90 -3.08
CA ARG B 745 -28.28 -62.45 -1.77
C ARG B 745 -27.01 -62.82 -0.99
N GLY B 746 -25.86 -62.41 -1.47
CA GLY B 746 -24.63 -62.72 -0.76
C GLY B 746 -24.42 -61.81 0.43
N TRP B 747 -23.86 -62.36 1.51
CA TRP B 747 -23.37 -61.56 2.63
C TRP B 747 -21.99 -62.05 3.02
N PHE B 748 -21.01 -61.19 2.88
CA PHE B 748 -19.63 -61.49 3.27
C PHE B 748 -19.20 -60.59 4.43
N VAL B 749 -18.41 -61.13 5.35
CA VAL B 749 -17.85 -60.36 6.46
C VAL B 749 -16.36 -60.58 6.56
N TYR B 750 -15.62 -59.48 6.63
CA TYR B 750 -14.19 -59.51 6.90
C TYR B 750 -13.95 -58.89 8.27
N GLN B 751 -13.21 -59.60 9.11
CA GLN B 751 -12.98 -59.18 10.49
C GLN B 751 -11.50 -58.94 10.73
N GLN B 752 -11.19 -57.80 11.31
CA GLN B 752 -9.84 -57.47 11.73
C GLN B 752 -9.91 -56.85 13.12
N ARG B 753 -8.77 -56.64 13.76
CA ARG B 753 -8.74 -55.96 15.04
C ARG B 753 -7.91 -54.68 14.98
N ASN B 754 -8.38 -53.62 15.64
CA ASN B 754 -7.53 -52.44 15.85
C ASN B 754 -6.74 -52.61 17.15
N GLU B 755 -5.42 -52.59 17.06
CA GLU B 755 -4.58 -52.89 18.22
C GLU B 755 -4.33 -51.70 19.12
N VAL B 756 -4.82 -50.52 18.73
CA VAL B 756 -4.50 -49.30 19.46
C VAL B 756 -5.72 -48.71 20.18
N HIS B 757 -6.82 -48.59 19.46
CA HIS B 757 -8.02 -47.99 20.02
C HIS B 757 -8.90 -49.06 20.68
N ASN B 758 -9.54 -48.70 21.79
CA ASN B 758 -10.50 -49.61 22.39
C ASN B 758 -11.92 -49.27 22.01
N ASN B 759 -12.13 -49.02 20.71
CA ASN B 759 -13.46 -48.90 20.15
C ASN B 759 -13.48 -49.78 18.90
N SER B 760 -14.66 -50.25 18.51
CA SER B 760 -14.76 -50.99 17.27
C SER B 760 -15.18 -50.06 16.15
N GLY B 761 -15.05 -50.53 14.92
CA GLY B 761 -15.56 -49.81 13.78
C GLY B 761 -16.24 -50.79 12.85
N ILE B 762 -17.16 -50.28 12.05
CA ILE B 762 -17.82 -51.11 11.06
C ILE B 762 -18.12 -50.29 9.82
N GLU B 763 -18.00 -50.92 8.66
CA GLU B 763 -18.63 -50.34 7.48
C GLU B 763 -19.47 -51.45 6.86
N ILE B 764 -20.73 -51.13 6.54
CA ILE B 764 -21.59 -52.05 5.82
C ILE B 764 -21.86 -51.44 4.45
N TYR B 765 -21.73 -52.24 3.41
CA TYR B 765 -21.87 -51.78 2.04
C TYR B 765 -22.90 -52.66 1.35
N TYR B 766 -23.99 -52.05 0.90
CA TYR B 766 -25.03 -52.70 0.12
C TYR B 766 -24.81 -52.27 -1.31
N GLN B 767 -24.04 -53.07 -2.04
CA GLN B 767 -23.74 -52.75 -3.43
C GLN B 767 -25.01 -52.80 -4.24
N THR B 768 -25.22 -51.81 -5.09
CA THR B 768 -26.42 -51.83 -5.94
C THR B 768 -26.10 -52.25 -7.36
N ASP B 769 -25.66 -51.31 -8.19
CA ASP B 769 -25.32 -51.63 -9.58
C ASP B 769 -24.43 -50.54 -10.15
N MET B 770 -24.06 -50.70 -11.41
CA MET B 770 -23.30 -49.70 -12.12
C MET B 770 -24.00 -48.35 -12.08
N GLN B 771 -23.21 -47.28 -12.04
CA GLN B 771 -23.74 -45.94 -12.11
C GLN B 771 -24.44 -45.66 -13.43
N SER B 772 -25.59 -45.01 -13.34
CA SER B 772 -26.37 -44.58 -14.50
C SER B 772 -27.36 -43.55 -13.95
N THR B 773 -27.95 -42.76 -14.83
CA THR B 773 -28.86 -41.72 -14.37
C THR B 773 -29.89 -42.26 -13.39
N SER B 774 -30.52 -43.37 -13.76
CA SER B 774 -31.58 -43.92 -12.93
C SER B 774 -31.06 -44.52 -11.62
N GLU B 775 -30.04 -45.36 -11.70
CA GLU B 775 -29.50 -46.02 -10.50
C GLU B 775 -28.90 -44.99 -9.54
N ASN B 776 -28.30 -43.95 -10.11
CA ASN B 776 -27.69 -42.89 -9.29
C ASN B 776 -28.76 -42.20 -8.47
N MET B 777 -29.85 -41.82 -9.13
CA MET B 777 -30.88 -41.05 -8.46
C MET B 777 -31.79 -41.87 -7.54
N PHE B 778 -32.02 -43.15 -7.84
CA PHE B 778 -32.69 -44.01 -6.87
C PHE B 778 -31.90 -44.02 -5.57
N LEU B 779 -30.58 -44.19 -5.70
CA LEU B 779 -29.73 -44.34 -4.55
C LEU B 779 -29.61 -43.02 -3.78
N GLU B 780 -29.44 -41.92 -4.50
CA GLU B 780 -29.25 -40.61 -3.84
C GLU B 780 -30.51 -40.16 -3.14
N LEU B 781 -31.67 -40.48 -3.72
CA LEU B 781 -32.93 -40.08 -3.10
C LEU B 781 -33.20 -40.92 -1.85
N PHE B 782 -32.96 -42.22 -1.95
CA PHE B 782 -33.07 -43.07 -0.77
C PHE B 782 -32.13 -42.56 0.32
N ALA B 783 -30.88 -42.28 -0.03
CA ALA B 783 -29.92 -41.76 0.96
C ALA B 783 -30.40 -40.45 1.60
N GLN B 784 -30.93 -39.54 0.79
CA GLN B 784 -31.45 -38.27 1.28
C GLN B 784 -32.52 -38.55 2.33
N ILE B 785 -33.38 -39.51 2.02
CA ILE B 785 -34.53 -39.80 2.87
C ILE B 785 -34.12 -40.35 4.23
N ILE B 786 -33.11 -41.23 4.26
CA ILE B 786 -32.73 -41.90 5.51
C ILE B 786 -31.63 -41.14 6.24
N SER B 787 -31.07 -40.13 5.61
CA SER B 787 -29.84 -39.50 6.14
C SER B 787 -30.01 -39.03 7.60
N GLU B 788 -30.91 -38.09 7.79
CA GLU B 788 -31.14 -37.55 9.12
C GLU B 788 -31.73 -38.62 10.07
N PRO B 789 -32.69 -39.43 9.59
CA PRO B 789 -33.19 -40.50 10.46
C PRO B 789 -32.10 -41.48 10.91
N ALA B 790 -31.12 -41.77 10.06
CA ALA B 790 -30.06 -42.70 10.44
C ALA B 790 -29.28 -42.15 11.62
N PHE B 791 -28.94 -40.88 11.55
CA PHE B 791 -28.17 -40.22 12.60
C PHE B 791 -29.03 -40.12 13.87
N ASN B 792 -30.27 -39.69 13.71
CA ASN B 792 -31.15 -39.51 14.86
C ASN B 792 -31.37 -40.82 15.59
N THR B 793 -31.49 -41.90 14.83
CA THR B 793 -31.80 -43.21 15.40
C THR B 793 -30.56 -43.85 15.99
N LEU B 794 -29.51 -44.01 15.17
CA LEU B 794 -28.34 -44.76 15.58
C LEU B 794 -27.42 -43.99 16.55
N ARG B 795 -27.45 -42.66 16.47
CA ARG B 795 -26.65 -41.88 17.44
C ARG B 795 -27.53 -41.26 18.53
N THR B 796 -28.45 -40.39 18.14
CA THR B 796 -29.18 -39.58 19.14
C THR B 796 -30.03 -40.45 20.07
N LYS B 797 -30.81 -41.36 19.50
CA LYS B 797 -31.59 -42.27 20.32
C LYS B 797 -30.74 -43.41 20.88
N GLU B 798 -30.15 -44.21 20.01
CA GLU B 798 -29.48 -45.43 20.47
C GLU B 798 -28.07 -45.19 20.97
N GLN B 799 -27.50 -44.03 20.66
CA GLN B 799 -26.16 -43.66 21.13
C GLN B 799 -25.12 -44.78 20.90
N LEU B 800 -25.04 -45.29 19.67
CA LEU B 800 -24.06 -46.34 19.41
C LEU B 800 -22.64 -45.74 19.37
N GLY B 801 -22.53 -44.49 18.96
CA GLY B 801 -21.24 -43.82 18.96
C GLY B 801 -21.34 -42.38 18.48
N TYR B 802 -20.25 -41.63 18.61
CA TYR B 802 -20.16 -40.28 18.09
C TYR B 802 -20.13 -40.29 16.55
N ILE B 803 -19.41 -41.25 15.97
CA ILE B 803 -19.35 -41.36 14.53
C ILE B 803 -20.44 -42.29 14.02
N VAL B 804 -21.40 -41.71 13.30
CA VAL B 804 -22.46 -42.45 12.63
C VAL B 804 -22.68 -41.78 11.28
N PHE B 805 -22.49 -42.53 10.20
CA PHE B 805 -22.57 -41.96 8.87
C PHE B 805 -23.32 -42.93 7.96
N SER B 806 -24.13 -42.39 7.06
CA SER B 806 -24.71 -43.19 5.98
C SER B 806 -24.63 -42.37 4.70
N GLY B 807 -24.65 -43.04 3.55
CA GLY B 807 -24.72 -42.31 2.31
C GLY B 807 -24.30 -43.15 1.12
N PRO B 808 -24.34 -42.56 -0.08
CA PRO B 808 -23.84 -43.30 -1.25
C PRO B 808 -22.32 -43.60 -1.17
N ARG B 809 -21.92 -44.77 -1.67
CA ARG B 809 -20.51 -45.07 -1.92
C ARG B 809 -20.35 -45.23 -3.44
N ARG B 810 -19.39 -44.53 -4.01
CA ARG B 810 -19.11 -44.61 -5.45
C ARG B 810 -17.64 -44.98 -5.65
N ALA B 811 -17.39 -46.00 -6.45
CA ALA B 811 -16.03 -46.42 -6.76
C ALA B 811 -16.00 -47.17 -8.08
N ASN B 812 -15.05 -46.82 -8.95
CA ASN B 812 -14.79 -47.62 -10.16
C ASN B 812 -16.02 -47.80 -11.03
N GLY B 813 -16.89 -46.81 -11.02
CA GLY B 813 -18.11 -46.80 -11.80
C GLY B 813 -19.30 -47.54 -11.18
N ILE B 814 -19.05 -48.20 -10.04
CA ILE B 814 -20.09 -48.95 -9.34
C ILE B 814 -20.52 -48.16 -8.09
N GLN B 815 -21.62 -48.56 -7.46
CA GLN B 815 -22.12 -47.82 -6.29
C GLN B 815 -22.98 -48.66 -5.38
N GLY B 816 -23.34 -48.08 -4.25
CA GLY B 816 -24.20 -48.74 -3.28
C GLY B 816 -24.40 -47.84 -2.07
N LEU B 817 -25.07 -48.37 -1.06
CA LEU B 817 -25.34 -47.62 0.15
C LEU B 817 -24.39 -48.09 1.24
N ARG B 818 -23.81 -47.16 1.99
CA ARG B 818 -22.89 -47.53 3.06
C ARG B 818 -23.29 -46.91 4.41
N PHE B 819 -22.97 -47.61 5.48
CA PHE B 819 -23.08 -47.09 6.84
C PHE B 819 -21.72 -47.27 7.44
N ILE B 820 -21.28 -46.30 8.24
CA ILE B 820 -20.04 -46.41 8.99
C ILE B 820 -20.32 -45.98 10.42
N ILE B 821 -19.93 -46.81 11.38
CA ILE B 821 -20.14 -46.51 12.79
C ILE B 821 -18.87 -46.86 13.54
N GLN B 822 -18.54 -46.02 14.53
CA GLN B 822 -17.49 -46.34 15.48
C GLN B 822 -18.11 -46.33 16.87
N SER B 823 -17.80 -47.33 17.68
CA SER B 823 -18.62 -47.64 18.85
C SER B 823 -17.87 -48.46 19.88
N GLU B 824 -18.33 -48.38 21.13
CA GLU B 824 -17.85 -49.29 22.16
C GLU B 824 -18.49 -50.67 22.00
N LYS B 825 -19.60 -50.75 21.27
CA LYS B 825 -20.31 -52.02 21.09
C LYS B 825 -19.62 -52.90 20.02
N PRO B 826 -19.79 -54.23 20.11
CA PRO B 826 -19.25 -55.18 19.11
C PRO B 826 -19.89 -54.99 17.74
N PRO B 827 -19.10 -55.16 16.67
CA PRO B 827 -19.68 -54.93 15.33
C PRO B 827 -20.94 -55.77 15.04
N HIS B 828 -21.05 -56.99 15.57
CA HIS B 828 -22.23 -57.80 15.28
C HIS B 828 -23.50 -57.18 15.88
N TYR B 829 -23.34 -56.47 17.01
CA TYR B 829 -24.46 -55.74 17.58
C TYR B 829 -24.82 -54.58 16.66
N LEU B 830 -23.80 -53.84 16.22
CA LEU B 830 -24.03 -52.71 15.31
C LEU B 830 -24.78 -53.13 14.04
N GLU B 831 -24.41 -54.29 13.48
CA GLU B 831 -25.12 -54.86 12.32
C GLU B 831 -26.61 -55.01 12.57
N SER B 832 -26.97 -55.59 13.73
CA SER B 832 -28.38 -55.83 14.01
C SER B 832 -29.10 -54.48 14.10
N ARG B 833 -28.46 -53.49 14.71
CA ARG B 833 -29.11 -52.18 14.86
C ARG B 833 -29.32 -51.44 13.53
N VAL B 834 -28.32 -51.49 12.64
CA VAL B 834 -28.50 -50.95 11.30
C VAL B 834 -29.61 -51.68 10.57
N GLU B 835 -29.65 -53.01 10.68
CA GLU B 835 -30.73 -53.75 10.04
C GLU B 835 -32.10 -53.39 10.63
N ALA B 836 -32.16 -53.18 11.95
CA ALA B 836 -33.41 -52.78 12.57
C ALA B 836 -33.83 -51.42 12.03
N PHE B 837 -32.85 -50.55 11.80
CA PHE B 837 -33.14 -49.20 11.30
C PHE B 837 -33.72 -49.24 9.89
N LEU B 838 -33.16 -50.09 9.04
CA LEU B 838 -33.65 -50.22 7.66
C LEU B 838 -35.15 -50.56 7.61
N ILE B 839 -35.57 -51.47 8.47
CA ILE B 839 -36.99 -51.83 8.57
C ILE B 839 -37.85 -50.64 9.01
N THR B 840 -37.42 -49.95 10.07
CA THR B 840 -38.06 -48.69 10.47
C THR B 840 -38.20 -47.69 9.33
N MET B 841 -37.13 -47.53 8.54
CA MET B 841 -37.18 -46.64 7.37
C MET B 841 -38.18 -47.12 6.32
N GLU B 842 -38.24 -48.43 6.10
CA GLU B 842 -39.21 -48.95 5.14
C GLU B 842 -40.62 -48.50 5.53
N LYS B 843 -40.97 -48.72 6.81
CA LYS B 843 -42.28 -48.33 7.30
C LYS B 843 -42.47 -46.82 7.25
N SER B 844 -41.40 -46.09 7.57
CA SER B 844 -41.48 -44.64 7.58
C SER B 844 -41.77 -44.12 6.17
N ILE B 845 -41.14 -44.73 5.19
CA ILE B 845 -41.34 -44.33 3.80
C ILE B 845 -42.75 -44.67 3.32
N GLU B 846 -43.26 -45.82 3.77
CA GLU B 846 -44.63 -46.20 3.43
C GLU B 846 -45.67 -45.22 3.99
N ASP B 847 -45.41 -44.72 5.19
CA ASP B 847 -46.35 -43.82 5.88
C ASP B 847 -46.19 -42.35 5.49
N MET B 848 -45.05 -41.97 4.92
CA MET B 848 -44.79 -40.55 4.71
C MET B 848 -45.71 -39.97 3.64
N THR B 849 -46.13 -38.73 3.85
CA THR B 849 -47.03 -38.05 2.93
C THR B 849 -46.33 -37.69 1.63
N GLU B 850 -47.11 -37.57 0.56
CA GLU B 850 -46.58 -37.13 -0.72
C GLU B 850 -45.87 -35.79 -0.55
N GLU B 851 -46.42 -34.97 0.31
CA GLU B 851 -45.82 -33.69 0.63
C GLU B 851 -44.41 -33.85 1.21
N ALA B 852 -44.27 -34.74 2.20
CA ALA B 852 -42.97 -34.98 2.81
C ALA B 852 -41.99 -35.51 1.77
N PHE B 853 -42.45 -36.47 0.98
CA PHE B 853 -41.63 -37.09 -0.06
C PHE B 853 -41.08 -36.07 -1.07
N GLN B 854 -41.92 -35.14 -1.50
CA GLN B 854 -41.53 -34.13 -2.47
C GLN B 854 -40.55 -33.14 -1.84
N LYS B 855 -40.67 -32.92 -0.54
CA LYS B 855 -39.68 -32.11 0.17
C LYS B 855 -38.28 -32.72 0.02
N HIS B 856 -38.19 -34.04 0.15
CA HIS B 856 -36.91 -34.71 0.02
C HIS B 856 -36.35 -34.61 -1.41
N ILE B 857 -37.23 -34.75 -2.39
CA ILE B 857 -36.83 -34.55 -3.78
C ILE B 857 -36.29 -33.13 -3.99
N GLN B 858 -37.00 -32.14 -3.45
CA GLN B 858 -36.58 -30.77 -3.63
C GLN B 858 -35.26 -30.51 -2.90
N ALA B 859 -35.09 -31.09 -1.72
CA ALA B 859 -33.86 -30.92 -0.95
C ALA B 859 -32.67 -31.48 -1.72
N LEU B 860 -32.80 -32.69 -2.23
CA LEU B 860 -31.74 -33.28 -3.04
C LEU B 860 -31.46 -32.42 -4.28
N ALA B 861 -32.54 -31.95 -4.92
CA ALA B 861 -32.41 -31.07 -6.08
C ALA B 861 -31.56 -29.83 -5.79
N ILE B 862 -31.87 -29.15 -4.69
CA ILE B 862 -31.11 -27.97 -4.28
C ILE B 862 -29.64 -28.32 -4.02
N ARG B 863 -29.39 -29.41 -3.30
CA ARG B 863 -28.01 -29.83 -3.06
C ARG B 863 -27.24 -30.07 -4.34
N ARG B 864 -27.88 -30.74 -5.32
CA ARG B 864 -27.21 -31.07 -6.57
C ARG B 864 -26.98 -29.86 -7.47
N LEU B 865 -27.91 -28.90 -7.43
CA LEU B 865 -27.82 -27.73 -8.32
C LEU B 865 -27.07 -26.56 -7.67
N ASP B 866 -26.66 -26.73 -6.41
CA ASP B 866 -25.96 -25.66 -5.70
C ASP B 866 -24.75 -25.20 -6.52
N LYS B 867 -24.75 -23.92 -6.90
CA LYS B 867 -23.72 -23.38 -7.80
C LYS B 867 -22.36 -23.23 -7.10
N PRO B 868 -21.29 -23.65 -7.76
CA PRO B 868 -19.92 -23.37 -7.30
C PRO B 868 -19.72 -21.87 -7.02
N LYS B 869 -19.11 -21.51 -5.88
CA LYS B 869 -18.88 -20.09 -5.59
C LYS B 869 -17.50 -19.64 -6.04
N LYS B 870 -16.62 -20.61 -6.31
CA LYS B 870 -15.25 -20.30 -6.72
C LYS B 870 -14.74 -21.25 -7.80
N LEU B 871 -13.71 -20.80 -8.50
CA LEU B 871 -13.18 -21.52 -9.64
C LEU B 871 -12.89 -22.97 -9.30
N SER B 872 -12.16 -23.21 -8.22
CA SER B 872 -11.69 -24.56 -7.92
C SER B 872 -12.84 -25.53 -7.59
N ALA B 873 -13.96 -25.00 -7.13
CA ALA B 873 -15.13 -25.85 -6.90
C ALA B 873 -15.69 -26.32 -8.26
N GLU B 874 -15.71 -25.41 -9.23
CA GLU B 874 -16.19 -25.74 -10.56
C GLU B 874 -15.21 -26.70 -11.27
N SER B 875 -13.91 -26.41 -11.17
CA SER B 875 -12.89 -27.29 -11.74
C SER B 875 -12.99 -28.72 -11.19
N ALA B 876 -13.19 -28.82 -9.88
CA ALA B 876 -13.31 -30.11 -9.24
C ALA B 876 -14.47 -30.94 -9.78
N LYS B 877 -15.60 -30.29 -10.09
CA LYS B 877 -16.72 -30.99 -10.72
C LYS B 877 -16.31 -31.54 -12.07
N TYR B 878 -15.72 -30.68 -12.91
CA TYR B 878 -15.24 -31.11 -14.22
C TYR B 878 -14.18 -32.21 -14.09
N TRP B 879 -13.24 -32.01 -13.19
CA TRP B 879 -12.20 -33.00 -12.94
C TRP B 879 -12.74 -34.38 -12.55
N GLY B 880 -13.81 -34.40 -11.73
CA GLY B 880 -14.48 -35.63 -11.38
C GLY B 880 -15.00 -36.37 -12.61
N GLU B 881 -15.63 -35.63 -13.52
CA GLU B 881 -16.15 -36.21 -14.77
C GLU B 881 -15.00 -36.77 -15.61
N ILE B 882 -13.88 -36.08 -15.60
CA ILE B 882 -12.72 -36.48 -16.40
C ILE B 882 -11.96 -37.71 -15.87
N ILE B 883 -11.59 -37.71 -14.59
CA ILE B 883 -10.86 -38.86 -14.06
C ILE B 883 -11.73 -40.11 -13.92
N SER B 884 -13.05 -39.95 -13.78
CA SER B 884 -13.94 -41.09 -13.73
C SER B 884 -14.19 -41.59 -15.16
N GLN B 885 -13.80 -40.77 -16.13
CA GLN B 885 -14.02 -41.05 -17.54
C GLN B 885 -15.49 -41.20 -17.90
N GLN B 886 -16.34 -40.46 -17.21
CA GLN B 886 -17.75 -40.42 -17.55
C GLN B 886 -18.06 -39.15 -18.37
N TYR B 887 -17.24 -38.12 -18.18
CA TYR B 887 -17.35 -36.91 -18.99
C TYR B 887 -18.76 -36.34 -19.13
N ASN B 888 -19.56 -36.41 -18.07
CA ASN B 888 -20.96 -35.93 -18.13
C ASN B 888 -21.06 -34.53 -17.50
N PHE B 889 -20.63 -33.50 -18.21
CA PHE B 889 -20.53 -32.16 -17.63
C PHE B 889 -21.87 -31.52 -17.29
N ASP B 890 -22.95 -31.97 -17.94
CA ASP B 890 -24.29 -31.43 -17.71
C ASP B 890 -25.07 -32.36 -16.79
N ARG B 891 -24.35 -33.24 -16.10
CA ARG B 891 -24.96 -34.25 -15.24
C ARG B 891 -26.05 -33.72 -14.29
N ASP B 892 -25.72 -32.67 -13.54
CA ASP B 892 -26.62 -32.14 -12.52
C ASP B 892 -28.02 -31.82 -13.07
N ASN B 893 -28.06 -31.11 -14.19
CA ASN B 893 -29.33 -30.78 -14.82
C ASN B 893 -30.10 -32.03 -15.24
N THR B 894 -29.39 -32.93 -15.89
CA THR B 894 -29.99 -34.17 -16.38
C THR B 894 -30.50 -35.03 -15.25
N GLU B 895 -29.67 -35.20 -14.23
CA GLU B 895 -30.00 -36.11 -13.14
C GLU B 895 -31.11 -35.56 -12.23
N VAL B 896 -31.12 -34.25 -12.03
CA VAL B 896 -32.19 -33.62 -11.26
C VAL B 896 -33.52 -33.64 -12.02
N ALA B 897 -33.47 -33.46 -13.33
CA ALA B 897 -34.71 -33.53 -14.13
C ALA B 897 -35.32 -34.92 -13.98
N TYR B 898 -34.48 -35.95 -14.07
CA TYR B 898 -34.94 -37.32 -13.85
C TYR B 898 -35.43 -37.57 -12.42
N LEU B 899 -34.64 -37.11 -11.45
CA LEU B 899 -35.00 -37.18 -10.04
C LEU B 899 -36.45 -36.71 -9.79
N LYS B 900 -36.83 -35.59 -10.40
CA LYS B 900 -38.13 -35.01 -10.15
C LYS B 900 -39.30 -35.90 -10.62
N THR B 901 -38.99 -36.88 -11.46
CA THR B 901 -40.05 -37.77 -11.93
C THR B 901 -40.23 -39.00 -11.05
N LEU B 902 -39.36 -39.17 -10.05
CA LEU B 902 -39.44 -40.37 -9.21
C LEU B 902 -40.62 -40.30 -8.25
N THR B 903 -41.24 -41.45 -8.01
CA THR B 903 -42.36 -41.54 -7.10
C THR B 903 -41.96 -42.32 -5.86
N LYS B 904 -42.78 -42.23 -4.82
CA LYS B 904 -42.56 -42.97 -3.60
C LYS B 904 -42.55 -44.47 -3.86
N ALA B 905 -43.42 -44.91 -4.76
CA ALA B 905 -43.51 -46.32 -5.14
C ALA B 905 -42.23 -46.80 -5.82
N ASP B 906 -41.63 -45.94 -6.64
CA ASP B 906 -40.34 -46.26 -7.25
C ASP B 906 -39.29 -46.57 -6.18
N ILE B 907 -39.22 -45.71 -5.16
CA ILE B 907 -38.23 -45.84 -4.11
C ILE B 907 -38.45 -47.08 -3.28
N ILE B 908 -39.71 -47.35 -2.96
CA ILE B 908 -40.06 -48.57 -2.24
C ILE B 908 -39.65 -49.82 -3.02
N LYS B 909 -39.91 -49.82 -4.31
CA LYS B 909 -39.56 -50.97 -5.14
C LYS B 909 -38.05 -51.15 -5.17
N PHE B 910 -37.33 -50.04 -5.29
CA PHE B 910 -35.87 -50.06 -5.31
C PHE B 910 -35.37 -50.69 -4.01
N TYR B 911 -35.93 -50.24 -2.88
CA TYR B 911 -35.56 -50.77 -1.57
C TYR B 911 -35.83 -52.27 -1.47
N LYS B 912 -37.00 -52.68 -1.93
CA LYS B 912 -37.41 -54.09 -1.87
C LYS B 912 -36.58 -54.99 -2.78
N GLU B 913 -36.14 -54.44 -3.91
CA GLU B 913 -35.35 -55.21 -4.84
C GLU B 913 -33.85 -55.30 -4.47
N MET B 914 -33.30 -54.20 -3.93
CA MET B 914 -31.85 -54.10 -3.75
C MET B 914 -31.34 -54.08 -2.32
N LEU B 915 -32.17 -53.61 -1.38
CA LEU B 915 -31.66 -53.27 -0.05
C LEU B 915 -32.27 -54.05 1.11
N ALA B 916 -33.56 -54.36 1.03
CA ALA B 916 -34.25 -55.03 2.13
C ALA B 916 -33.55 -56.34 2.48
N VAL B 917 -33.73 -56.80 3.71
CA VAL B 917 -33.08 -58.02 4.16
C VAL B 917 -33.43 -59.24 3.30
N ASP B 918 -34.66 -59.28 2.74
CA ASP B 918 -35.07 -60.38 1.88
C ASP B 918 -35.04 -60.02 0.40
N ALA B 919 -34.32 -58.96 0.06
CA ALA B 919 -34.24 -58.51 -1.32
C ALA B 919 -33.58 -59.55 -2.22
N PRO B 920 -34.15 -59.79 -3.41
CA PRO B 920 -33.61 -60.75 -4.37
C PRO B 920 -32.20 -60.38 -4.84
N ARG B 921 -31.91 -59.08 -4.92
CA ARG B 921 -30.62 -58.61 -5.42
C ARG B 921 -29.74 -57.94 -4.36
N ARG B 922 -29.98 -58.24 -3.08
CA ARG B 922 -29.13 -57.72 -2.02
C ARG B 922 -27.70 -58.19 -2.20
N HIS B 923 -26.74 -57.27 -2.04
CA HIS B 923 -25.33 -57.57 -2.16
C HIS B 923 -24.59 -56.91 -1.02
N LYS B 924 -24.32 -57.66 0.03
CA LYS B 924 -23.87 -57.07 1.27
C LYS B 924 -22.46 -57.51 1.61
N VAL B 925 -21.62 -56.55 1.95
CA VAL B 925 -20.31 -56.87 2.48
C VAL B 925 -20.07 -56.00 3.71
N SER B 926 -19.60 -56.62 4.78
CA SER B 926 -19.39 -55.92 6.05
C SER B 926 -17.95 -56.06 6.47
N VAL B 927 -17.37 -54.95 6.91
CA VAL B 927 -16.06 -54.99 7.50
C VAL B 927 -16.20 -54.68 8.99
N HIS B 928 -15.71 -55.59 9.81
CA HIS B 928 -15.81 -55.50 11.27
C HIS B 928 -14.41 -55.31 11.83
N VAL B 929 -14.19 -54.20 12.51
CA VAL B 929 -12.93 -53.91 13.14
C VAL B 929 -13.13 -53.93 14.63
N LEU B 930 -12.55 -54.94 15.27
CA LEU B 930 -12.76 -55.14 16.69
C LEU B 930 -11.91 -54.15 17.47
N ALA B 931 -12.43 -53.74 18.62
CA ALA B 931 -11.67 -52.96 19.58
C ALA B 931 -10.48 -53.76 20.10
N ARG B 932 -9.45 -53.04 20.53
CA ARG B 932 -8.23 -53.63 21.07
C ARG B 932 -8.49 -54.76 22.08
N GLU B 933 -9.39 -54.51 23.02
CA GLU B 933 -9.63 -55.43 24.14
C GLU B 933 -10.76 -56.39 23.84
N MET B 934 -11.43 -56.20 22.71
CA MET B 934 -12.66 -56.93 22.38
C MET B 934 -12.43 -58.43 22.17
N LEU B 951 -36.28 -50.19 21.91
CA LEU B 951 -35.51 -50.64 20.76
C LEU B 951 -36.34 -51.41 19.74
N SER B 952 -36.35 -50.93 18.50
CA SER B 952 -37.01 -51.64 17.43
C SER B 952 -36.41 -53.04 17.27
N GLN B 953 -37.18 -53.90 16.62
CA GLN B 953 -36.79 -55.28 16.45
C GLN B 953 -35.86 -55.43 15.27
N ALA B 954 -34.70 -56.03 15.50
CA ALA B 954 -33.80 -56.39 14.39
C ALA B 954 -34.29 -57.67 13.74
N PRO B 955 -34.14 -57.78 12.41
CA PRO B 955 -34.52 -59.02 11.72
C PRO B 955 -33.49 -60.13 11.95
N ALA B 956 -33.90 -61.37 11.70
CA ALA B 956 -32.96 -62.48 11.66
C ALA B 956 -32.08 -62.34 10.41
N LEU B 957 -30.78 -62.58 10.59
CA LEU B 957 -29.83 -62.43 9.49
C LEU B 957 -29.29 -63.79 9.08
N PRO B 958 -28.96 -63.95 7.78
CA PRO B 958 -28.36 -65.21 7.36
C PRO B 958 -26.97 -65.36 7.95
N GLN B 959 -26.41 -66.55 7.85
CA GLN B 959 -25.02 -66.76 8.19
C GLN B 959 -24.18 -66.13 7.10
N PRO B 960 -23.18 -65.33 7.48
CA PRO B 960 -22.30 -64.73 6.45
C PRO B 960 -21.23 -65.70 6.01
N GLU B 961 -20.67 -65.47 4.83
CA GLU B 961 -19.43 -66.12 4.48
C GLU B 961 -18.32 -65.23 5.00
N VAL B 962 -17.46 -65.81 5.83
CA VAL B 962 -16.36 -65.07 6.44
C VAL B 962 -15.17 -65.10 5.51
N ILE B 963 -14.70 -63.91 5.13
CA ILE B 963 -13.55 -63.78 4.26
C ILE B 963 -12.28 -64.05 5.05
N GLN B 964 -11.52 -65.03 4.61
CA GLN B 964 -10.30 -65.40 5.32
C GLN B 964 -9.08 -64.78 4.64
N ASN B 965 -9.22 -64.48 3.35
CA ASN B 965 -8.10 -64.05 2.55
C ASN B 965 -8.64 -63.18 1.42
N MET B 966 -8.15 -61.95 1.34
CA MET B 966 -8.70 -60.99 0.40
C MET B 966 -8.47 -61.36 -1.05
N THR B 967 -7.30 -61.91 -1.34
CA THR B 967 -6.97 -62.32 -2.68
C THR B 967 -7.91 -63.42 -3.12
N ALA B 968 -8.08 -64.41 -2.25
CA ALA B 968 -9.02 -65.51 -2.52
C ALA B 968 -10.44 -65.02 -2.73
N PHE B 969 -10.87 -64.07 -1.92
CA PHE B 969 -12.19 -63.47 -2.05
C PHE B 969 -12.38 -62.86 -3.45
N LYS B 970 -11.44 -62.02 -3.87
CA LYS B 970 -11.58 -61.37 -5.17
C LYS B 970 -11.48 -62.36 -6.32
N ARG B 971 -10.55 -63.30 -6.25
CA ARG B 971 -10.41 -64.34 -7.27
C ARG B 971 -11.71 -65.09 -7.52
N GLY B 972 -12.46 -65.36 -6.45
CA GLY B 972 -13.68 -66.14 -6.53
C GLY B 972 -14.93 -65.41 -6.99
N LEU B 973 -14.82 -64.12 -7.24
CA LEU B 973 -15.97 -63.36 -7.74
C LEU B 973 -15.72 -62.78 -9.12
N PRO B 974 -16.79 -62.50 -9.88
CA PRO B 974 -16.69 -61.77 -11.15
C PRO B 974 -16.31 -60.30 -10.87
N LEU B 975 -15.88 -59.59 -11.91
CA LEU B 975 -15.62 -58.15 -11.83
C LEU B 975 -16.60 -57.43 -12.75
N PHE B 976 -17.15 -56.31 -12.28
CA PHE B 976 -18.04 -55.50 -13.11
C PHE B 976 -17.32 -55.02 -14.36
N PRO B 977 -18.10 -54.66 -15.40
CA PRO B 977 -17.58 -53.87 -16.51
C PRO B 977 -17.22 -52.48 -16.02
N LEU B 978 -16.53 -51.72 -16.87
CA LEU B 978 -16.24 -50.31 -16.65
C LEU B 978 -17.35 -49.48 -17.30
N VAL B 979 -17.71 -48.36 -16.67
CA VAL B 979 -18.81 -47.52 -17.17
C VAL B 979 -18.44 -46.91 -18.53
N LYS B 980 -19.42 -46.72 -19.40
CA LYS B 980 -19.14 -46.07 -20.69
C LYS B 980 -19.14 -44.54 -20.54
N PRO B 981 -18.25 -43.86 -21.28
CA PRO B 981 -18.19 -42.40 -21.34
C PRO B 981 -19.48 -41.80 -21.88
N HIS B 982 -19.84 -40.61 -21.41
CA HIS B 982 -21.07 -39.96 -21.83
C HIS B 982 -21.01 -39.50 -23.28
N ALA C 1 6.96 -23.20 7.54
CA ALA C 1 5.65 -22.56 7.43
C ALA C 1 5.29 -21.79 8.71
N PRO C 2 4.48 -20.71 8.60
CA PRO C 2 3.91 -20.08 9.80
C PRO C 2 2.69 -20.87 10.25
N PRO C 3 2.35 -20.86 11.56
CA PRO C 3 1.24 -21.72 11.99
C PRO C 3 -0.04 -21.08 11.49
N ALA C 4 -1.02 -21.89 11.11
CA ALA C 4 -2.27 -21.37 10.54
N ALA D 1 22.08 44.94 -9.61
CA ALA D 1 22.21 43.88 -8.62
C ALA D 1 23.30 42.88 -9.04
N PRO D 2 23.95 42.21 -8.06
CA PRO D 2 24.79 41.02 -8.34
C PRO D 2 23.94 39.78 -8.62
N PRO D 3 24.42 38.81 -9.43
CA PRO D 3 23.55 37.68 -9.77
C PRO D 3 23.36 36.76 -8.58
ZN ZN E . 12.30 16.66 -15.14
C ACT F . 25.66 4.20 -25.74
O ACT F . 25.06 3.88 -26.73
OXT ACT F . 25.89 5.55 -25.43
CH3 ACT F . 26.13 3.14 -24.73
C ACT G . 17.80 41.78 -16.95
O ACT G . 16.84 41.23 -16.52
OXT ACT G . 18.42 42.83 -16.22
CH3 ACT G . 18.55 41.15 -18.14
C1 DIO H . -8.44 32.21 4.81
C2 DIO H . -7.76 30.74 3.07
C1' DIO H . -7.19 31.81 5.64
C2' DIO H . -6.49 30.34 3.88
O1 DIO H . -8.14 32.13 3.38
O1' DIO H . -6.81 30.44 5.30
C1 DIO I . 22.82 33.96 -25.59
C2 DIO I . 24.55 33.96 -27.22
C1' DIO I . 23.81 34.42 -24.55
C2' DIO I . 25.54 34.41 -26.15
O1 DIO I . 23.53 33.15 -26.56
O1' DIO I . 24.83 35.23 -25.16
ZN ZN J . -18.70 -32.41 20.77
C ACT K . -2.70 -11.39 8.66
O ACT K . -3.30 -12.08 9.43
OXT ACT K . -3.02 -10.02 8.54
CH3 ACT K . -1.65 -12.01 7.72
C ACT L . -5.02 -57.56 -1.92
O ACT L . -3.82 -57.46 -2.09
OXT ACT L . -5.85 -56.41 -1.95
CH3 ACT L . -5.65 -58.95 -2.14
C1 DIO M . 3.84 -30.50 24.74
C2 DIO M . 5.26 -28.79 25.53
C1' DIO M . 3.31 -30.69 26.13
C2' DIO M . 4.72 -29.01 26.93
O1 DIO M . 4.24 -29.12 24.59
O1' DIO M . 4.33 -30.39 27.10
C1 DIO N . -19.10 -40.00 -8.96
C2 DIO N . -18.79 -39.52 -11.25
C1' DIO N . -19.47 -38.53 -8.69
C2' DIO N . -19.15 -38.05 -11.02
O1 DIO N . -18.16 -40.09 -10.07
O1' DIO N . -20.09 -37.98 -9.90
C1 DIO O . -4.57 -57.84 6.13
C2 DIO O . -4.52 -55.72 5.11
C1' DIO O . -3.53 -57.38 7.14
C2' DIO O . -3.48 -55.24 6.13
O1 DIO O . -4.38 -57.14 4.89
O1' DIO O . -3.68 -55.96 7.37
#